data_2DIS
#
_entry.id   2DIS
#
_entity_poly.entity_id   1
_entity_poly.type   'polypeptide(L)'
_entity_poly.pdbx_seq_one_letter_code
;GSSGSSGNCRLFIGGIPKMKKREEILEEIAKVTEGVLDVIVYASAADKMKNRGFAFVEYESHRAAAMARRKLMPGRIQLW
GHQIAVDWAEPEIDVDEDVMETVSGPSSG
;
_entity_poly.pdbx_strand_id   A
#
# COMPACT_ATOMS: atom_id res chain seq x y z
N GLY A 1 -3.77 16.20 -18.76
CA GLY A 1 -3.77 14.99 -17.96
C GLY A 1 -3.15 15.21 -16.58
N SER A 2 -3.63 16.23 -15.88
CA SER A 2 -3.12 16.54 -14.55
C SER A 2 -3.08 15.29 -13.68
N SER A 3 -2.20 15.31 -12.68
CA SER A 3 -2.06 14.17 -11.77
C SER A 3 -3.15 14.19 -10.71
N GLY A 4 -3.51 13.01 -10.22
CA GLY A 4 -4.54 12.91 -9.20
C GLY A 4 -4.97 11.48 -8.96
N SER A 5 -5.68 10.90 -9.93
CA SER A 5 -6.16 9.53 -9.81
C SER A 5 -6.66 9.24 -8.40
N SER A 6 -7.38 10.20 -7.82
CA SER A 6 -7.90 10.06 -6.47
C SER A 6 -8.87 8.87 -6.39
N GLY A 7 -8.52 7.89 -5.56
CA GLY A 7 -9.35 6.72 -5.40
C GLY A 7 -8.89 5.81 -4.29
N ASN A 8 -8.65 4.55 -4.61
CA ASN A 8 -8.19 3.58 -3.62
C ASN A 8 -6.96 4.09 -2.89
N CYS A 9 -6.54 3.36 -1.86
CA CYS A 9 -5.37 3.74 -1.07
C CYS A 9 -4.36 2.59 -1.01
N ARG A 10 -3.11 2.89 -1.34
CA ARG A 10 -2.05 1.89 -1.32
C ARG A 10 -0.83 2.41 -0.59
N LEU A 11 -0.23 1.55 0.23
CA LEU A 11 0.96 1.92 0.99
C LEU A 11 2.23 1.45 0.29
N PHE A 12 3.24 2.32 0.26
CA PHE A 12 4.51 1.99 -0.38
C PHE A 12 5.43 1.25 0.57
N ILE A 13 5.51 -0.07 0.41
CA ILE A 13 6.36 -0.90 1.26
C ILE A 13 7.67 -1.25 0.56
N GLY A 14 8.75 -0.63 1.00
CA GLY A 14 10.04 -0.90 0.41
C GLY A 14 11.04 -1.47 1.40
N GLY A 15 11.92 -2.35 0.93
CA GLY A 15 12.91 -2.95 1.81
C GLY A 15 12.54 -4.36 2.20
N ILE A 16 12.26 -5.21 1.21
CA ILE A 16 11.88 -6.59 1.47
C ILE A 16 12.57 -7.54 0.50
N PRO A 17 12.83 -8.78 0.96
CA PRO A 17 13.48 -9.80 0.14
C PRO A 17 12.59 -10.30 -1.00
N LYS A 18 13.19 -10.50 -2.17
CA LYS A 18 12.45 -10.98 -3.33
C LYS A 18 11.96 -12.40 -3.12
N MET A 19 12.70 -13.18 -2.34
CA MET A 19 12.33 -14.56 -2.05
C MET A 19 10.86 -14.66 -1.67
N LYS A 20 10.28 -13.55 -1.23
CA LYS A 20 8.88 -13.52 -0.84
C LYS A 20 8.00 -13.10 -2.02
N LYS A 21 6.74 -13.52 -1.98
CA LYS A 21 5.79 -13.18 -3.03
C LYS A 21 4.57 -12.44 -2.47
N ARG A 22 3.94 -11.63 -3.30
CA ARG A 22 2.76 -10.87 -2.88
C ARG A 22 1.93 -11.67 -1.89
N GLU A 23 1.90 -12.99 -2.07
CA GLU A 23 1.14 -13.86 -1.20
C GLU A 23 1.64 -13.77 0.25
N GLU A 24 2.95 -13.87 0.41
CA GLU A 24 3.55 -13.80 1.74
C GLU A 24 3.47 -12.38 2.30
N ILE A 25 3.88 -11.41 1.50
CA ILE A 25 3.84 -10.01 1.91
C ILE A 25 2.51 -9.66 2.54
N LEU A 26 1.43 -9.89 1.80
CA LEU A 26 0.08 -9.60 2.29
C LEU A 26 -0.08 -10.05 3.74
N GLU A 27 0.20 -11.33 3.99
CA GLU A 27 0.08 -11.89 5.33
C GLU A 27 0.91 -11.07 6.33
N GLU A 28 2.22 -11.07 6.13
CA GLU A 28 3.12 -10.33 7.02
C GLU A 28 2.59 -8.93 7.28
N ILE A 29 1.73 -8.44 6.38
CA ILE A 29 1.16 -7.11 6.51
C ILE A 29 -0.16 -7.15 7.27
N ALA A 30 -0.96 -8.18 7.00
CA ALA A 30 -2.24 -8.35 7.65
C ALA A 30 -2.09 -8.37 9.17
N LYS A 31 -0.85 -8.51 9.63
CA LYS A 31 -0.56 -8.53 11.06
C LYS A 31 0.00 -7.20 11.54
N VAL A 32 1.01 -6.70 10.82
CA VAL A 32 1.64 -5.43 11.17
C VAL A 32 0.66 -4.27 11.01
N THR A 33 -0.28 -4.42 10.07
CA THR A 33 -1.27 -3.39 9.81
C THR A 33 -2.65 -4.00 9.55
N GLU A 34 -3.62 -3.63 10.37
CA GLU A 34 -4.98 -4.14 10.23
C GLU A 34 -5.81 -3.22 9.33
N GLY A 35 -6.44 -3.81 8.32
CA GLY A 35 -7.25 -3.03 7.40
C GLY A 35 -6.81 -3.17 5.96
N VAL A 36 -5.97 -4.16 5.70
CA VAL A 36 -5.46 -4.40 4.35
C VAL A 36 -6.44 -5.25 3.54
N LEU A 37 -6.71 -4.80 2.32
CA LEU A 37 -7.63 -5.51 1.43
C LEU A 37 -6.88 -6.54 0.58
N ASP A 38 -5.81 -6.09 -0.07
CA ASP A 38 -5.02 -6.97 -0.92
C ASP A 38 -3.64 -6.35 -1.20
N VAL A 39 -2.71 -7.19 -1.64
CA VAL A 39 -1.35 -6.73 -1.93
C VAL A 39 -1.03 -6.90 -3.42
N ILE A 40 -0.37 -5.89 -3.99
CA ILE A 40 0.01 -5.93 -5.40
C ILE A 40 1.52 -5.89 -5.57
N VAL A 41 2.02 -6.57 -6.60
CA VAL A 41 3.45 -6.61 -6.87
C VAL A 41 3.75 -6.10 -8.28
N TYR A 42 4.77 -5.25 -8.38
CA TYR A 42 5.16 -4.69 -9.67
C TYR A 42 6.37 -5.42 -10.24
N ALA A 43 6.15 -6.14 -11.33
CA ALA A 43 7.23 -6.89 -11.98
C ALA A 43 6.75 -7.49 -13.30
N SER A 44 7.71 -7.78 -14.17
CA SER A 44 7.39 -8.35 -15.48
C SER A 44 7.05 -9.83 -15.36
N ALA A 45 5.76 -10.13 -15.26
CA ALA A 45 5.29 -11.51 -15.13
C ALA A 45 6.22 -12.32 -14.24
N ALA A 46 6.91 -11.64 -13.34
CA ALA A 46 7.83 -12.29 -12.41
C ALA A 46 8.38 -11.31 -11.39
N ASP A 47 8.21 -11.63 -10.11
CA ASP A 47 8.69 -10.78 -9.03
C ASP A 47 10.21 -10.74 -9.00
N LYS A 48 10.83 -11.90 -9.24
CA LYS A 48 12.28 -11.99 -9.24
C LYS A 48 12.83 -11.88 -10.65
N MET A 49 12.33 -10.91 -11.40
CA MET A 49 12.78 -10.69 -12.78
C MET A 49 13.73 -9.50 -12.86
N LYS A 50 13.31 -8.37 -12.30
CA LYS A 50 14.12 -7.17 -12.30
C LYS A 50 14.79 -6.95 -10.95
N ASN A 51 14.72 -7.96 -10.09
CA ASN A 51 15.31 -7.88 -8.77
C ASN A 51 14.71 -6.74 -7.96
N ARG A 52 13.39 -6.64 -8.00
CA ARG A 52 12.68 -5.59 -7.26
C ARG A 52 12.39 -6.02 -5.83
N GLY A 53 12.72 -5.14 -4.89
CA GLY A 53 12.49 -5.45 -3.49
C GLY A 53 11.47 -4.54 -2.85
N PHE A 54 10.22 -4.65 -3.29
CA PHE A 54 9.14 -3.83 -2.77
C PHE A 54 7.78 -4.45 -3.08
N ALA A 55 6.74 -3.93 -2.45
CA ALA A 55 5.38 -4.42 -2.65
C ALA A 55 4.34 -3.36 -2.32
N PHE A 56 3.16 -3.49 -2.91
CA PHE A 56 2.08 -2.53 -2.68
C PHE A 56 0.98 -3.15 -1.82
N VAL A 57 0.48 -2.38 -0.86
CA VAL A 57 -0.57 -2.84 0.03
C VAL A 57 -1.80 -1.94 -0.04
N GLU A 58 -2.88 -2.47 -0.61
CA GLU A 58 -4.12 -1.71 -0.74
C GLU A 58 -4.97 -1.85 0.51
N TYR A 59 -5.43 -0.73 1.05
CA TYR A 59 -6.26 -0.73 2.25
C TYR A 59 -7.67 -0.27 1.93
N GLU A 60 -8.66 -1.07 2.32
CA GLU A 60 -10.06 -0.74 2.07
C GLU A 60 -10.39 0.65 2.59
N SER A 61 -10.02 0.91 3.84
CA SER A 61 -10.28 2.21 4.46
C SER A 61 -9.13 3.18 4.19
N HIS A 62 -9.46 4.32 3.58
CA HIS A 62 -8.47 5.33 3.26
C HIS A 62 -7.55 5.59 4.45
N ARG A 63 -8.11 5.47 5.66
CA ARG A 63 -7.34 5.69 6.87
C ARG A 63 -6.53 4.44 7.25
N ALA A 64 -7.16 3.28 7.12
CA ALA A 64 -6.50 2.02 7.44
C ALA A 64 -5.05 2.03 6.96
N ALA A 65 -4.77 2.80 5.92
CA ALA A 65 -3.43 2.90 5.37
C ALA A 65 -2.65 4.05 6.02
N ALA A 66 -3.35 5.16 6.25
CA ALA A 66 -2.73 6.33 6.85
C ALA A 66 -2.25 6.03 8.27
N MET A 67 -3.05 5.26 9.00
CA MET A 67 -2.71 4.89 10.37
C MET A 67 -1.87 3.61 10.39
N ALA A 68 -1.80 2.92 9.26
CA ALA A 68 -1.03 1.70 9.16
C ALA A 68 0.44 1.98 8.87
N ARG A 69 0.70 3.16 8.33
CA ARG A 69 2.08 3.55 8.01
C ARG A 69 2.78 4.12 9.24
N ARG A 70 2.04 4.86 10.05
CA ARG A 70 2.59 5.46 11.25
C ARG A 70 3.07 4.39 12.23
N LYS A 71 2.77 3.13 11.91
CA LYS A 71 3.18 2.01 12.74
C LYS A 71 4.50 1.42 12.25
N LEU A 72 4.74 1.50 10.95
CA LEU A 72 5.97 0.98 10.36
C LEU A 72 6.88 2.11 9.90
N MET A 73 6.38 3.34 9.99
CA MET A 73 7.16 4.50 9.59
C MET A 73 8.50 4.55 10.31
N PRO A 74 8.46 4.43 11.65
CA PRO A 74 9.66 4.44 12.48
C PRO A 74 10.50 3.19 12.30
N GLY A 75 10.02 2.27 11.48
CA GLY A 75 10.74 1.04 11.24
C GLY A 75 10.80 0.14 12.46
N ARG A 76 9.79 0.26 13.32
CA ARG A 76 9.74 -0.54 14.54
C ARG A 76 9.44 -2.00 14.22
N ILE A 77 8.70 -2.23 13.14
CA ILE A 77 8.35 -3.58 12.72
C ILE A 77 9.12 -3.99 11.47
N GLN A 78 9.74 -5.17 11.53
CA GLN A 78 10.51 -5.67 10.40
C GLN A 78 9.84 -6.92 9.81
N LEU A 79 10.10 -7.16 8.53
CA LEU A 79 9.53 -8.32 7.84
C LEU A 79 10.60 -9.38 7.58
N TRP A 80 10.42 -10.54 8.19
CA TRP A 80 11.37 -11.64 8.02
C TRP A 80 12.77 -11.23 8.48
N GLY A 81 12.83 -10.31 9.44
CA GLY A 81 14.11 -9.85 9.96
C GLY A 81 14.71 -8.76 9.09
N HIS A 82 14.00 -8.37 8.04
CA HIS A 82 14.47 -7.34 7.13
C HIS A 82 13.76 -6.01 7.39
N GLN A 83 14.53 -4.93 7.45
CA GLN A 83 13.97 -3.60 7.69
C GLN A 83 13.05 -3.18 6.56
N ILE A 84 11.96 -2.51 6.90
CA ILE A 84 10.99 -2.05 5.91
C ILE A 84 10.59 -0.61 6.16
N ALA A 85 10.17 0.08 5.10
CA ALA A 85 9.76 1.47 5.21
C ALA A 85 8.44 1.71 4.48
N VAL A 86 7.62 2.59 5.04
CA VAL A 86 6.33 2.92 4.44
C VAL A 86 6.30 4.35 3.91
N ASP A 87 5.91 4.49 2.64
CA ASP A 87 5.84 5.81 2.02
C ASP A 87 4.50 6.02 1.33
N TRP A 88 4.11 7.27 1.18
CA TRP A 88 2.83 7.60 0.53
C TRP A 88 2.92 7.36 -0.97
N ALA A 89 2.25 6.31 -1.44
CA ALA A 89 2.24 5.97 -2.85
C ALA A 89 1.85 7.18 -3.70
N GLU A 90 0.58 7.56 -3.62
CA GLU A 90 0.09 8.70 -4.39
C GLU A 90 0.97 9.93 -4.17
N PRO A 91 1.54 10.45 -5.27
CA PRO A 91 2.41 11.63 -5.23
C PRO A 91 1.65 12.91 -4.89
N GLU A 92 0.53 13.13 -5.60
CA GLU A 92 -0.29 14.32 -5.38
C GLU A 92 -1.72 14.06 -5.82
N ILE A 93 -2.62 13.92 -4.85
CA ILE A 93 -4.03 13.68 -5.13
C ILE A 93 -4.79 14.99 -5.28
N ASP A 94 -6.10 14.89 -5.49
CA ASP A 94 -6.94 16.07 -5.63
C ASP A 94 -7.54 16.49 -4.29
N VAL A 95 -6.80 16.24 -3.22
CA VAL A 95 -7.25 16.58 -1.88
C VAL A 95 -7.38 18.09 -1.72
N ASP A 96 -6.41 18.82 -2.23
CA ASP A 96 -6.41 20.28 -2.15
C ASP A 96 -7.81 20.83 -2.41
N GLU A 97 -8.46 20.32 -3.45
CA GLU A 97 -9.80 20.76 -3.81
C GLU A 97 -10.85 19.99 -3.02
N ASP A 98 -10.95 18.70 -3.28
CA ASP A 98 -11.92 17.84 -2.60
C ASP A 98 -11.22 16.81 -1.72
N VAL A 99 -11.27 17.02 -0.41
CA VAL A 99 -10.64 16.11 0.53
C VAL A 99 -11.66 15.52 1.50
N MET A 100 -12.80 16.19 1.63
CA MET A 100 -13.86 15.74 2.52
C MET A 100 -14.98 15.07 1.73
N GLU A 101 -15.94 14.50 2.45
CA GLU A 101 -17.07 13.83 1.82
C GLU A 101 -16.61 13.00 0.61
N THR A 102 -15.57 12.20 0.82
CA THR A 102 -15.04 11.37 -0.24
C THR A 102 -16.12 10.49 -0.85
N VAL A 103 -16.38 10.68 -2.14
CA VAL A 103 -17.40 9.91 -2.84
C VAL A 103 -16.80 9.20 -4.06
N SER A 104 -17.26 7.98 -4.31
CA SER A 104 -16.76 7.20 -5.44
C SER A 104 -17.89 6.91 -6.42
N GLY A 105 -18.47 7.97 -6.98
CA GLY A 105 -19.55 7.81 -7.94
C GLY A 105 -20.26 9.12 -8.23
N PRO A 106 -19.72 9.89 -9.18
CA PRO A 106 -20.30 11.17 -9.58
C PRO A 106 -21.63 11.02 -10.31
N SER A 107 -22.09 9.78 -10.43
CA SER A 107 -23.35 9.49 -11.11
C SER A 107 -24.37 10.60 -10.85
N SER A 108 -24.62 10.87 -9.58
CA SER A 108 -25.59 11.91 -9.20
C SER A 108 -24.92 12.97 -8.33
N GLY A 109 -24.82 14.18 -8.86
CA GLY A 109 -24.20 15.26 -8.11
C GLY A 109 -24.98 15.62 -6.87
N GLY A 1 3.58 14.51 -10.86
CA GLY A 1 2.46 14.22 -11.75
C GLY A 1 1.14 14.67 -11.18
N SER A 2 0.20 15.00 -12.06
CA SER A 2 -1.12 15.45 -11.63
C SER A 2 -2.09 14.28 -11.53
N SER A 3 -2.27 13.58 -12.66
CA SER A 3 -3.17 12.44 -12.70
C SER A 3 -3.15 11.66 -11.38
N GLY A 4 -4.28 11.06 -11.04
CA GLY A 4 -4.38 10.31 -9.81
C GLY A 4 -5.39 9.18 -9.89
N SER A 5 -5.38 8.30 -8.89
CA SER A 5 -6.29 7.17 -8.86
C SER A 5 -7.63 7.58 -8.23
N SER A 6 -8.71 6.99 -8.74
CA SER A 6 -10.05 7.29 -8.24
C SER A 6 -10.41 6.36 -7.09
N GLY A 7 -10.38 6.89 -5.87
CA GLY A 7 -10.71 6.10 -4.70
C GLY A 7 -9.83 4.87 -4.56
N ASN A 8 -8.59 5.09 -4.16
CA ASN A 8 -7.63 4.00 -3.99
C ASN A 8 -6.51 4.39 -3.04
N CYS A 9 -6.39 3.66 -1.94
CA CYS A 9 -5.35 3.94 -0.95
C CYS A 9 -4.37 2.76 -0.84
N ARG A 10 -3.12 3.02 -1.17
CA ARG A 10 -2.09 1.99 -1.12
C ARG A 10 -0.82 2.52 -0.45
N LEU A 11 -0.22 1.69 0.40
CA LEU A 11 1.00 2.08 1.09
C LEU A 11 2.24 1.60 0.35
N PHE A 12 3.26 2.45 0.29
CA PHE A 12 4.50 2.11 -0.40
C PHE A 12 5.44 1.35 0.52
N ILE A 13 5.51 0.03 0.34
CA ILE A 13 6.37 -0.81 1.15
C ILE A 13 7.69 -1.09 0.44
N GLY A 14 8.76 -0.46 0.91
CA GLY A 14 10.06 -0.65 0.30
C GLY A 14 11.06 -1.28 1.27
N GLY A 15 11.98 -2.09 0.73
CA GLY A 15 12.97 -2.72 1.56
C GLY A 15 12.59 -4.15 1.93
N ILE A 16 11.87 -4.82 1.03
CA ILE A 16 11.44 -6.19 1.26
C ILE A 16 12.28 -7.18 0.43
N PRO A 17 12.42 -8.40 0.95
CA PRO A 17 13.18 -9.46 0.27
C PRO A 17 12.49 -9.96 -0.98
N LYS A 18 13.23 -10.00 -2.09
CA LYS A 18 12.69 -10.46 -3.36
C LYS A 18 12.16 -11.89 -3.25
N MET A 19 13.01 -12.80 -2.76
CA MET A 19 12.62 -14.19 -2.59
C MET A 19 11.16 -14.31 -2.16
N LYS A 20 10.74 -13.42 -1.27
CA LYS A 20 9.38 -13.42 -0.77
C LYS A 20 8.39 -13.10 -1.89
N LYS A 21 7.17 -13.61 -1.77
CA LYS A 21 6.14 -13.37 -2.77
C LYS A 21 5.04 -12.47 -2.22
N ARG A 22 4.03 -12.20 -3.04
CA ARG A 22 2.93 -11.34 -2.63
C ARG A 22 2.07 -12.02 -1.56
N GLU A 23 1.74 -13.29 -1.79
CA GLU A 23 0.94 -14.06 -0.85
C GLU A 23 1.52 -13.96 0.57
N GLU A 24 2.85 -13.96 0.65
CA GLU A 24 3.52 -13.88 1.94
C GLU A 24 3.45 -12.46 2.50
N ILE A 25 3.81 -11.49 1.67
CA ILE A 25 3.80 -10.09 2.08
C ILE A 25 2.43 -9.70 2.62
N LEU A 26 1.37 -10.09 1.90
CA LEU A 26 0.01 -9.78 2.31
C LEU A 26 -0.25 -10.23 3.74
N GLU A 27 -0.02 -11.52 4.00
CA GLU A 27 -0.24 -12.07 5.33
C GLU A 27 0.67 -11.40 6.35
N GLU A 28 1.91 -11.14 5.96
CA GLU A 28 2.88 -10.50 6.85
C GLU A 28 2.47 -9.06 7.13
N ILE A 29 1.59 -8.52 6.30
CA ILE A 29 1.12 -7.15 6.47
C ILE A 29 -0.22 -7.11 7.21
N ALA A 30 -1.08 -8.07 6.91
CA ALA A 30 -2.39 -8.16 7.55
C ALA A 30 -2.25 -8.25 9.06
N LYS A 31 -1.03 -8.46 9.54
CA LYS A 31 -0.76 -8.57 10.96
C LYS A 31 -0.20 -7.26 11.51
N VAL A 32 0.79 -6.70 10.82
CA VAL A 32 1.40 -5.45 11.23
C VAL A 32 0.46 -4.27 11.01
N THR A 33 -0.45 -4.42 10.05
CA THR A 33 -1.41 -3.36 9.74
C THR A 33 -2.77 -3.95 9.39
N GLU A 34 -3.75 -3.72 10.25
CA GLU A 34 -5.10 -4.22 10.02
C GLU A 34 -5.90 -3.26 9.16
N GLY A 35 -6.60 -3.80 8.16
CA GLY A 35 -7.40 -2.97 7.28
C GLY A 35 -6.98 -3.11 5.83
N VAL A 36 -6.08 -4.05 5.55
CA VAL A 36 -5.60 -4.27 4.20
C VAL A 36 -6.63 -5.05 3.37
N LEU A 37 -6.51 -4.94 2.05
CA LEU A 37 -7.43 -5.64 1.15
C LEU A 37 -6.68 -6.60 0.24
N ASP A 38 -5.61 -6.10 -0.39
CA ASP A 38 -4.80 -6.91 -1.29
C ASP A 38 -3.43 -6.29 -1.49
N VAL A 39 -2.42 -7.14 -1.69
CA VAL A 39 -1.06 -6.67 -1.90
C VAL A 39 -0.60 -6.95 -3.34
N ILE A 40 0.01 -5.94 -3.96
CA ILE A 40 0.50 -6.07 -5.32
C ILE A 40 2.02 -6.13 -5.36
N VAL A 41 2.54 -6.95 -6.27
CA VAL A 41 3.98 -7.10 -6.41
C VAL A 41 4.47 -6.58 -7.77
N TYR A 42 5.40 -5.64 -7.73
CA TYR A 42 5.95 -5.05 -8.95
C TYR A 42 7.30 -5.66 -9.30
N ALA A 43 7.44 -6.10 -10.55
CA ALA A 43 8.68 -6.70 -11.01
C ALA A 43 8.66 -6.92 -12.51
N SER A 44 9.83 -7.19 -13.09
CA SER A 44 9.94 -7.42 -14.52
C SER A 44 8.70 -8.13 -15.06
N ALA A 45 8.20 -9.10 -14.29
CA ALA A 45 7.03 -9.85 -14.69
C ALA A 45 6.04 -9.98 -13.54
N ALA A 46 4.90 -10.61 -13.80
CA ALA A 46 3.88 -10.81 -12.78
C ALA A 46 4.50 -11.03 -11.41
N ASP A 47 5.46 -11.95 -11.34
CA ASP A 47 6.14 -12.26 -10.09
C ASP A 47 7.26 -13.27 -10.32
N LYS A 48 8.50 -12.85 -10.02
CA LYS A 48 9.65 -13.72 -10.19
C LYS A 48 10.62 -13.57 -9.02
N MET A 49 11.42 -14.60 -8.78
CA MET A 49 12.38 -14.60 -7.69
C MET A 49 13.34 -13.42 -7.83
N LYS A 50 13.32 -12.77 -9.00
CA LYS A 50 14.19 -11.63 -9.25
C LYS A 50 13.45 -10.32 -9.01
N ASN A 51 12.39 -10.39 -8.20
CA ASN A 51 11.60 -9.21 -7.88
C ASN A 51 12.49 -7.98 -7.72
N ARG A 52 11.91 -6.80 -7.94
CA ARG A 52 12.65 -5.55 -7.81
C ARG A 52 13.13 -5.34 -6.38
N GLY A 53 12.19 -5.27 -5.45
CA GLY A 53 12.54 -5.06 -4.06
C GLY A 53 11.53 -4.20 -3.32
N PHE A 54 10.26 -4.32 -3.72
CA PHE A 54 9.19 -3.54 -3.09
C PHE A 54 7.83 -4.18 -3.35
N ALA A 55 6.82 -3.70 -2.63
CA ALA A 55 5.46 -4.22 -2.78
C ALA A 55 4.43 -3.18 -2.39
N PHE A 56 3.23 -3.30 -2.96
CA PHE A 56 2.15 -2.36 -2.66
C PHE A 56 1.08 -3.02 -1.80
N VAL A 57 0.45 -2.22 -0.94
CA VAL A 57 -0.59 -2.73 -0.05
C VAL A 57 -1.85 -1.86 -0.12
N GLU A 58 -2.89 -2.38 -0.75
CA GLU A 58 -4.14 -1.65 -0.90
C GLU A 58 -5.01 -1.83 0.35
N TYR A 59 -5.35 -0.71 0.98
CA TYR A 59 -6.17 -0.74 2.18
C TYR A 59 -7.60 -0.28 1.88
N GLU A 60 -8.57 -1.11 2.27
CA GLU A 60 -9.98 -0.80 2.04
C GLU A 60 -10.34 0.55 2.65
N SER A 61 -9.93 0.75 3.89
CA SER A 61 -10.22 2.00 4.60
C SER A 61 -9.10 3.01 4.37
N HIS A 62 -9.47 4.16 3.78
CA HIS A 62 -8.51 5.21 3.52
C HIS A 62 -7.59 5.44 4.72
N ARG A 63 -8.14 5.29 5.92
CA ARG A 63 -7.38 5.48 7.14
C ARG A 63 -6.53 4.25 7.45
N ALA A 64 -7.10 3.07 7.24
CA ALA A 64 -6.40 1.82 7.48
C ALA A 64 -4.96 1.90 6.98
N ALA A 65 -4.74 2.73 5.97
CA ALA A 65 -3.41 2.89 5.38
C ALA A 65 -2.65 4.03 6.07
N ALA A 66 -3.35 5.13 6.31
CA ALA A 66 -2.74 6.30 6.95
C ALA A 66 -2.19 5.93 8.33
N MET A 67 -3.02 5.26 9.13
CA MET A 67 -2.63 4.85 10.47
C MET A 67 -1.75 3.61 10.43
N ALA A 68 -1.74 2.94 9.28
CA ALA A 68 -0.93 1.74 9.11
C ALA A 68 0.51 2.08 8.78
N ARG A 69 0.73 3.27 8.23
CA ARG A 69 2.07 3.72 7.87
C ARG A 69 2.78 4.31 9.07
N ARG A 70 2.05 5.06 9.89
CA ARG A 70 2.61 5.69 11.07
C ARG A 70 3.12 4.64 12.06
N LYS A 71 2.80 3.38 11.78
CA LYS A 71 3.22 2.27 12.64
C LYS A 71 4.53 1.66 12.13
N LEU A 72 4.71 1.66 10.83
CA LEU A 72 5.91 1.10 10.22
C LEU A 72 6.84 2.21 9.73
N MET A 73 6.40 3.46 9.87
CA MET A 73 7.19 4.60 9.45
C MET A 73 8.55 4.59 10.13
N PRO A 74 8.55 4.47 11.46
CA PRO A 74 9.78 4.45 12.26
C PRO A 74 10.59 3.18 12.06
N GLY A 75 10.11 2.32 11.15
CA GLY A 75 10.80 1.08 10.88
C GLY A 75 10.94 0.21 12.12
N ARG A 76 10.03 0.36 13.06
CA ARG A 76 10.06 -0.41 14.30
C ARG A 76 9.79 -1.88 14.03
N ILE A 77 8.94 -2.15 13.04
CA ILE A 77 8.58 -3.52 12.68
C ILE A 77 9.38 -3.98 11.46
N GLN A 78 9.89 -5.21 11.54
CA GLN A 78 10.67 -5.78 10.45
C GLN A 78 10.01 -7.04 9.90
N LEU A 79 10.13 -7.25 8.59
CA LEU A 79 9.54 -8.42 7.95
C LEU A 79 10.61 -9.46 7.64
N TRP A 80 10.45 -10.66 8.18
CA TRP A 80 11.40 -11.74 7.96
C TRP A 80 12.81 -11.31 8.35
N GLY A 81 12.92 -10.50 9.39
CA GLY A 81 14.21 -10.03 9.84
C GLY A 81 14.79 -8.95 8.95
N HIS A 82 13.99 -8.52 7.96
CA HIS A 82 14.43 -7.49 7.03
C HIS A 82 13.71 -6.17 7.31
N GLN A 83 14.47 -5.08 7.30
CA GLN A 83 13.90 -3.76 7.56
C GLN A 83 12.99 -3.32 6.42
N ILE A 84 11.97 -2.54 6.73
CA ILE A 84 11.03 -2.06 5.74
C ILE A 84 10.59 -0.62 6.03
N ALA A 85 10.22 0.10 4.99
CA ALA A 85 9.78 1.48 5.14
C ALA A 85 8.45 1.72 4.42
N VAL A 86 7.62 2.57 4.99
CA VAL A 86 6.32 2.89 4.41
C VAL A 86 6.26 4.34 3.93
N ASP A 87 5.89 4.53 2.68
CA ASP A 87 5.80 5.87 2.11
C ASP A 87 4.44 6.08 1.45
N TRP A 88 4.01 7.34 1.36
CA TRP A 88 2.73 7.68 0.76
C TRP A 88 2.76 7.45 -0.75
N ALA A 89 2.09 6.40 -1.20
CA ALA A 89 2.05 6.08 -2.63
C ALA A 89 1.67 7.30 -3.46
N GLU A 90 0.52 7.88 -3.16
CA GLU A 90 0.05 9.06 -3.88
C GLU A 90 0.17 10.31 -3.02
N PRO A 91 0.67 11.40 -3.62
CA PRO A 91 0.84 12.67 -2.93
C PRO A 91 -0.48 13.34 -2.60
N GLU A 92 -1.35 13.47 -3.60
CA GLU A 92 -2.65 14.10 -3.41
C GLU A 92 -3.68 13.51 -4.37
N ILE A 93 -4.68 12.82 -3.83
CA ILE A 93 -5.72 12.22 -4.64
C ILE A 93 -7.05 12.93 -4.46
N ASP A 94 -8.09 12.42 -5.10
CA ASP A 94 -9.41 13.02 -5.01
C ASP A 94 -10.25 12.33 -3.94
N VAL A 95 -9.60 11.94 -2.83
CA VAL A 95 -10.27 11.27 -1.74
C VAL A 95 -11.29 12.19 -1.08
N ASP A 96 -11.02 13.50 -1.12
CA ASP A 96 -11.92 14.48 -0.52
C ASP A 96 -13.29 14.43 -1.17
N GLU A 97 -13.32 14.24 -2.49
CA GLU A 97 -14.58 14.17 -3.23
C GLU A 97 -15.03 12.73 -3.40
N ASP A 98 -14.15 11.90 -3.94
CA ASP A 98 -14.45 10.49 -4.16
C ASP A 98 -13.36 9.60 -3.58
N VAL A 99 -13.69 8.89 -2.51
CA VAL A 99 -12.73 8.00 -1.86
C VAL A 99 -13.20 6.55 -1.92
N MET A 100 -14.51 6.36 -2.03
CA MET A 100 -15.10 5.03 -2.10
C MET A 100 -15.46 4.67 -3.54
N GLU A 101 -15.83 3.40 -3.75
CA GLU A 101 -16.21 2.94 -5.08
C GLU A 101 -17.69 2.57 -5.13
N THR A 102 -18.30 2.79 -6.28
CA THR A 102 -19.72 2.48 -6.47
C THR A 102 -19.93 1.56 -7.66
N VAL A 103 -21.14 1.02 -7.77
CA VAL A 103 -21.48 0.12 -8.86
C VAL A 103 -22.60 0.69 -9.73
N SER A 104 -22.23 1.34 -10.83
CA SER A 104 -23.20 1.93 -11.73
C SER A 104 -22.58 2.23 -13.09
N GLY A 105 -23.42 2.49 -14.08
CA GLY A 105 -22.94 2.78 -15.42
C GLY A 105 -23.50 4.08 -15.97
N PRO A 106 -23.14 5.21 -15.34
CA PRO A 106 -23.61 6.53 -15.75
C PRO A 106 -23.01 6.97 -17.08
N SER A 107 -21.84 6.43 -17.40
CA SER A 107 -21.15 6.77 -18.65
C SER A 107 -20.84 5.51 -19.45
N SER A 108 -20.53 5.69 -20.73
CA SER A 108 -20.21 4.57 -21.61
C SER A 108 -18.70 4.38 -21.72
N GLY A 109 -18.25 3.17 -21.43
CA GLY A 109 -16.83 2.87 -21.50
C GLY A 109 -16.01 3.67 -20.50
N GLY A 1 -19.87 8.89 -18.22
CA GLY A 1 -19.28 7.96 -17.27
C GLY A 1 -18.54 8.68 -16.16
N SER A 2 -19.00 8.47 -14.92
CA SER A 2 -18.38 9.11 -13.76
C SER A 2 -17.82 8.06 -12.80
N SER A 3 -17.19 8.52 -11.73
CA SER A 3 -16.61 7.62 -10.74
C SER A 3 -17.36 7.73 -9.41
N GLY A 4 -17.66 6.59 -8.82
CA GLY A 4 -18.36 6.58 -7.55
C GLY A 4 -17.94 5.44 -6.65
N SER A 5 -16.75 5.57 -6.05
CA SER A 5 -16.23 4.52 -5.17
C SER A 5 -15.41 5.14 -4.03
N SER A 6 -15.01 4.30 -3.09
CA SER A 6 -14.22 4.76 -1.95
C SER A 6 -12.94 5.44 -2.41
N GLY A 7 -12.21 4.78 -3.32
CA GLY A 7 -10.97 5.33 -3.84
C GLY A 7 -9.89 4.28 -3.97
N ASN A 8 -8.64 4.73 -3.97
CA ASN A 8 -7.50 3.82 -4.10
C ASN A 8 -6.43 4.15 -3.06
N CYS A 9 -6.44 3.41 -1.95
CA CYS A 9 -5.47 3.62 -0.89
C CYS A 9 -4.42 2.51 -0.88
N ARG A 10 -3.17 2.88 -1.10
CA ARG A 10 -2.07 1.93 -1.12
C ARG A 10 -0.86 2.47 -0.38
N LEU A 11 -0.11 1.57 0.25
CA LEU A 11 1.09 1.96 0.99
C LEU A 11 2.35 1.53 0.26
N PHE A 12 3.34 2.43 0.21
CA PHE A 12 4.60 2.14 -0.46
C PHE A 12 5.56 1.42 0.47
N ILE A 13 5.69 0.11 0.30
CA ILE A 13 6.58 -0.68 1.14
C ILE A 13 7.88 -1.00 0.41
N GLY A 14 8.99 -0.52 0.96
CA GLY A 14 10.30 -0.76 0.35
C GLY A 14 11.28 -1.36 1.32
N GLY A 15 12.19 -2.19 0.80
CA GLY A 15 13.20 -2.82 1.65
C GLY A 15 12.88 -4.27 1.92
N ILE A 16 11.73 -4.73 1.45
CA ILE A 16 11.32 -6.12 1.65
C ILE A 16 12.13 -7.06 0.77
N PRO A 17 12.36 -8.28 1.28
CA PRO A 17 13.12 -9.30 0.55
C PRO A 17 12.36 -9.84 -0.65
N LYS A 18 12.96 -9.70 -1.83
CA LYS A 18 12.34 -10.18 -3.07
C LYS A 18 12.03 -11.67 -2.98
N MET A 19 12.90 -12.41 -2.29
CA MET A 19 12.71 -13.85 -2.12
C MET A 19 11.26 -14.17 -1.81
N LYS A 20 10.54 -13.21 -1.25
CA LYS A 20 9.13 -13.39 -0.90
C LYS A 20 8.23 -13.13 -2.10
N LYS A 21 6.93 -13.29 -1.91
CA LYS A 21 5.96 -13.06 -2.98
C LYS A 21 4.78 -12.25 -2.47
N ARG A 22 3.89 -11.89 -3.38
CA ARG A 22 2.70 -11.10 -3.03
C ARG A 22 1.83 -11.85 -2.03
N GLU A 23 1.79 -13.17 -2.16
CA GLU A 23 1.00 -14.00 -1.26
C GLU A 23 1.54 -13.95 0.16
N GLU A 24 2.86 -13.97 0.28
CA GLU A 24 3.51 -13.92 1.59
C GLU A 24 3.42 -12.52 2.19
N ILE A 25 3.87 -11.53 1.44
CA ILE A 25 3.84 -10.15 1.90
C ILE A 25 2.50 -9.82 2.56
N LEU A 26 1.42 -10.03 1.82
CA LEU A 26 0.08 -9.76 2.34
C LEU A 26 -0.07 -10.28 3.76
N GLU A 27 0.15 -11.59 3.93
CA GLU A 27 0.04 -12.22 5.24
C GLU A 27 0.81 -11.42 6.30
N GLU A 28 2.08 -11.16 6.02
CA GLU A 28 2.92 -10.41 6.95
C GLU A 28 2.36 -9.01 7.18
N ILE A 29 1.49 -8.57 6.29
CA ILE A 29 0.88 -7.25 6.40
C ILE A 29 -0.42 -7.32 7.21
N ALA A 30 -1.19 -8.37 7.00
CA ALA A 30 -2.45 -8.55 7.71
C ALA A 30 -2.23 -8.55 9.22
N LYS A 31 -0.96 -8.65 9.63
CA LYS A 31 -0.62 -8.66 11.05
C LYS A 31 -0.05 -7.31 11.47
N VAL A 32 0.92 -6.81 10.70
CA VAL A 32 1.54 -5.53 11.00
C VAL A 32 0.56 -4.38 10.84
N THR A 33 -0.39 -4.55 9.93
CA THR A 33 -1.40 -3.52 9.68
C THR A 33 -2.79 -4.14 9.60
N GLU A 34 -3.67 -3.74 10.52
CA GLU A 34 -5.03 -4.24 10.54
C GLU A 34 -5.95 -3.38 9.69
N GLY A 35 -6.46 -3.95 8.60
CA GLY A 35 -7.35 -3.22 7.73
C GLY A 35 -6.93 -3.31 6.27
N VAL A 36 -6.02 -4.23 5.97
CA VAL A 36 -5.54 -4.42 4.61
C VAL A 36 -6.51 -5.25 3.79
N LEU A 37 -6.58 -4.96 2.50
CA LEU A 37 -7.47 -5.69 1.60
C LEU A 37 -6.70 -6.70 0.77
N ASP A 38 -5.61 -6.26 0.14
CA ASP A 38 -4.78 -7.13 -0.67
C ASP A 38 -3.41 -6.50 -0.91
N VAL A 39 -2.53 -7.26 -1.56
CA VAL A 39 -1.18 -6.79 -1.85
C VAL A 39 -0.85 -6.97 -3.32
N ILE A 40 -0.15 -6.00 -3.89
CA ILE A 40 0.24 -6.04 -5.29
C ILE A 40 1.76 -6.03 -5.44
N VAL A 41 2.26 -6.67 -6.50
CA VAL A 41 3.69 -6.72 -6.76
C VAL A 41 3.99 -6.58 -8.25
N TYR A 42 4.59 -5.46 -8.63
CA TYR A 42 4.92 -5.21 -10.02
C TYR A 42 6.07 -4.21 -10.13
N ALA A 43 6.71 -4.19 -11.30
CA ALA A 43 7.83 -3.27 -11.54
C ALA A 43 8.29 -3.34 -12.99
N SER A 44 9.36 -2.63 -13.29
CA SER A 44 9.91 -2.60 -14.65
C SER A 44 9.73 -3.96 -15.33
N ALA A 45 9.94 -5.03 -14.57
CA ALA A 45 9.80 -6.37 -15.10
C ALA A 45 8.71 -7.15 -14.36
N ALA A 46 8.42 -8.36 -14.83
CA ALA A 46 7.41 -9.20 -14.20
C ALA A 46 7.66 -9.34 -12.71
N ASP A 47 6.73 -9.98 -12.02
CA ASP A 47 6.85 -10.19 -10.58
C ASP A 47 7.81 -11.35 -10.27
N LYS A 48 8.95 -11.34 -10.93
CA LYS A 48 9.96 -12.37 -10.72
C LYS A 48 11.05 -11.91 -9.76
N MET A 49 11.98 -12.81 -9.45
CA MET A 49 13.08 -12.48 -8.55
C MET A 49 13.82 -11.23 -9.00
N LYS A 50 13.60 -10.86 -10.27
CA LYS A 50 14.24 -9.68 -10.83
C LYS A 50 13.41 -8.42 -10.58
N ASN A 51 12.45 -8.54 -9.66
CA ASN A 51 11.59 -7.41 -9.32
C ASN A 51 12.14 -6.64 -8.13
N ARG A 52 12.21 -5.33 -8.26
CA ARG A 52 12.72 -4.47 -7.19
C ARG A 52 12.20 -4.93 -5.83
N GLY A 53 12.98 -4.69 -4.79
CA GLY A 53 12.58 -5.09 -3.46
C GLY A 53 11.52 -4.18 -2.88
N PHE A 54 10.31 -4.28 -3.41
CA PHE A 54 9.20 -3.46 -2.94
C PHE A 54 7.86 -4.18 -3.15
N ALA A 55 6.82 -3.68 -2.49
CA ALA A 55 5.49 -4.27 -2.60
C ALA A 55 4.41 -3.24 -2.30
N PHE A 56 3.23 -3.44 -2.88
CA PHE A 56 2.11 -2.53 -2.67
C PHE A 56 1.11 -3.12 -1.68
N VAL A 57 0.57 -2.26 -0.81
CA VAL A 57 -0.40 -2.70 0.18
C VAL A 57 -1.69 -1.90 0.08
N GLU A 58 -2.73 -2.51 -0.48
CA GLU A 58 -4.02 -1.85 -0.63
C GLU A 58 -4.87 -2.00 0.63
N TYR A 59 -5.38 -0.88 1.13
CA TYR A 59 -6.20 -0.90 2.34
C TYR A 59 -7.64 -0.49 2.01
N GLU A 60 -8.60 -1.25 2.55
CA GLU A 60 -10.01 -0.97 2.32
C GLU A 60 -10.38 0.43 2.82
N SER A 61 -9.98 0.74 4.05
CA SER A 61 -10.26 2.04 4.64
C SER A 61 -9.13 3.03 4.36
N HIS A 62 -9.47 4.14 3.72
CA HIS A 62 -8.50 5.16 3.39
C HIS A 62 -7.63 5.51 4.60
N ARG A 63 -8.18 5.28 5.79
CA ARG A 63 -7.46 5.56 7.03
C ARG A 63 -6.57 4.39 7.43
N ALA A 64 -7.11 3.18 7.32
CA ALA A 64 -6.37 1.97 7.66
C ALA A 64 -4.92 2.07 7.20
N ALA A 65 -4.70 2.74 6.07
CA ALA A 65 -3.37 2.90 5.51
C ALA A 65 -2.65 4.09 6.16
N ALA A 66 -3.40 5.15 6.41
CA ALA A 66 -2.83 6.35 7.04
C ALA A 66 -2.29 6.04 8.42
N MET A 67 -3.03 5.26 9.19
CA MET A 67 -2.61 4.89 10.54
C MET A 67 -1.67 3.69 10.51
N ALA A 68 -1.59 3.04 9.35
CA ALA A 68 -0.72 1.87 9.19
C ALA A 68 0.70 2.31 8.86
N ARG A 69 0.83 3.29 7.98
CA ARG A 69 2.14 3.79 7.57
C ARG A 69 2.86 4.44 8.74
N ARG A 70 2.10 5.12 9.59
CA ARG A 70 2.67 5.79 10.76
C ARG A 70 3.12 4.78 11.80
N LYS A 71 2.79 3.52 11.58
CA LYS A 71 3.16 2.44 12.50
C LYS A 71 4.46 1.78 12.06
N LEU A 72 4.70 1.75 10.75
CA LEU A 72 5.89 1.15 10.20
C LEU A 72 6.86 2.22 9.69
N MET A 73 6.49 3.48 9.89
CA MET A 73 7.33 4.59 9.45
C MET A 73 8.67 4.59 10.19
N PRO A 74 8.61 4.53 11.53
CA PRO A 74 9.81 4.51 12.37
C PRO A 74 10.59 3.21 12.24
N GLY A 75 10.06 2.27 11.46
CA GLY A 75 10.72 1.00 11.28
C GLY A 75 10.66 0.13 12.52
N ARG A 76 9.65 0.35 13.35
CA ARG A 76 9.49 -0.43 14.58
C ARG A 76 9.19 -1.89 14.27
N ILE A 77 8.60 -2.13 13.10
CA ILE A 77 8.25 -3.48 12.68
C ILE A 77 9.12 -3.93 11.51
N GLN A 78 9.51 -5.20 11.53
CA GLN A 78 10.35 -5.75 10.46
C GLN A 78 9.69 -6.98 9.84
N LEU A 79 9.85 -7.12 8.53
CA LEU A 79 9.27 -8.25 7.81
C LEU A 79 10.32 -9.32 7.53
N TRP A 80 10.11 -10.50 8.07
CA TRP A 80 11.04 -11.62 7.88
C TRP A 80 12.42 -11.26 8.41
N GLY A 81 12.47 -10.51 9.50
CA GLY A 81 13.74 -10.11 10.09
C GLY A 81 14.41 -9.01 9.30
N HIS A 82 13.76 -8.56 8.24
CA HIS A 82 14.32 -7.49 7.40
C HIS A 82 13.55 -6.19 7.62
N GLN A 83 14.29 -5.08 7.68
CA GLN A 83 13.70 -3.76 7.88
C GLN A 83 12.89 -3.34 6.66
N ILE A 84 11.90 -2.49 6.87
CA ILE A 84 11.05 -2.00 5.79
C ILE A 84 10.66 -0.55 6.01
N ALA A 85 10.23 0.12 4.94
CA ALA A 85 9.82 1.51 5.01
C ALA A 85 8.46 1.72 4.37
N VAL A 86 7.71 2.68 4.88
CA VAL A 86 6.38 2.98 4.37
C VAL A 86 6.28 4.44 3.91
N ASP A 87 5.91 4.63 2.65
CA ASP A 87 5.78 5.97 2.09
C ASP A 87 4.43 6.13 1.40
N TRP A 88 3.91 7.35 1.40
CA TRP A 88 2.63 7.65 0.78
C TRP A 88 2.70 7.43 -0.73
N ALA A 89 2.04 6.39 -1.21
CA ALA A 89 2.01 6.06 -2.62
C ALA A 89 1.80 7.32 -3.46
N GLU A 90 0.73 8.04 -3.19
CA GLU A 90 0.42 9.27 -3.91
C GLU A 90 1.27 10.44 -3.42
N PRO A 91 1.70 11.29 -4.36
CA PRO A 91 2.53 12.45 -4.03
C PRO A 91 1.75 13.53 -3.27
N GLU A 92 0.59 13.90 -3.80
CA GLU A 92 -0.24 14.91 -3.18
C GLU A 92 -1.68 14.85 -3.71
N ILE A 93 -2.59 14.40 -2.86
CA ILE A 93 -4.00 14.28 -3.25
C ILE A 93 -4.83 15.40 -2.62
N ASP A 94 -6.14 15.37 -2.87
CA ASP A 94 -7.04 16.36 -2.32
C ASP A 94 -7.62 15.89 -0.98
N VAL A 95 -6.80 15.22 -0.20
CA VAL A 95 -7.22 14.71 1.11
C VAL A 95 -7.38 15.85 2.11
N ASP A 96 -6.57 16.89 1.95
CA ASP A 96 -6.62 18.04 2.84
C ASP A 96 -7.98 18.72 2.76
N GLU A 97 -8.44 18.98 1.54
CA GLU A 97 -9.73 19.63 1.33
C GLU A 97 -10.87 18.63 1.44
N ASP A 98 -10.87 17.63 0.56
CA ASP A 98 -11.90 16.61 0.56
C ASP A 98 -11.29 15.21 0.56
N VAL A 99 -11.35 14.54 1.70
CA VAL A 99 -10.80 13.20 1.83
C VAL A 99 -11.86 12.14 1.55
N MET A 100 -13.08 12.39 2.02
CA MET A 100 -14.18 11.45 1.82
C MET A 100 -14.63 11.46 0.36
N GLU A 101 -15.40 10.44 -0.02
CA GLU A 101 -15.90 10.33 -1.38
C GLU A 101 -17.37 10.73 -1.46
N THR A 102 -17.74 11.42 -2.54
CA THR A 102 -19.11 11.87 -2.73
C THR A 102 -19.64 11.45 -4.09
N VAL A 103 -20.95 11.27 -4.20
CA VAL A 103 -21.58 10.88 -5.45
C VAL A 103 -22.70 11.83 -5.82
N SER A 104 -22.34 12.99 -6.38
CA SER A 104 -23.31 13.99 -6.78
C SER A 104 -24.47 13.34 -7.53
N GLY A 105 -24.16 12.66 -8.63
CA GLY A 105 -25.18 12.01 -9.41
C GLY A 105 -25.77 12.92 -10.47
N PRO A 106 -25.10 13.03 -11.62
CA PRO A 106 -25.55 13.88 -12.73
C PRO A 106 -26.80 13.33 -13.40
N SER A 107 -27.96 13.67 -12.84
CA SER A 107 -29.24 13.21 -13.39
C SER A 107 -29.19 13.15 -14.91
N SER A 108 -28.82 14.27 -15.52
CA SER A 108 -28.73 14.34 -16.98
C SER A 108 -27.63 13.43 -17.51
N GLY A 109 -26.40 13.69 -17.10
CA GLY A 109 -25.28 12.88 -17.54
C GLY A 109 -23.99 13.68 -17.66
N GLY A 1 -4.59 16.99 -14.64
CA GLY A 1 -4.24 15.95 -15.59
C GLY A 1 -3.70 14.71 -14.93
N SER A 2 -2.51 14.82 -14.36
CA SER A 2 -1.87 13.68 -13.69
C SER A 2 -2.75 13.18 -12.54
N SER A 3 -3.02 14.06 -11.59
CA SER A 3 -3.84 13.70 -10.43
C SER A 3 -5.25 13.33 -10.85
N GLY A 4 -5.89 12.47 -10.06
CA GLY A 4 -7.24 12.04 -10.37
C GLY A 4 -8.19 12.24 -9.22
N SER A 5 -9.31 11.50 -9.23
CA SER A 5 -10.30 11.61 -8.18
C SER A 5 -10.47 10.28 -7.45
N SER A 6 -10.90 9.26 -8.19
CA SER A 6 -11.11 7.94 -7.61
C SER A 6 -9.84 7.09 -7.72
N GLY A 7 -9.05 7.09 -6.64
CA GLY A 7 -7.82 6.33 -6.63
C GLY A 7 -7.65 5.52 -5.37
N ASN A 8 -7.71 4.18 -5.50
CA ASN A 8 -7.56 3.30 -4.36
C ASN A 8 -6.42 3.76 -3.44
N CYS A 9 -6.40 3.24 -2.22
CA CYS A 9 -5.37 3.60 -1.26
C CYS A 9 -4.35 2.47 -1.11
N ARG A 10 -3.10 2.78 -1.44
CA ARG A 10 -2.02 1.80 -1.35
C ARG A 10 -0.82 2.37 -0.61
N LEU A 11 -0.23 1.57 0.27
CA LEU A 11 0.93 2.00 1.04
C LEU A 11 2.22 1.58 0.36
N PHE A 12 3.23 2.45 0.39
CA PHE A 12 4.52 2.16 -0.23
C PHE A 12 5.42 1.40 0.74
N ILE A 13 5.52 0.09 0.51
CA ILE A 13 6.36 -0.76 1.37
C ILE A 13 7.68 -1.09 0.68
N GLY A 14 8.76 -0.50 1.18
CA GLY A 14 10.07 -0.74 0.61
C GLY A 14 10.99 -1.50 1.55
N GLY A 15 11.97 -2.20 0.99
CA GLY A 15 12.91 -2.95 1.81
C GLY A 15 12.42 -4.37 2.08
N ILE A 16 11.95 -5.05 1.03
CA ILE A 16 11.46 -6.41 1.16
C ILE A 16 12.29 -7.37 0.32
N PRO A 17 12.34 -8.64 0.75
CA PRO A 17 13.09 -9.69 0.04
C PRO A 17 12.45 -10.08 -1.28
N LYS A 18 13.27 -10.46 -2.24
CA LYS A 18 12.78 -10.86 -3.56
C LYS A 18 12.36 -12.33 -3.56
N MET A 19 12.80 -13.07 -2.54
CA MET A 19 12.47 -14.48 -2.43
C MET A 19 11.09 -14.67 -1.78
N LYS A 20 10.37 -13.57 -1.62
CA LYS A 20 9.04 -13.61 -1.02
C LYS A 20 7.97 -13.21 -2.03
N LYS A 21 6.94 -14.05 -2.16
CA LYS A 21 5.86 -13.78 -3.09
C LYS A 21 4.77 -12.94 -2.42
N ARG A 22 4.07 -12.15 -3.23
CA ARG A 22 3.00 -11.30 -2.72
C ARG A 22 2.14 -12.06 -1.71
N GLU A 23 1.76 -13.28 -2.06
CA GLU A 23 0.94 -14.10 -1.17
C GLU A 23 1.47 -14.06 0.26
N GLU A 24 2.78 -14.05 0.40
CA GLU A 24 3.41 -14.01 1.72
C GLU A 24 3.44 -12.59 2.27
N ILE A 25 3.73 -11.64 1.39
CA ILE A 25 3.79 -10.24 1.79
C ILE A 25 2.49 -9.80 2.45
N LEU A 26 1.37 -10.12 1.81
CA LEU A 26 0.05 -9.76 2.34
C LEU A 26 -0.08 -10.19 3.79
N GLU A 27 -0.01 -11.50 4.03
CA GLU A 27 -0.12 -12.05 5.38
C GLU A 27 0.72 -11.23 6.36
N GLU A 28 2.01 -11.12 6.09
CA GLU A 28 2.93 -10.38 6.95
C GLU A 28 2.38 -8.98 7.23
N ILE A 29 1.57 -8.46 6.31
CA ILE A 29 1.00 -7.14 6.45
C ILE A 29 -0.31 -7.20 7.25
N ALA A 30 -1.12 -8.22 6.98
CA ALA A 30 -2.39 -8.39 7.67
C ALA A 30 -2.19 -8.40 9.19
N LYS A 31 -0.94 -8.55 9.61
CA LYS A 31 -0.62 -8.58 11.03
C LYS A 31 0.01 -7.26 11.47
N VAL A 32 1.01 -6.81 10.72
CA VAL A 32 1.69 -5.56 11.04
C VAL A 32 0.75 -4.37 10.91
N THR A 33 -0.23 -4.49 10.02
CA THR A 33 -1.20 -3.42 9.79
C THR A 33 -2.59 -3.99 9.56
N GLU A 34 -3.50 -3.71 10.49
CA GLU A 34 -4.87 -4.20 10.38
C GLU A 34 -5.72 -3.25 9.54
N GLY A 35 -6.39 -3.80 8.53
CA GLY A 35 -7.23 -2.99 7.67
C GLY A 35 -6.82 -3.10 6.20
N VAL A 36 -5.94 -4.05 5.90
CA VAL A 36 -5.47 -4.25 4.54
C VAL A 36 -6.48 -5.05 3.72
N LEU A 37 -6.41 -4.92 2.40
CA LEU A 37 -7.31 -5.61 1.51
C LEU A 37 -6.55 -6.63 0.64
N ASP A 38 -5.47 -6.17 0.04
CA ASP A 38 -4.65 -7.03 -0.81
C ASP A 38 -3.28 -6.39 -1.07
N VAL A 39 -2.33 -7.22 -1.49
CA VAL A 39 -0.97 -6.75 -1.77
C VAL A 39 -0.59 -7.00 -3.23
N ILE A 40 0.03 -6.00 -3.85
CA ILE A 40 0.44 -6.12 -5.24
C ILE A 40 1.94 -5.95 -5.38
N VAL A 41 2.58 -6.93 -6.02
CA VAL A 41 4.02 -6.89 -6.22
C VAL A 41 4.38 -6.80 -7.70
N TYR A 42 4.75 -5.60 -8.14
CA TYR A 42 5.09 -5.38 -9.54
C TYR A 42 5.98 -4.14 -9.69
N ALA A 43 6.72 -4.07 -10.79
CA ALA A 43 7.59 -2.93 -11.05
C ALA A 43 8.00 -2.88 -12.52
N SER A 44 8.77 -1.87 -12.88
CA SER A 44 9.23 -1.70 -14.25
C SER A 44 9.53 -3.05 -14.89
N ALA A 45 10.15 -3.93 -14.11
CA ALA A 45 10.51 -5.26 -14.59
C ALA A 45 9.65 -6.33 -13.92
N ALA A 46 9.95 -6.63 -12.66
CA ALA A 46 9.21 -7.63 -11.91
C ALA A 46 9.64 -7.65 -10.45
N ASP A 47 8.70 -7.32 -9.56
CA ASP A 47 8.99 -7.30 -8.13
C ASP A 47 10.39 -6.77 -7.86
N LYS A 48 10.87 -5.89 -8.73
CA LYS A 48 12.20 -5.32 -8.59
C LYS A 48 13.21 -6.39 -8.16
N MET A 49 13.28 -7.46 -8.93
CA MET A 49 14.21 -8.55 -8.64
C MET A 49 15.65 -8.06 -8.69
N LYS A 50 15.86 -6.89 -9.28
CA LYS A 50 17.19 -6.32 -9.39
C LYS A 50 17.51 -5.45 -8.18
N ASN A 51 16.49 -4.82 -7.62
CA ASN A 51 16.67 -3.96 -6.46
C ASN A 51 16.21 -4.66 -5.19
N ARG A 52 16.56 -4.08 -4.04
CA ARG A 52 16.19 -4.66 -2.75
C ARG A 52 14.83 -5.35 -2.83
N GLY A 53 13.86 -4.67 -3.42
CA GLY A 53 12.53 -5.23 -3.56
C GLY A 53 11.48 -4.39 -2.87
N PHE A 54 10.35 -4.18 -3.54
CA PHE A 54 9.26 -3.40 -2.98
C PHE A 54 7.91 -4.06 -3.24
N ALA A 55 6.89 -3.65 -2.50
CA ALA A 55 5.55 -4.20 -2.64
C ALA A 55 4.50 -3.15 -2.37
N PHE A 56 3.27 -3.42 -2.81
CA PHE A 56 2.16 -2.49 -2.61
C PHE A 56 1.07 -3.11 -1.74
N VAL A 57 0.55 -2.32 -0.81
CA VAL A 57 -0.50 -2.79 0.09
C VAL A 57 -1.76 -1.94 -0.04
N GLU A 58 -2.79 -2.52 -0.65
CA GLU A 58 -4.06 -1.83 -0.84
C GLU A 58 -4.95 -1.99 0.38
N TYR A 59 -5.35 -0.85 0.96
CA TYR A 59 -6.21 -0.87 2.14
C TYR A 59 -7.64 -0.46 1.78
N GLU A 60 -8.61 -1.10 2.42
CA GLU A 60 -10.01 -0.80 2.17
C GLU A 60 -10.36 0.62 2.61
N SER A 61 -9.99 0.96 3.84
CA SER A 61 -10.25 2.29 4.39
C SER A 61 -9.04 3.19 4.22
N HIS A 62 -9.25 4.34 3.58
CA HIS A 62 -8.18 5.31 3.34
C HIS A 62 -7.40 5.55 4.63
N ARG A 63 -8.07 5.46 5.77
CA ARG A 63 -7.44 5.67 7.06
C ARG A 63 -6.55 4.48 7.43
N ALA A 64 -7.10 3.28 7.32
CA ALA A 64 -6.36 2.06 7.63
C ALA A 64 -4.93 2.14 7.12
N ALA A 65 -4.74 2.82 5.99
CA ALA A 65 -3.42 2.97 5.39
C ALA A 65 -2.70 4.18 5.96
N ALA A 66 -3.46 5.23 6.26
CA ALA A 66 -2.89 6.46 6.82
C ALA A 66 -2.34 6.22 8.21
N MET A 67 -3.01 5.36 8.97
CA MET A 67 -2.58 5.04 10.33
C MET A 67 -1.61 3.86 10.34
N ALA A 68 -1.76 2.98 9.35
CA ALA A 68 -0.90 1.80 9.24
C ALA A 68 0.55 2.22 8.99
N ARG A 69 0.75 3.23 8.15
CA ARG A 69 2.08 3.71 7.83
C ARG A 69 2.78 4.27 9.07
N ARG A 70 2.10 5.18 9.76
CA ARG A 70 2.65 5.79 10.96
C ARG A 70 3.19 4.73 11.91
N LYS A 71 2.74 3.49 11.74
CA LYS A 71 3.18 2.38 12.58
C LYS A 71 4.54 1.88 12.13
N LEU A 72 4.67 1.55 10.85
CA LEU A 72 5.93 1.05 10.30
C LEU A 72 6.78 2.21 9.78
N MET A 73 6.34 3.43 10.04
CA MET A 73 7.07 4.61 9.60
C MET A 73 8.43 4.69 10.27
N PRO A 74 8.44 4.60 11.61
CA PRO A 74 9.67 4.65 12.40
C PRO A 74 10.54 3.43 12.21
N GLY A 75 10.04 2.46 11.45
CA GLY A 75 10.79 1.24 11.21
C GLY A 75 10.81 0.32 12.41
N ARG A 76 9.81 0.44 13.27
CA ARG A 76 9.73 -0.39 14.46
C ARG A 76 9.50 -1.86 14.11
N ILE A 77 8.66 -2.08 13.11
CA ILE A 77 8.36 -3.44 12.67
C ILE A 77 9.16 -3.81 11.42
N GLN A 78 9.49 -5.09 11.30
CA GLN A 78 10.26 -5.58 10.16
C GLN A 78 9.59 -6.79 9.53
N LEU A 79 9.95 -7.09 8.29
CA LEU A 79 9.39 -8.23 7.57
C LEU A 79 10.47 -9.26 7.26
N TRP A 80 10.30 -10.47 7.78
CA TRP A 80 11.25 -11.54 7.56
C TRP A 80 12.67 -11.11 7.95
N GLY A 81 12.78 -10.46 9.10
CA GLY A 81 14.08 -10.00 9.56
C GLY A 81 14.66 -8.92 8.68
N HIS A 82 13.90 -8.51 7.67
CA HIS A 82 14.35 -7.48 6.74
C HIS A 82 13.70 -6.13 7.08
N GLN A 83 14.51 -5.09 7.13
CA GLN A 83 14.01 -3.75 7.43
C GLN A 83 13.07 -3.25 6.35
N ILE A 84 11.91 -2.76 6.76
CA ILE A 84 10.92 -2.25 5.82
C ILE A 84 10.53 -0.81 6.15
N ALA A 85 10.00 -0.10 5.16
CA ALA A 85 9.58 1.28 5.36
C ALA A 85 8.26 1.55 4.66
N VAL A 86 7.44 2.41 5.26
CA VAL A 86 6.14 2.76 4.70
C VAL A 86 6.11 4.22 4.24
N ASP A 87 5.63 4.43 3.02
CA ASP A 87 5.55 5.78 2.47
C ASP A 87 4.28 5.95 1.65
N TRP A 88 3.91 7.20 1.38
CA TRP A 88 2.71 7.50 0.61
C TRP A 88 2.92 7.21 -0.88
N ALA A 89 1.95 6.57 -1.49
CA ALA A 89 2.03 6.23 -2.91
C ALA A 89 1.55 7.38 -3.78
N GLU A 90 1.81 8.60 -3.35
CA GLU A 90 1.41 9.79 -4.08
C GLU A 90 2.44 10.91 -3.94
N PRO A 91 2.71 11.60 -5.05
CA PRO A 91 3.68 12.70 -5.07
C PRO A 91 3.18 13.93 -4.32
N GLU A 92 1.96 14.36 -4.64
CA GLU A 92 1.37 15.52 -3.99
C GLU A 92 -0.14 15.52 -4.16
N ILE A 93 -0.85 15.29 -3.06
CA ILE A 93 -2.31 15.26 -3.08
C ILE A 93 -2.90 16.40 -2.25
N ASP A 94 -4.22 16.42 -2.14
CA ASP A 94 -4.90 17.46 -1.38
C ASP A 94 -4.98 17.08 0.10
N VAL A 95 -3.89 16.51 0.61
CA VAL A 95 -3.85 16.10 2.02
C VAL A 95 -3.85 17.30 2.95
N ASP A 96 -3.40 18.44 2.43
CA ASP A 96 -3.37 19.67 3.22
C ASP A 96 -4.77 20.08 3.66
N GLU A 97 -5.76 19.79 2.83
CA GLU A 97 -7.15 20.12 3.15
C GLU A 97 -7.95 18.87 3.47
N ASP A 98 -8.11 18.00 2.46
CA ASP A 98 -8.86 16.76 2.64
C ASP A 98 -7.98 15.54 2.34
N VAL A 99 -7.71 14.75 3.37
CA VAL A 99 -6.87 13.56 3.21
C VAL A 99 -7.73 12.32 2.97
N MET A 100 -8.89 12.29 3.61
CA MET A 100 -9.80 11.16 3.47
C MET A 100 -10.34 11.08 2.04
N GLU A 101 -10.87 9.91 1.68
CA GLU A 101 -11.42 9.69 0.35
C GLU A 101 -12.81 10.31 0.23
N THR A 102 -12.93 11.33 -0.63
CA THR A 102 -14.20 12.00 -0.83
C THR A 102 -14.16 12.88 -2.08
N VAL A 103 -15.27 13.55 -2.36
CA VAL A 103 -15.36 14.43 -3.52
C VAL A 103 -15.08 15.88 -3.15
N SER A 104 -15.85 16.40 -2.20
CA SER A 104 -15.68 17.78 -1.74
C SER A 104 -16.19 17.95 -0.32
N GLY A 105 -15.62 18.92 0.39
CA GLY A 105 -16.03 19.17 1.76
C GLY A 105 -16.86 20.43 1.90
N PRO A 106 -18.18 20.30 1.65
CA PRO A 106 -19.11 21.44 1.74
C PRO A 106 -19.32 21.90 3.18
N SER A 107 -19.17 23.19 3.41
CA SER A 107 -19.34 23.77 4.73
C SER A 107 -20.50 24.75 4.75
N SER A 108 -21.67 24.27 5.17
CA SER A 108 -22.87 25.10 5.24
C SER A 108 -22.95 25.82 6.58
N GLY A 109 -23.65 26.96 6.60
CA GLY A 109 -23.80 27.72 7.81
C GLY A 109 -24.22 29.15 7.55
N GLY A 1 -3.14 11.37 -18.15
CA GLY A 1 -4.54 11.13 -17.87
C GLY A 1 -4.84 11.11 -16.39
N SER A 2 -4.46 10.01 -15.73
CA SER A 2 -4.69 9.87 -14.30
C SER A 2 -3.40 9.49 -13.58
N SER A 3 -3.39 9.68 -12.26
CA SER A 3 -2.23 9.37 -11.45
C SER A 3 -2.61 8.56 -10.23
N GLY A 4 -3.51 9.10 -9.42
CA GLY A 4 -3.96 8.41 -8.23
C GLY A 4 -5.38 8.76 -7.84
N SER A 5 -6.11 7.77 -7.33
CA SER A 5 -7.51 7.99 -6.93
C SER A 5 -7.63 8.02 -5.41
N SER A 6 -8.49 8.91 -4.91
CA SER A 6 -8.71 9.04 -3.47
C SER A 6 -9.28 7.76 -2.88
N GLY A 7 -10.38 7.28 -3.47
CA GLY A 7 -11.00 6.05 -2.99
C GLY A 7 -10.00 4.97 -2.69
N ASN A 8 -9.28 4.53 -3.72
CA ASN A 8 -8.28 3.48 -3.56
C ASN A 8 -7.10 3.97 -2.73
N CYS A 9 -6.67 3.14 -1.79
CA CYS A 9 -5.54 3.49 -0.92
C CYS A 9 -4.49 2.40 -0.92
N ARG A 10 -3.23 2.79 -1.07
CA ARG A 10 -2.13 1.84 -1.08
C ARG A 10 -0.88 2.42 -0.42
N LEU A 11 -0.21 1.60 0.38
CA LEU A 11 0.99 2.04 1.07
C LEU A 11 2.25 1.60 0.33
N PHE A 12 3.24 2.48 0.30
CA PHE A 12 4.50 2.17 -0.38
C PHE A 12 5.48 1.48 0.56
N ILE A 13 5.64 0.18 0.37
CA ILE A 13 6.54 -0.61 1.21
C ILE A 13 7.85 -0.90 0.48
N GLY A 14 8.95 -0.42 1.03
CA GLY A 14 10.25 -0.64 0.42
C GLY A 14 11.24 -1.29 1.37
N GLY A 15 12.09 -2.15 0.83
CA GLY A 15 13.08 -2.84 1.66
C GLY A 15 12.66 -4.26 1.99
N ILE A 16 12.04 -4.93 1.03
CA ILE A 16 11.59 -6.30 1.23
C ILE A 16 12.29 -7.26 0.26
N PRO A 17 12.45 -8.52 0.69
CA PRO A 17 13.09 -9.55 -0.13
C PRO A 17 12.25 -9.96 -1.32
N LYS A 18 12.87 -9.98 -2.51
CA LYS A 18 12.17 -10.35 -3.73
C LYS A 18 11.71 -11.80 -3.68
N MET A 19 12.63 -12.69 -3.33
CA MET A 19 12.32 -14.12 -3.24
C MET A 19 10.90 -14.33 -2.75
N LYS A 20 10.46 -13.51 -1.80
CA LYS A 20 9.12 -13.59 -1.25
C LYS A 20 8.06 -13.41 -2.35
N LYS A 21 6.81 -13.67 -2.00
CA LYS A 21 5.71 -13.53 -2.95
C LYS A 21 4.57 -12.72 -2.35
N ARG A 22 3.83 -12.02 -3.19
CA ARG A 22 2.71 -11.20 -2.74
C ARG A 22 1.93 -11.91 -1.65
N GLU A 23 1.72 -13.21 -1.83
CA GLU A 23 0.97 -14.01 -0.86
C GLU A 23 1.59 -13.87 0.54
N GLU A 24 2.90 -14.09 0.61
CA GLU A 24 3.61 -14.00 1.89
C GLU A 24 3.53 -12.58 2.45
N ILE A 25 3.82 -11.59 1.61
CA ILE A 25 3.78 -10.19 2.02
C ILE A 25 2.44 -9.84 2.65
N LEU A 26 1.36 -10.06 1.89
CA LEU A 26 0.03 -9.77 2.36
C LEU A 26 -0.16 -10.25 3.80
N GLU A 27 0.06 -11.54 4.03
CA GLU A 27 -0.08 -12.12 5.36
C GLU A 27 0.71 -11.32 6.38
N GLU A 28 2.00 -11.15 6.13
CA GLU A 28 2.87 -10.41 7.04
C GLU A 28 2.31 -9.01 7.30
N ILE A 29 1.49 -8.53 6.36
CA ILE A 29 0.89 -7.21 6.49
C ILE A 29 -0.41 -7.26 7.27
N ALA A 30 -1.21 -8.31 7.02
CA ALA A 30 -2.48 -8.48 7.71
C ALA A 30 -2.29 -8.48 9.22
N LYS A 31 -1.05 -8.61 9.66
CA LYS A 31 -0.73 -8.63 11.08
C LYS A 31 -0.12 -7.29 11.52
N VAL A 32 0.90 -6.85 10.78
CA VAL A 32 1.57 -5.60 11.09
C VAL A 32 0.62 -4.42 10.92
N THR A 33 -0.34 -4.56 10.02
CA THR A 33 -1.31 -3.50 9.76
C THR A 33 -2.70 -4.07 9.53
N GLU A 34 -3.63 -3.74 10.42
CA GLU A 34 -5.00 -4.22 10.31
C GLU A 34 -5.84 -3.29 9.44
N GLY A 35 -6.51 -3.87 8.45
CA GLY A 35 -7.34 -3.09 7.55
C GLY A 35 -6.89 -3.18 6.11
N VAL A 36 -6.08 -4.19 5.81
CA VAL A 36 -5.58 -4.40 4.45
C VAL A 36 -6.58 -5.20 3.62
N LEU A 37 -6.55 -4.97 2.30
CA LEU A 37 -7.46 -5.66 1.39
C LEU A 37 -6.70 -6.66 0.53
N ASP A 38 -5.62 -6.20 -0.09
CA ASP A 38 -4.80 -7.05 -0.94
C ASP A 38 -3.44 -6.41 -1.21
N VAL A 39 -2.49 -7.22 -1.67
CA VAL A 39 -1.15 -6.73 -1.97
C VAL A 39 -0.84 -6.86 -3.46
N ILE A 40 -0.04 -5.93 -3.97
CA ILE A 40 0.33 -5.94 -5.38
C ILE A 40 1.84 -5.81 -5.54
N VAL A 41 2.41 -6.63 -6.42
CA VAL A 41 3.85 -6.60 -6.67
C VAL A 41 4.14 -6.58 -8.18
N TYR A 42 4.58 -5.43 -8.67
CA TYR A 42 4.90 -5.27 -10.08
C TYR A 42 5.82 -4.09 -10.31
N ALA A 43 6.47 -4.06 -11.48
CA ALA A 43 7.38 -2.98 -11.82
C ALA A 43 7.76 -3.03 -13.29
N SER A 44 8.56 -2.06 -13.73
CA SER A 44 8.99 -1.99 -15.12
C SER A 44 9.21 -3.39 -15.68
N ALA A 45 10.04 -4.18 -15.02
CA ALA A 45 10.33 -5.53 -15.45
C ALA A 45 9.46 -6.55 -14.71
N ALA A 46 9.78 -6.79 -13.44
CA ALA A 46 9.02 -7.73 -12.63
C ALA A 46 9.48 -7.68 -11.17
N ASP A 47 8.56 -7.31 -10.29
CA ASP A 47 8.87 -7.22 -8.86
C ASP A 47 10.25 -6.62 -8.64
N LYS A 48 10.66 -5.75 -9.55
CA LYS A 48 11.97 -5.09 -9.46
C LYS A 48 13.06 -6.11 -9.11
N MET A 49 13.11 -7.19 -9.89
CA MET A 49 14.11 -8.23 -9.67
C MET A 49 15.51 -7.63 -9.58
N LYS A 50 15.78 -6.64 -10.44
CA LYS A 50 17.08 -5.99 -10.46
C LYS A 50 17.10 -4.79 -9.52
N ASN A 51 15.98 -4.09 -9.44
CA ASN A 51 15.88 -2.91 -8.57
C ASN A 51 15.58 -3.34 -7.13
N ARG A 52 15.58 -2.35 -6.22
CA ARG A 52 15.31 -2.62 -4.82
C ARG A 52 13.97 -3.31 -4.64
N GLY A 53 13.88 -4.19 -3.64
CA GLY A 53 12.64 -4.90 -3.39
C GLY A 53 11.56 -4.00 -2.81
N PHE A 54 10.34 -4.15 -3.31
CA PHE A 54 9.22 -3.34 -2.84
C PHE A 54 7.90 -4.07 -3.05
N ALA A 55 6.84 -3.55 -2.45
CA ALA A 55 5.52 -4.15 -2.56
C ALA A 55 4.42 -3.14 -2.28
N PHE A 56 3.25 -3.36 -2.86
CA PHE A 56 2.11 -2.47 -2.66
C PHE A 56 1.09 -3.08 -1.71
N VAL A 57 0.60 -2.27 -0.78
CA VAL A 57 -0.38 -2.73 0.20
C VAL A 57 -1.66 -1.91 0.11
N GLU A 58 -2.68 -2.48 -0.52
CA GLU A 58 -3.97 -1.81 -0.68
C GLU A 58 -4.82 -1.97 0.57
N TYR A 59 -5.43 -0.88 1.01
CA TYR A 59 -6.28 -0.90 2.19
C TYR A 59 -7.71 -0.47 1.85
N GLU A 60 -8.69 -1.23 2.36
CA GLU A 60 -10.09 -0.94 2.11
C GLU A 60 -10.42 0.50 2.52
N SER A 61 -10.01 0.88 3.73
CA SER A 61 -10.27 2.21 4.23
C SER A 61 -9.03 3.09 4.10
N HIS A 62 -9.19 4.25 3.44
CA HIS A 62 -8.09 5.18 3.24
C HIS A 62 -7.34 5.42 4.56
N ARG A 63 -8.06 5.33 5.67
CA ARG A 63 -7.47 5.55 6.98
C ARG A 63 -6.61 4.36 7.38
N ALA A 64 -7.13 3.16 7.17
CA ALA A 64 -6.40 1.94 7.51
C ALA A 64 -4.96 2.00 7.02
N ALA A 65 -4.73 2.76 5.96
CA ALA A 65 -3.40 2.91 5.40
C ALA A 65 -2.65 4.07 6.06
N ALA A 66 -3.36 5.17 6.30
CA ALA A 66 -2.78 6.34 6.93
C ALA A 66 -2.26 6.02 8.32
N MET A 67 -3.01 5.21 9.06
CA MET A 67 -2.64 4.82 10.40
C MET A 67 -1.73 3.60 10.39
N ALA A 68 -1.73 2.88 9.28
CA ALA A 68 -0.90 1.69 9.14
C ALA A 68 0.55 2.06 8.90
N ARG A 69 0.78 3.09 8.09
CA ARG A 69 2.13 3.55 7.78
C ARG A 69 2.79 4.16 9.02
N ARG A 70 2.05 5.04 9.69
CA ARG A 70 2.55 5.71 10.89
C ARG A 70 3.09 4.69 11.89
N LYS A 71 2.71 3.43 11.71
CA LYS A 71 3.15 2.36 12.59
C LYS A 71 4.47 1.76 12.12
N LEU A 72 4.61 1.63 10.81
CA LEU A 72 5.82 1.07 10.22
C LEU A 72 6.72 2.19 9.69
N MET A 73 6.29 3.42 9.86
CA MET A 73 7.06 4.58 9.40
C MET A 73 8.45 4.59 10.04
N PRO A 74 8.48 4.50 11.38
CA PRO A 74 9.73 4.51 12.14
C PRO A 74 10.54 3.23 11.94
N GLY A 75 10.04 2.36 11.06
CA GLY A 75 10.74 1.11 10.80
C GLY A 75 10.80 0.21 12.01
N ARG A 76 9.93 0.47 12.99
CA ARG A 76 9.89 -0.32 14.21
C ARG A 76 9.60 -1.79 13.90
N ILE A 77 8.77 -2.01 12.88
CA ILE A 77 8.41 -3.37 12.48
C ILE A 77 9.24 -3.84 11.29
N GLN A 78 9.57 -5.12 11.28
CA GLN A 78 10.37 -5.69 10.19
C GLN A 78 9.69 -6.92 9.61
N LEU A 79 9.92 -7.17 8.33
CA LEU A 79 9.34 -8.32 7.65
C LEU A 79 10.39 -9.37 7.33
N TRP A 80 10.25 -10.54 7.94
CA TRP A 80 11.20 -11.63 7.73
C TRP A 80 12.61 -11.21 8.10
N GLY A 81 12.73 -10.45 9.20
CA GLY A 81 14.03 -10.00 9.64
C GLY A 81 14.61 -8.92 8.74
N HIS A 82 13.84 -8.51 7.75
CA HIS A 82 14.29 -7.49 6.81
C HIS A 82 13.62 -6.14 7.12
N GLN A 83 14.42 -5.08 7.17
CA GLN A 83 13.91 -3.75 7.45
C GLN A 83 13.00 -3.27 6.34
N ILE A 84 11.90 -2.63 6.71
CA ILE A 84 10.94 -2.11 5.74
C ILE A 84 10.59 -0.66 6.03
N ALA A 85 10.18 0.07 5.00
CA ALA A 85 9.80 1.47 5.15
C ALA A 85 8.49 1.77 4.42
N VAL A 86 7.64 2.57 5.04
CA VAL A 86 6.36 2.93 4.45
C VAL A 86 6.38 4.37 3.93
N ASP A 87 5.85 4.56 2.74
CA ASP A 87 5.80 5.88 2.13
C ASP A 87 4.45 6.12 1.44
N TRP A 88 4.06 7.39 1.38
CA TRP A 88 2.80 7.75 0.75
C TRP A 88 2.85 7.56 -0.76
N ALA A 89 2.25 6.46 -1.23
CA ALA A 89 2.23 6.15 -2.65
C ALA A 89 2.12 7.42 -3.49
N GLU A 90 1.19 8.29 -3.12
CA GLU A 90 0.98 9.54 -3.84
C GLU A 90 1.44 10.73 -3.00
N PRO A 91 2.10 11.70 -3.65
CA PRO A 91 2.61 12.90 -2.99
C PRO A 91 1.48 13.84 -2.55
N GLU A 92 0.59 14.16 -3.49
CA GLU A 92 -0.53 15.05 -3.20
C GLU A 92 -1.82 14.49 -3.80
N ILE A 93 -2.58 13.77 -2.98
CA ILE A 93 -3.84 13.20 -3.42
C ILE A 93 -4.99 14.18 -3.26
N ASP A 94 -6.19 13.77 -3.67
CA ASP A 94 -7.37 14.61 -3.56
C ASP A 94 -8.09 14.37 -2.24
N VAL A 95 -7.33 14.11 -1.18
CA VAL A 95 -7.89 13.86 0.13
C VAL A 95 -8.38 15.15 0.78
N ASP A 96 -7.60 16.22 0.60
CA ASP A 96 -7.95 17.52 1.17
C ASP A 96 -9.29 18.01 0.63
N GLU A 97 -9.59 17.64 -0.61
CA GLU A 97 -10.85 18.05 -1.24
C GLU A 97 -11.90 16.96 -1.09
N ASP A 98 -11.55 15.74 -1.48
CA ASP A 98 -12.46 14.61 -1.39
C ASP A 98 -11.76 13.39 -0.81
N VAL A 99 -11.95 13.16 0.49
CA VAL A 99 -11.33 12.03 1.17
C VAL A 99 -12.32 10.86 1.31
N MET A 100 -13.57 11.20 1.64
CA MET A 100 -14.61 10.18 1.79
C MET A 100 -15.36 9.98 0.48
N GLU A 101 -16.31 9.04 0.50
CA GLU A 101 -17.11 8.74 -0.69
C GLU A 101 -18.58 9.08 -0.45
N THR A 102 -19.27 9.49 -1.52
CA THR A 102 -20.67 9.85 -1.43
C THR A 102 -21.47 9.27 -2.59
N VAL A 103 -22.78 9.43 -2.56
CA VAL A 103 -23.65 8.93 -3.61
C VAL A 103 -24.50 10.05 -4.20
N SER A 104 -24.39 10.23 -5.52
CA SER A 104 -25.15 11.27 -6.20
C SER A 104 -26.04 10.67 -7.30
N GLY A 105 -27.33 10.90 -7.19
CA GLY A 105 -28.26 10.37 -8.18
C GLY A 105 -29.07 9.20 -7.64
N PRO A 106 -30.16 9.50 -6.93
CA PRO A 106 -31.04 8.48 -6.35
C PRO A 106 -31.82 7.72 -7.42
N SER A 107 -31.79 6.39 -7.34
CA SER A 107 -32.50 5.55 -8.29
C SER A 107 -33.38 4.52 -7.57
N SER A 108 -34.68 4.56 -7.86
CA SER A 108 -35.62 3.64 -7.24
C SER A 108 -35.34 2.21 -7.68
N GLY A 109 -35.69 1.25 -6.82
CA GLY A 109 -35.48 -0.15 -7.14
C GLY A 109 -34.00 -0.50 -7.21
N GLY A 1 -8.47 12.74 6.48
CA GLY A 1 -9.21 11.63 7.09
C GLY A 1 -9.99 10.83 6.06
N SER A 2 -10.69 9.82 6.53
CA SER A 2 -11.49 8.96 5.66
C SER A 2 -12.39 9.80 4.74
N SER A 3 -12.40 9.46 3.47
CA SER A 3 -13.21 10.18 2.50
C SER A 3 -13.35 9.39 1.19
N GLY A 4 -14.32 9.77 0.37
CA GLY A 4 -14.52 9.08 -0.90
C GLY A 4 -13.51 9.49 -1.95
N SER A 5 -13.22 10.79 -2.01
CA SER A 5 -12.27 11.31 -2.99
C SER A 5 -11.03 10.40 -3.08
N SER A 6 -10.43 10.13 -1.93
CA SER A 6 -9.23 9.28 -1.89
C SER A 6 -9.48 7.95 -2.61
N GLY A 7 -10.55 7.27 -2.22
CA GLY A 7 -10.88 6.00 -2.83
C GLY A 7 -9.85 4.93 -2.53
N ASN A 8 -9.16 4.46 -3.56
CA ASN A 8 -8.15 3.42 -3.39
C ASN A 8 -6.95 3.95 -2.59
N CYS A 9 -6.52 3.17 -1.61
CA CYS A 9 -5.38 3.56 -0.78
C CYS A 9 -4.33 2.46 -0.75
N ARG A 10 -3.13 2.79 -1.22
CA ARG A 10 -2.03 1.83 -1.26
C ARG A 10 -0.80 2.39 -0.55
N LEU A 11 -0.16 1.56 0.25
CA LEU A 11 1.04 1.96 0.99
C LEU A 11 2.30 1.56 0.24
N PHE A 12 3.27 2.47 0.21
CA PHE A 12 4.54 2.21 -0.48
C PHE A 12 5.51 1.47 0.44
N ILE A 13 5.66 0.17 0.21
CA ILE A 13 6.57 -0.64 1.02
C ILE A 13 7.88 -0.90 0.29
N GLY A 14 8.98 -0.41 0.86
CA GLY A 14 10.28 -0.61 0.26
C GLY A 14 11.29 -1.19 1.22
N GLY A 15 12.07 -2.16 0.74
CA GLY A 15 13.06 -2.78 1.58
C GLY A 15 12.75 -4.25 1.88
N ILE A 16 11.64 -4.72 1.34
CA ILE A 16 11.23 -6.11 1.55
C ILE A 16 12.02 -7.05 0.66
N PRO A 17 12.30 -8.26 1.19
CA PRO A 17 13.05 -9.28 0.45
C PRO A 17 12.26 -9.86 -0.72
N LYS A 18 12.82 -9.75 -1.92
CA LYS A 18 12.17 -10.26 -3.12
C LYS A 18 11.87 -11.75 -2.98
N MET A 19 12.76 -12.47 -2.29
CA MET A 19 12.59 -13.90 -2.09
C MET A 19 11.14 -14.23 -1.72
N LYS A 20 10.43 -13.24 -1.20
CA LYS A 20 9.04 -13.42 -0.81
C LYS A 20 8.10 -13.21 -2.00
N LYS A 21 6.80 -13.30 -1.75
CA LYS A 21 5.81 -13.12 -2.80
C LYS A 21 4.60 -12.36 -2.27
N ARG A 22 3.87 -11.69 -3.17
CA ARG A 22 2.69 -10.93 -2.79
C ARG A 22 1.83 -11.72 -1.80
N GLU A 23 1.71 -13.01 -2.03
CA GLU A 23 0.92 -13.87 -1.16
C GLU A 23 1.47 -13.87 0.25
N GLU A 24 2.80 -13.87 0.37
CA GLU A 24 3.46 -13.87 1.67
C GLU A 24 3.40 -12.48 2.30
N ILE A 25 3.72 -11.47 1.52
CA ILE A 25 3.70 -10.09 2.00
C ILE A 25 2.37 -9.75 2.65
N LEU A 26 1.29 -9.97 1.92
CA LEU A 26 -0.06 -9.70 2.42
C LEU A 26 -0.20 -10.19 3.85
N GLU A 27 -0.04 -11.51 4.04
CA GLU A 27 -0.16 -12.11 5.37
C GLU A 27 0.68 -11.35 6.39
N GLU A 28 1.95 -11.12 6.05
CA GLU A 28 2.85 -10.40 6.94
C GLU A 28 2.37 -8.99 7.19
N ILE A 29 1.43 -8.54 6.36
CA ILE A 29 0.87 -7.19 6.50
C ILE A 29 -0.42 -7.20 7.31
N ALA A 30 -1.24 -8.22 7.07
CA ALA A 30 -2.51 -8.36 7.78
C ALA A 30 -2.30 -8.34 9.29
N LYS A 31 -1.05 -8.48 9.72
CA LYS A 31 -0.72 -8.47 11.13
C LYS A 31 -0.10 -7.14 11.55
N VAL A 32 0.93 -6.71 10.81
CA VAL A 32 1.61 -5.46 11.10
C VAL A 32 0.69 -4.27 10.85
N THR A 33 -0.32 -4.48 10.01
CA THR A 33 -1.28 -3.42 9.68
C THR A 33 -2.67 -4.00 9.47
N GLU A 34 -3.57 -3.70 10.40
CA GLU A 34 -4.95 -4.19 10.31
C GLU A 34 -5.80 -3.26 9.44
N GLY A 35 -6.47 -3.83 8.45
CA GLY A 35 -7.31 -3.05 7.56
C GLY A 35 -6.89 -3.16 6.11
N VAL A 36 -6.04 -4.15 5.81
CA VAL A 36 -5.57 -4.36 4.46
C VAL A 36 -6.58 -5.17 3.64
N LEU A 37 -6.53 -5.01 2.32
CA LEU A 37 -7.44 -5.72 1.43
C LEU A 37 -6.68 -6.72 0.57
N ASP A 38 -5.61 -6.25 -0.06
CA ASP A 38 -4.79 -7.10 -0.92
C ASP A 38 -3.44 -6.45 -1.19
N VAL A 39 -2.44 -7.28 -1.52
CA VAL A 39 -1.10 -6.79 -1.80
C VAL A 39 -0.72 -7.05 -3.26
N ILE A 40 -0.10 -6.06 -3.88
CA ILE A 40 0.31 -6.17 -5.28
C ILE A 40 1.84 -6.15 -5.40
N VAL A 41 2.37 -6.98 -6.28
CA VAL A 41 3.81 -7.07 -6.51
C VAL A 41 4.16 -6.84 -7.97
N TYR A 42 4.61 -5.63 -8.28
CA TYR A 42 4.97 -5.27 -9.65
C TYR A 42 6.04 -4.18 -9.66
N ALA A 43 6.70 -4.02 -10.80
CA ALA A 43 7.74 -3.01 -10.95
C ALA A 43 8.23 -2.93 -12.39
N SER A 44 9.24 -2.10 -12.62
CA SER A 44 9.80 -1.93 -13.96
C SER A 44 9.78 -3.25 -14.73
N ALA A 45 10.18 -4.32 -14.05
CA ALA A 45 10.21 -5.64 -14.66
C ALA A 45 9.20 -6.57 -14.02
N ALA A 46 8.98 -7.73 -14.64
CA ALA A 46 8.03 -8.70 -14.13
C ALA A 46 8.33 -9.06 -12.67
N ASP A 47 7.37 -9.68 -12.00
CA ASP A 47 7.54 -10.07 -10.61
C ASP A 47 8.39 -11.33 -10.50
N LYS A 48 9.62 -11.27 -11.00
CA LYS A 48 10.52 -12.40 -10.95
C LYS A 48 11.45 -12.32 -9.74
N MET A 49 12.16 -13.41 -9.47
CA MET A 49 13.08 -13.45 -8.34
C MET A 49 14.06 -12.28 -8.39
N LYS A 50 14.17 -11.65 -9.55
CA LYS A 50 15.07 -10.52 -9.73
C LYS A 50 14.29 -9.21 -9.77
N ASN A 51 13.09 -9.22 -9.19
CA ASN A 51 12.26 -8.03 -9.18
C ASN A 51 12.73 -7.05 -8.10
N ARG A 52 12.12 -5.87 -8.09
CA ARG A 52 12.48 -4.85 -7.11
C ARG A 52 12.10 -5.28 -5.69
N GLY A 53 12.80 -4.74 -4.71
CA GLY A 53 12.52 -5.09 -3.32
C GLY A 53 11.43 -4.24 -2.72
N PHE A 54 10.30 -4.15 -3.40
CA PHE A 54 9.17 -3.35 -2.93
C PHE A 54 7.85 -4.10 -3.14
N ALA A 55 6.79 -3.57 -2.54
CA ALA A 55 5.47 -4.19 -2.66
C ALA A 55 4.37 -3.18 -2.35
N PHE A 56 3.20 -3.38 -2.95
CA PHE A 56 2.06 -2.49 -2.73
C PHE A 56 1.08 -3.09 -1.73
N VAL A 57 0.55 -2.25 -0.85
CA VAL A 57 -0.40 -2.70 0.16
C VAL A 57 -1.69 -1.89 0.09
N GLU A 58 -2.72 -2.46 -0.53
CA GLU A 58 -4.00 -1.79 -0.67
C GLU A 58 -4.86 -1.99 0.60
N TYR A 59 -5.48 -0.92 1.05
CA TYR A 59 -6.33 -0.97 2.24
C TYR A 59 -7.77 -0.58 1.91
N GLU A 60 -8.72 -1.33 2.45
CA GLU A 60 -10.13 -1.06 2.22
C GLU A 60 -10.49 0.37 2.60
N SER A 61 -10.02 0.79 3.77
CA SER A 61 -10.28 2.15 4.26
C SER A 61 -9.04 3.01 4.17
N HIS A 62 -9.14 4.12 3.44
CA HIS A 62 -8.03 5.04 3.26
C HIS A 62 -7.35 5.32 4.60
N ARG A 63 -8.09 5.15 5.68
CA ARG A 63 -7.57 5.40 7.02
C ARG A 63 -6.65 4.26 7.47
N ALA A 64 -7.10 3.03 7.22
CA ALA A 64 -6.32 1.85 7.58
C ALA A 64 -4.88 1.97 7.10
N ALA A 65 -4.68 2.67 5.98
CA ALA A 65 -3.35 2.85 5.42
C ALA A 65 -2.63 4.01 6.10
N ALA A 66 -3.35 5.09 6.35
CA ALA A 66 -2.78 6.27 6.99
C ALA A 66 -2.22 5.92 8.37
N MET A 67 -3.02 5.21 9.16
CA MET A 67 -2.61 4.82 10.50
C MET A 67 -1.62 3.66 10.44
N ALA A 68 -1.72 2.84 9.41
CA ALA A 68 -0.83 1.70 9.23
C ALA A 68 0.60 2.16 9.00
N ARG A 69 0.79 3.03 8.01
CA ARG A 69 2.12 3.54 7.68
C ARG A 69 2.74 4.22 8.89
N ARG A 70 1.94 4.95 9.64
CA ARG A 70 2.42 5.65 10.83
C ARG A 70 2.94 4.66 11.86
N LYS A 71 2.71 3.38 11.63
CA LYS A 71 3.17 2.33 12.54
C LYS A 71 4.44 1.69 12.03
N LEU A 72 4.66 1.75 10.72
CA LEU A 72 5.85 1.17 10.12
C LEU A 72 6.76 2.26 9.55
N MET A 73 6.36 3.51 9.73
CA MET A 73 7.13 4.64 9.24
C MET A 73 8.52 4.65 9.88
N PRO A 74 8.56 4.59 11.22
CA PRO A 74 9.82 4.59 11.98
C PRO A 74 10.62 3.30 11.78
N GLY A 75 10.05 2.36 11.02
CA GLY A 75 10.73 1.11 10.77
C GLY A 75 10.85 0.26 12.02
N ARG A 76 9.91 0.43 12.94
CA ARG A 76 9.92 -0.33 14.19
C ARG A 76 9.65 -1.81 13.93
N ILE A 77 8.82 -2.09 12.92
CA ILE A 77 8.49 -3.46 12.57
C ILE A 77 9.31 -3.94 11.38
N GLN A 78 9.79 -5.19 11.47
CA GLN A 78 10.59 -5.77 10.40
C GLN A 78 9.90 -7.00 9.81
N LEU A 79 9.99 -7.14 8.50
CA LEU A 79 9.37 -8.27 7.82
C LEU A 79 10.42 -9.34 7.47
N TRP A 80 10.24 -10.53 8.02
CA TRP A 80 11.15 -11.64 7.77
C TRP A 80 12.56 -11.28 8.25
N GLY A 81 12.65 -10.53 9.35
CA GLY A 81 13.94 -10.14 9.88
C GLY A 81 14.58 -9.03 9.07
N HIS A 82 13.88 -8.56 8.05
CA HIS A 82 14.39 -7.49 7.19
C HIS A 82 13.64 -6.20 7.44
N GLN A 83 14.39 -5.09 7.49
CA GLN A 83 13.78 -3.78 7.71
C GLN A 83 12.93 -3.35 6.52
N ILE A 84 11.95 -2.49 6.77
CA ILE A 84 11.08 -2.01 5.72
C ILE A 84 10.68 -0.56 5.96
N ALA A 85 10.31 0.14 4.88
CA ALA A 85 9.90 1.53 4.98
C ALA A 85 8.54 1.75 4.33
N VAL A 86 7.70 2.54 4.99
CA VAL A 86 6.37 2.84 4.48
C VAL A 86 6.23 4.30 4.09
N ASP A 87 5.95 4.55 2.83
CA ASP A 87 5.79 5.91 2.32
C ASP A 87 4.44 6.09 1.64
N TRP A 88 4.03 7.34 1.46
CA TRP A 88 2.76 7.65 0.82
C TRP A 88 2.85 7.47 -0.69
N ALA A 89 2.33 6.34 -1.18
CA ALA A 89 2.35 6.05 -2.60
C ALA A 89 1.98 7.28 -3.42
N GLU A 90 0.72 7.67 -3.36
CA GLU A 90 0.24 8.84 -4.10
C GLU A 90 -0.90 9.52 -3.36
N PRO A 91 -0.89 10.86 -3.35
CA PRO A 91 -1.92 11.66 -2.68
C PRO A 91 -3.27 11.58 -3.39
N GLU A 92 -3.26 11.80 -4.70
CA GLU A 92 -4.49 11.76 -5.48
C GLU A 92 -4.17 11.69 -6.97
N ILE A 93 -4.37 10.51 -7.57
CA ILE A 93 -4.10 10.31 -8.99
C ILE A 93 -5.40 10.24 -9.77
N ASP A 94 -5.28 10.01 -11.09
CA ASP A 94 -6.44 9.91 -11.95
C ASP A 94 -6.89 8.47 -12.11
N VAL A 95 -6.78 7.69 -11.03
CA VAL A 95 -7.16 6.29 -11.06
C VAL A 95 -8.50 6.10 -11.76
N ASP A 96 -9.32 7.15 -11.76
CA ASP A 96 -10.63 7.10 -12.40
C ASP A 96 -10.51 6.69 -13.86
N GLU A 97 -9.57 7.32 -14.58
CA GLU A 97 -9.35 7.01 -15.98
C GLU A 97 -8.45 5.79 -16.14
N ASP A 98 -7.34 5.78 -15.42
CA ASP A 98 -6.40 4.68 -15.48
C ASP A 98 -5.78 4.40 -14.12
N VAL A 99 -5.99 3.19 -13.61
CA VAL A 99 -5.45 2.81 -12.31
C VAL A 99 -4.54 1.59 -12.43
N MET A 100 -4.79 0.76 -13.44
CA MET A 100 -3.98 -0.43 -13.66
C MET A 100 -2.88 -0.17 -14.69
N GLU A 101 -1.87 -1.02 -14.69
CA GLU A 101 -0.75 -0.87 -15.61
C GLU A 101 -0.99 -1.69 -16.89
N THR A 102 -1.58 -1.05 -17.89
CA THR A 102 -1.87 -1.70 -19.16
C THR A 102 -1.10 -1.06 -20.31
N VAL A 103 -0.99 -1.78 -21.42
CA VAL A 103 -0.28 -1.27 -22.59
C VAL A 103 -1.05 -0.14 -23.25
N SER A 104 -0.37 0.99 -23.46
CA SER A 104 -0.99 2.15 -24.08
C SER A 104 0.06 3.20 -24.43
N GLY A 105 0.01 3.69 -25.67
CA GLY A 105 0.97 4.69 -26.11
C GLY A 105 0.81 5.03 -27.57
N PRO A 106 -0.36 5.57 -27.93
CA PRO A 106 -0.67 5.95 -29.31
C PRO A 106 0.13 7.16 -29.77
N SER A 107 -0.17 7.66 -30.96
CA SER A 107 0.52 8.81 -31.52
C SER A 107 -0.10 10.11 -31.01
N SER A 108 0.33 10.54 -29.82
CA SER A 108 -0.18 11.77 -29.22
C SER A 108 0.78 12.93 -29.44
N GLY A 109 0.49 13.75 -30.45
CA GLY A 109 1.34 14.88 -30.74
C GLY A 109 0.89 15.63 -31.99
N GLY A 1 1.12 6.43 -16.64
CA GLY A 1 0.29 7.13 -15.68
C GLY A 1 -0.58 8.20 -16.33
N SER A 2 -1.83 8.28 -15.90
CA SER A 2 -2.76 9.25 -16.46
C SER A 2 -3.73 9.74 -15.38
N SER A 3 -4.32 10.91 -15.62
CA SER A 3 -5.27 11.49 -14.66
C SER A 3 -6.60 10.75 -14.70
N GLY A 4 -7.24 10.64 -13.55
CA GLY A 4 -8.52 9.94 -13.47
C GLY A 4 -9.11 9.98 -12.07
N SER A 5 -10.21 9.26 -11.88
CA SER A 5 -10.87 9.21 -10.58
C SER A 5 -9.92 8.70 -9.50
N SER A 6 -10.06 9.25 -8.30
CA SER A 6 -9.22 8.86 -7.17
C SER A 6 -10.05 8.23 -6.06
N GLY A 7 -9.42 7.38 -5.26
CA GLY A 7 -10.11 6.72 -4.17
C GLY A 7 -9.28 5.63 -3.52
N ASN A 8 -8.95 4.60 -4.30
CA ASN A 8 -8.16 3.49 -3.79
C ASN A 8 -6.97 4.00 -2.98
N CYS A 9 -6.60 3.24 -1.95
CA CYS A 9 -5.48 3.62 -1.10
C CYS A 9 -4.44 2.50 -1.05
N ARG A 10 -3.19 2.85 -1.32
CA ARG A 10 -2.10 1.88 -1.32
C ARG A 10 -0.89 2.43 -0.57
N LEU A 11 -0.27 1.57 0.23
CA LEU A 11 0.90 1.97 1.00
C LEU A 11 2.19 1.52 0.31
N PHE A 12 3.20 2.38 0.33
CA PHE A 12 4.48 2.08 -0.30
C PHE A 12 5.38 1.29 0.67
N ILE A 13 5.47 -0.01 0.46
CA ILE A 13 6.29 -0.87 1.30
C ILE A 13 7.62 -1.20 0.63
N GLY A 14 8.68 -0.52 1.05
CA GLY A 14 9.98 -0.75 0.48
C GLY A 14 10.94 -1.41 1.46
N GLY A 15 11.93 -2.13 0.94
CA GLY A 15 12.89 -2.79 1.79
C GLY A 15 12.43 -4.16 2.25
N ILE A 16 12.28 -5.08 1.30
CA ILE A 16 11.84 -6.44 1.61
C ILE A 16 12.54 -7.46 0.74
N PRO A 17 12.66 -8.69 1.26
CA PRO A 17 13.32 -9.78 0.55
C PRO A 17 12.52 -10.26 -0.66
N LYS A 18 13.22 -10.61 -1.73
CA LYS A 18 12.58 -11.08 -2.95
C LYS A 18 12.11 -12.52 -2.80
N MET A 19 12.93 -13.35 -2.17
CA MET A 19 12.59 -14.75 -1.95
C MET A 19 11.11 -14.91 -1.61
N LYS A 20 10.52 -13.86 -1.05
CA LYS A 20 9.10 -13.88 -0.69
C LYS A 20 8.23 -13.73 -1.92
N LYS A 21 6.92 -13.63 -1.70
CA LYS A 21 5.97 -13.48 -2.79
C LYS A 21 4.81 -12.56 -2.39
N ARG A 22 4.14 -11.99 -3.38
CA ARG A 22 3.03 -11.09 -3.14
C ARG A 22 2.04 -11.71 -2.14
N GLU A 23 1.83 -13.02 -2.27
CA GLU A 23 0.91 -13.73 -1.40
C GLU A 23 1.44 -13.78 0.03
N GLU A 24 2.75 -13.99 0.16
CA GLU A 24 3.37 -14.06 1.48
C GLU A 24 3.40 -12.69 2.14
N ILE A 25 3.81 -11.68 1.38
CA ILE A 25 3.87 -10.31 1.89
C ILE A 25 2.55 -9.90 2.52
N LEU A 26 1.45 -10.13 1.81
CA LEU A 26 0.13 -9.79 2.31
C LEU A 26 -0.02 -10.17 3.78
N GLU A 27 0.14 -11.46 4.06
CA GLU A 27 0.02 -11.97 5.42
C GLU A 27 0.86 -11.13 6.38
N GLU A 28 2.17 -11.12 6.16
CA GLU A 28 3.08 -10.36 7.00
C GLU A 28 2.54 -8.95 7.26
N ILE A 29 1.73 -8.45 6.34
CA ILE A 29 1.14 -7.13 6.47
C ILE A 29 -0.17 -7.18 7.24
N ALA A 30 -0.97 -8.20 6.98
CA ALA A 30 -2.25 -8.37 7.65
C ALA A 30 -2.07 -8.38 9.16
N LYS A 31 -0.83 -8.51 9.62
CA LYS A 31 -0.52 -8.53 11.04
C LYS A 31 0.06 -7.20 11.49
N VAL A 32 1.07 -6.72 10.75
CA VAL A 32 1.72 -5.46 11.08
C VAL A 32 0.75 -4.29 10.94
N THR A 33 -0.19 -4.42 9.99
CA THR A 33 -1.18 -3.37 9.75
C THR A 33 -2.55 -3.96 9.49
N GLU A 34 -3.50 -3.68 10.38
CA GLU A 34 -4.85 -4.19 10.25
C GLU A 34 -5.69 -3.27 9.37
N GLY A 35 -6.32 -3.85 8.35
CA GLY A 35 -7.14 -3.06 7.45
C GLY A 35 -6.71 -3.18 6.00
N VAL A 36 -5.85 -4.16 5.73
CA VAL A 36 -5.36 -4.38 4.38
C VAL A 36 -6.34 -5.23 3.57
N LEU A 37 -6.58 -4.82 2.33
CA LEU A 37 -7.51 -5.54 1.45
C LEU A 37 -6.76 -6.57 0.61
N ASP A 38 -5.70 -6.12 -0.06
CA ASP A 38 -4.90 -7.01 -0.90
C ASP A 38 -3.55 -6.38 -1.23
N VAL A 39 -2.59 -7.21 -1.62
CA VAL A 39 -1.26 -6.74 -1.97
C VAL A 39 -0.99 -6.88 -3.46
N ILE A 40 -0.40 -5.85 -4.06
CA ILE A 40 -0.10 -5.86 -5.49
C ILE A 40 1.41 -5.85 -5.72
N VAL A 41 1.84 -6.49 -6.80
CA VAL A 41 3.25 -6.54 -7.14
C VAL A 41 3.47 -6.35 -8.64
N TYR A 42 4.12 -5.25 -9.00
CA TYR A 42 4.39 -4.94 -10.40
C TYR A 42 5.52 -3.93 -10.53
N ALA A 43 6.51 -4.27 -11.34
CA ALA A 43 7.66 -3.38 -11.55
C ALA A 43 8.01 -3.29 -13.03
N SER A 44 7.54 -2.23 -13.69
CA SER A 44 7.80 -2.03 -15.10
C SER A 44 7.43 -3.27 -15.91
N ALA A 45 6.50 -4.06 -15.38
CA ALA A 45 6.07 -5.28 -16.04
C ALA A 45 4.81 -5.86 -15.38
N ALA A 46 4.37 -7.02 -15.86
CA ALA A 46 3.19 -7.66 -15.31
C ALA A 46 3.25 -7.71 -13.78
N ASP A 47 4.12 -8.57 -13.26
CA ASP A 47 4.28 -8.72 -11.82
C ASP A 47 5.64 -9.32 -11.48
N LYS A 48 6.34 -8.71 -10.54
CA LYS A 48 7.65 -9.19 -10.12
C LYS A 48 7.71 -9.37 -8.60
N MET A 49 7.29 -10.53 -8.14
CA MET A 49 7.29 -10.83 -6.71
C MET A 49 8.45 -11.77 -6.36
N LYS A 50 9.20 -12.19 -7.36
CA LYS A 50 10.33 -13.08 -7.16
C LYS A 50 11.65 -12.32 -7.21
N ASN A 51 11.65 -11.19 -7.91
CA ASN A 51 12.85 -10.37 -8.03
C ASN A 51 12.53 -8.91 -7.78
N ARG A 52 12.12 -8.59 -6.54
CA ARG A 52 11.78 -7.23 -6.18
C ARG A 52 12.00 -7.00 -4.68
N GLY A 53 12.29 -5.76 -4.32
CA GLY A 53 12.51 -5.42 -2.93
C GLY A 53 11.43 -4.52 -2.36
N PHE A 54 10.23 -4.60 -2.91
CA PHE A 54 9.11 -3.79 -2.46
C PHE A 54 7.79 -4.41 -2.88
N ALA A 55 6.70 -3.88 -2.34
CA ALA A 55 5.36 -4.38 -2.66
C ALA A 55 4.29 -3.35 -2.31
N PHE A 56 3.14 -3.44 -2.98
CA PHE A 56 2.05 -2.51 -2.75
C PHE A 56 0.97 -3.16 -1.87
N VAL A 57 0.49 -2.40 -0.89
CA VAL A 57 -0.53 -2.90 0.02
C VAL A 57 -1.76 -1.99 0.00
N GLU A 58 -2.87 -2.51 -0.56
CA GLU A 58 -4.10 -1.75 -0.64
C GLU A 58 -4.89 -1.85 0.65
N TYR A 59 -5.54 -0.76 1.04
CA TYR A 59 -6.33 -0.72 2.26
C TYR A 59 -7.75 -0.25 1.98
N GLU A 60 -8.72 -1.05 2.41
CA GLU A 60 -10.13 -0.72 2.20
C GLU A 60 -10.44 0.68 2.74
N SER A 61 -10.00 0.94 3.96
CA SER A 61 -10.24 2.24 4.60
C SER A 61 -9.09 3.19 4.32
N HIS A 62 -9.41 4.32 3.70
CA HIS A 62 -8.39 5.32 3.36
C HIS A 62 -7.46 5.56 4.55
N ARG A 63 -8.02 5.46 5.76
CA ARG A 63 -7.24 5.66 6.98
C ARG A 63 -6.42 4.42 7.31
N ALA A 64 -7.04 3.25 7.19
CA ALA A 64 -6.37 1.99 7.49
C ALA A 64 -4.94 2.00 6.96
N ALA A 65 -4.71 2.78 5.91
CA ALA A 65 -3.38 2.86 5.32
C ALA A 65 -2.58 4.01 5.93
N ALA A 66 -3.24 5.16 6.10
CA ALA A 66 -2.59 6.32 6.68
C ALA A 66 -2.07 6.02 8.08
N MET A 67 -2.90 5.38 8.89
CA MET A 67 -2.53 5.04 10.26
C MET A 67 -1.65 3.79 10.29
N ALA A 68 -1.74 2.98 9.24
CA ALA A 68 -0.95 1.76 9.14
C ALA A 68 0.53 2.08 8.91
N ARG A 69 0.79 3.21 8.26
CA ARG A 69 2.16 3.63 7.98
C ARG A 69 2.80 4.25 9.22
N ARG A 70 2.00 4.98 9.99
CA ARG A 70 2.48 5.62 11.20
C ARG A 70 3.00 4.60 12.21
N LYS A 71 2.75 3.33 11.91
CA LYS A 71 3.19 2.24 12.79
C LYS A 71 4.48 1.61 12.28
N LEU A 72 4.73 1.76 10.98
CA LEU A 72 5.94 1.21 10.37
C LEU A 72 6.83 2.33 9.81
N MET A 73 6.38 3.56 9.99
CA MET A 73 7.14 4.72 9.50
C MET A 73 8.52 4.78 10.15
N PRO A 74 8.55 4.72 11.49
CA PRO A 74 9.79 4.76 12.26
C PRO A 74 10.63 3.49 12.09
N GLY A 75 10.06 2.50 11.41
CA GLY A 75 10.77 1.26 11.19
C GLY A 75 10.84 0.40 12.43
N ARG A 76 9.84 0.53 13.30
CA ARG A 76 9.79 -0.23 14.53
C ARG A 76 9.58 -1.72 14.24
N ILE A 77 8.77 -2.01 13.22
CA ILE A 77 8.50 -3.40 12.84
C ILE A 77 9.32 -3.80 11.63
N GLN A 78 9.70 -5.07 11.57
CA GLN A 78 10.48 -5.59 10.46
C GLN A 78 9.81 -6.82 9.84
N LEU A 79 10.09 -7.06 8.57
CA LEU A 79 9.52 -8.20 7.87
C LEU A 79 10.59 -9.26 7.59
N TRP A 80 10.36 -10.46 8.12
CA TRP A 80 11.30 -11.55 7.93
C TRP A 80 12.70 -11.15 8.36
N GLY A 81 12.79 -10.34 9.41
CA GLY A 81 14.08 -9.90 9.90
C GLY A 81 14.71 -8.85 9.01
N HIS A 82 13.94 -8.36 8.05
CA HIS A 82 14.44 -7.34 7.12
C HIS A 82 13.76 -6.00 7.38
N GLN A 83 14.56 -4.93 7.38
CA GLN A 83 14.04 -3.59 7.63
C GLN A 83 13.06 -3.18 6.53
N ILE A 84 11.96 -2.56 6.93
CA ILE A 84 10.94 -2.12 5.99
C ILE A 84 10.55 -0.67 6.24
N ALA A 85 10.07 -0.01 5.19
CA ALA A 85 9.64 1.38 5.30
C ALA A 85 8.31 1.61 4.61
N VAL A 86 7.50 2.53 5.16
CA VAL A 86 6.20 2.84 4.59
C VAL A 86 6.15 4.28 4.11
N ASP A 87 5.78 4.47 2.84
CA ASP A 87 5.68 5.80 2.26
C ASP A 87 4.37 5.97 1.51
N TRP A 88 4.04 7.20 1.18
CA TRP A 88 2.80 7.50 0.47
C TRP A 88 2.95 7.22 -1.03
N ALA A 89 2.24 6.19 -1.50
CA ALA A 89 2.29 5.82 -2.91
C ALA A 89 1.97 7.01 -3.81
N GLU A 90 1.22 7.96 -3.27
CA GLU A 90 0.84 9.15 -4.02
C GLU A 90 1.30 10.43 -3.32
N PRO A 91 2.48 10.92 -3.70
CA PRO A 91 3.06 12.12 -3.10
C PRO A 91 2.30 13.38 -3.51
N GLU A 92 2.03 13.52 -4.80
CA GLU A 92 1.30 14.68 -5.31
C GLU A 92 0.10 14.25 -6.13
N ILE A 93 -1.01 13.98 -5.45
CA ILE A 93 -2.23 13.56 -6.11
C ILE A 93 -2.76 14.64 -7.04
N ASP A 94 -3.91 14.39 -7.65
CA ASP A 94 -4.52 15.35 -8.56
C ASP A 94 -5.56 16.19 -7.84
N VAL A 95 -5.27 16.53 -6.58
CA VAL A 95 -6.19 17.33 -5.77
C VAL A 95 -5.91 18.82 -5.95
N ASP A 96 -4.77 19.13 -6.55
CA ASP A 96 -4.38 20.52 -6.79
C ASP A 96 -5.60 21.39 -7.06
N GLU A 97 -6.58 20.82 -7.75
CA GLU A 97 -7.81 21.54 -8.08
C GLU A 97 -9.00 20.93 -7.37
N ASP A 98 -10.20 21.43 -7.67
CA ASP A 98 -11.42 20.93 -7.07
C ASP A 98 -11.32 19.43 -6.77
N VAL A 99 -10.89 19.11 -5.55
CA VAL A 99 -10.75 17.71 -5.15
C VAL A 99 -12.08 16.99 -5.21
N MET A 100 -13.17 17.72 -5.04
CA MET A 100 -14.50 17.15 -5.08
C MET A 100 -14.88 16.74 -6.50
N GLU A 101 -15.94 15.95 -6.63
CA GLU A 101 -16.41 15.50 -7.94
C GLU A 101 -17.41 16.49 -8.53
N THR A 102 -16.88 17.50 -9.21
CA THR A 102 -17.73 18.52 -9.83
C THR A 102 -18.18 18.09 -11.22
N VAL A 103 -19.32 18.63 -11.66
CA VAL A 103 -19.86 18.30 -12.96
C VAL A 103 -18.88 18.64 -14.08
N SER A 104 -19.16 18.16 -15.28
CA SER A 104 -18.29 18.41 -16.42
C SER A 104 -18.99 19.32 -17.44
N GLY A 105 -18.22 20.22 -18.04
CA GLY A 105 -18.79 21.14 -19.02
C GLY A 105 -20.16 21.63 -18.63
N PRO A 106 -20.23 22.48 -17.59
CA PRO A 106 -21.49 23.03 -17.11
C PRO A 106 -22.09 24.04 -18.08
N SER A 107 -22.91 23.54 -18.99
CA SER A 107 -23.55 24.39 -19.99
C SER A 107 -24.58 23.61 -20.80
N SER A 108 -25.75 24.20 -20.99
CA SER A 108 -26.82 23.55 -21.74
C SER A 108 -26.72 23.88 -23.22
N GLY A 109 -26.31 22.89 -24.02
CA GLY A 109 -26.17 23.10 -25.44
C GLY A 109 -25.42 24.37 -25.78
N GLY A 1 -10.17 -5.84 -8.21
CA GLY A 1 -11.02 -5.39 -7.12
C GLY A 1 -12.43 -5.08 -7.58
N SER A 2 -12.86 -3.84 -7.34
CA SER A 2 -14.21 -3.43 -7.73
C SER A 2 -14.15 -2.48 -8.93
N SER A 3 -15.27 -2.38 -9.65
CA SER A 3 -15.37 -1.52 -10.82
C SER A 3 -16.39 -0.42 -10.61
N GLY A 4 -16.01 0.80 -10.98
CA GLY A 4 -16.91 1.93 -10.82
C GLY A 4 -16.42 2.94 -9.80
N SER A 5 -16.48 2.57 -8.53
CA SER A 5 -16.05 3.45 -7.45
C SER A 5 -14.62 3.93 -7.70
N SER A 6 -14.42 5.24 -7.62
CA SER A 6 -13.10 5.83 -7.84
C SER A 6 -12.41 6.10 -6.51
N GLY A 7 -11.09 6.22 -6.56
CA GLY A 7 -10.32 6.49 -5.35
C GLY A 7 -9.66 5.24 -4.80
N ASN A 8 -8.34 5.14 -4.97
CA ASN A 8 -7.59 3.99 -4.48
C ASN A 8 -6.67 4.38 -3.34
N CYS A 9 -6.37 3.43 -2.47
CA CYS A 9 -5.48 3.67 -1.33
C CYS A 9 -4.48 2.54 -1.16
N ARG A 10 -3.20 2.85 -1.31
CA ARG A 10 -2.15 1.85 -1.17
C ARG A 10 -0.92 2.45 -0.50
N LEU A 11 -0.28 1.66 0.36
CA LEU A 11 0.91 2.11 1.08
C LEU A 11 2.18 1.67 0.35
N PHE A 12 3.18 2.55 0.35
CA PHE A 12 4.45 2.25 -0.31
C PHE A 12 5.38 1.48 0.62
N ILE A 13 5.47 0.17 0.41
CA ILE A 13 6.33 -0.69 1.23
C ILE A 13 7.64 -0.99 0.51
N GLY A 14 8.72 -0.34 0.96
CA GLY A 14 10.02 -0.55 0.35
C GLY A 14 11.00 -1.22 1.30
N GLY A 15 11.87 -2.06 0.76
CA GLY A 15 12.85 -2.75 1.58
C GLY A 15 12.38 -4.12 2.00
N ILE A 16 11.84 -4.88 1.06
CA ILE A 16 11.35 -6.23 1.35
C ILE A 16 12.12 -7.27 0.56
N PRO A 17 12.20 -8.49 1.11
CA PRO A 17 12.91 -9.61 0.47
C PRO A 17 12.19 -10.12 -0.77
N LYS A 18 12.92 -10.18 -1.88
CA LYS A 18 12.35 -10.65 -3.14
C LYS A 18 11.95 -12.12 -3.05
N MET A 19 12.78 -12.91 -2.36
CA MET A 19 12.51 -14.33 -2.20
C MET A 19 11.02 -14.57 -1.91
N LYS A 20 10.42 -13.66 -1.15
CA LYS A 20 9.00 -13.77 -0.80
C LYS A 20 8.12 -13.38 -1.98
N LYS A 21 6.81 -13.57 -1.82
CA LYS A 21 5.86 -13.23 -2.87
C LYS A 21 4.67 -12.47 -2.31
N ARG A 22 3.88 -11.86 -3.19
CA ARG A 22 2.72 -11.10 -2.77
C ARG A 22 1.88 -11.89 -1.77
N GLU A 23 1.87 -13.21 -1.93
CA GLU A 23 1.11 -14.08 -1.05
C GLU A 23 1.71 -14.09 0.35
N GLU A 24 3.03 -13.96 0.42
CA GLU A 24 3.72 -13.96 1.70
C GLU A 24 3.71 -12.57 2.34
N ILE A 25 3.82 -11.54 1.50
CA ILE A 25 3.81 -10.17 1.98
C ILE A 25 2.46 -9.81 2.60
N LEU A 26 1.40 -9.99 1.82
CA LEU A 26 0.06 -9.69 2.30
C LEU A 26 -0.13 -10.13 3.74
N GLU A 27 0.15 -11.40 4.01
CA GLU A 27 0.02 -11.95 5.35
C GLU A 27 0.80 -11.11 6.36
N GLU A 28 2.12 -11.11 6.22
CA GLU A 28 2.97 -10.35 7.13
C GLU A 28 2.43 -8.94 7.34
N ILE A 29 1.59 -8.49 6.41
CA ILE A 29 1.00 -7.16 6.50
C ILE A 29 -0.33 -7.20 7.25
N ALA A 30 -1.13 -8.22 6.97
CA ALA A 30 -2.43 -8.38 7.62
C ALA A 30 -2.28 -8.39 9.13
N LYS A 31 -1.05 -8.54 9.60
CA LYS A 31 -0.77 -8.57 11.04
C LYS A 31 -0.17 -7.25 11.51
N VAL A 32 0.86 -6.79 10.80
CA VAL A 32 1.52 -5.54 11.14
C VAL A 32 0.57 -4.35 10.97
N THR A 33 -0.36 -4.47 10.03
CA THR A 33 -1.32 -3.41 9.77
C THR A 33 -2.71 -3.99 9.54
N GLU A 34 -3.65 -3.62 10.41
CA GLU A 34 -5.03 -4.11 10.31
C GLU A 34 -5.86 -3.17 9.45
N GLY A 35 -6.39 -3.70 8.35
CA GLY A 35 -7.21 -2.91 7.45
C GLY A 35 -6.76 -3.04 6.01
N VAL A 36 -5.97 -4.07 5.72
CA VAL A 36 -5.48 -4.30 4.36
C VAL A 36 -6.49 -5.08 3.54
N LEU A 37 -6.39 -4.97 2.22
CA LEU A 37 -7.30 -5.67 1.33
C LEU A 37 -6.54 -6.70 0.48
N ASP A 38 -5.43 -6.26 -0.12
CA ASP A 38 -4.62 -7.13 -0.96
C ASP A 38 -3.25 -6.52 -1.20
N VAL A 39 -2.29 -7.37 -1.61
CA VAL A 39 -0.94 -6.91 -1.87
C VAL A 39 -0.53 -7.22 -3.31
N ILE A 40 0.13 -6.25 -3.94
CA ILE A 40 0.58 -6.42 -5.33
C ILE A 40 2.09 -6.27 -5.43
N VAL A 41 2.70 -7.11 -6.26
CA VAL A 41 4.15 -7.08 -6.46
C VAL A 41 4.49 -6.86 -7.93
N TYR A 42 5.65 -6.23 -8.17
CA TYR A 42 6.09 -5.96 -9.53
C TYR A 42 7.14 -6.98 -9.98
N ALA A 43 7.26 -7.16 -11.29
CA ALA A 43 8.23 -8.10 -11.84
C ALA A 43 8.29 -7.99 -13.36
N SER A 44 9.47 -8.24 -13.92
CA SER A 44 9.66 -8.17 -15.36
C SER A 44 9.52 -9.55 -16.00
N ALA A 45 10.09 -10.56 -15.35
CA ALA A 45 10.03 -11.92 -15.85
C ALA A 45 9.03 -12.75 -15.06
N ALA A 46 9.29 -12.91 -13.77
CA ALA A 46 8.40 -13.68 -12.90
C ALA A 46 8.63 -13.34 -11.44
N ASP A 47 7.71 -12.59 -10.86
CA ASP A 47 7.81 -12.18 -9.46
C ASP A 47 8.34 -13.33 -8.60
N LYS A 48 8.13 -14.55 -9.06
CA LYS A 48 8.59 -15.73 -8.34
C LYS A 48 10.02 -15.55 -7.84
N MET A 49 10.98 -15.60 -8.78
CA MET A 49 12.38 -15.42 -8.43
C MET A 49 12.87 -14.04 -8.83
N LYS A 50 12.01 -13.27 -9.49
CA LYS A 50 12.36 -11.92 -9.93
C LYS A 50 11.57 -10.88 -9.15
N ASN A 51 11.06 -11.28 -7.99
CA ASN A 51 10.29 -10.37 -7.15
C ASN A 51 11.01 -9.04 -6.97
N ARG A 52 10.26 -7.95 -7.00
CA ARG A 52 10.82 -6.62 -6.85
C ARG A 52 11.12 -6.32 -5.38
N GLY A 53 11.97 -5.32 -5.14
CA GLY A 53 12.32 -4.96 -3.79
C GLY A 53 11.28 -4.05 -3.15
N PHE A 54 10.03 -4.24 -3.53
CA PHE A 54 8.94 -3.41 -2.99
C PHE A 54 7.60 -4.13 -3.13
N ALA A 55 6.60 -3.64 -2.41
CA ALA A 55 5.26 -4.23 -2.47
C ALA A 55 4.18 -3.16 -2.33
N PHE A 56 3.02 -3.44 -2.91
CA PHE A 56 1.90 -2.50 -2.87
C PHE A 56 0.77 -3.05 -2.00
N VAL A 57 0.57 -2.42 -0.85
CA VAL A 57 -0.49 -2.84 0.07
C VAL A 57 -1.74 -1.99 -0.10
N GLU A 58 -2.78 -2.57 -0.68
CA GLU A 58 -4.04 -1.86 -0.90
C GLU A 58 -4.94 -1.97 0.32
N TYR A 59 -5.25 -0.82 0.92
CA TYR A 59 -6.11 -0.79 2.10
C TYR A 59 -7.51 -0.32 1.74
N GLU A 60 -8.51 -1.05 2.21
CA GLU A 60 -9.90 -0.72 1.94
C GLU A 60 -10.24 0.68 2.45
N SER A 61 -9.86 0.95 3.70
CA SER A 61 -10.13 2.24 4.31
C SER A 61 -8.95 3.19 4.12
N HIS A 62 -9.22 4.34 3.51
CA HIS A 62 -8.18 5.33 3.26
C HIS A 62 -7.35 5.58 4.52
N ARG A 63 -7.98 5.43 5.67
CA ARG A 63 -7.30 5.64 6.95
C ARG A 63 -6.46 4.43 7.33
N ALA A 64 -7.03 3.24 7.16
CA ALA A 64 -6.32 2.00 7.47
C ALA A 64 -4.87 2.05 6.99
N ALA A 65 -4.64 2.84 5.94
CA ALA A 65 -3.29 2.98 5.39
C ALA A 65 -2.53 4.11 6.09
N ALA A 66 -3.21 5.23 6.28
CA ALA A 66 -2.59 6.38 6.94
C ALA A 66 -2.10 6.03 8.34
N MET A 67 -2.96 5.38 9.11
CA MET A 67 -2.60 4.98 10.47
C MET A 67 -1.68 3.76 10.46
N ALA A 68 -1.69 3.02 9.36
CA ALA A 68 -0.86 1.84 9.21
C ALA A 68 0.61 2.22 9.02
N ARG A 69 0.85 3.18 8.14
CA ARG A 69 2.21 3.63 7.86
C ARG A 69 2.85 4.26 9.10
N ARG A 70 2.03 4.96 9.88
CA ARG A 70 2.52 5.61 11.09
C ARG A 70 3.03 4.58 12.09
N LYS A 71 2.80 3.30 11.78
CA LYS A 71 3.24 2.21 12.65
C LYS A 71 4.56 1.62 12.15
N LEU A 72 4.73 1.59 10.84
CA LEU A 72 5.96 1.06 10.25
C LEU A 72 6.85 2.18 9.74
N MET A 73 6.44 3.41 9.99
CA MET A 73 7.21 4.58 9.56
C MET A 73 8.59 4.57 10.19
N PRO A 74 8.65 4.44 11.53
CA PRO A 74 9.90 4.43 12.28
C PRO A 74 10.71 3.16 12.02
N GLY A 75 10.12 2.23 11.28
CA GLY A 75 10.80 0.98 10.98
C GLY A 75 10.93 0.08 12.18
N ARG A 76 10.02 0.26 13.15
CA ARG A 76 10.04 -0.55 14.37
C ARG A 76 9.72 -2.01 14.06
N ILE A 77 8.91 -2.23 13.03
CA ILE A 77 8.52 -3.58 12.63
C ILE A 77 9.33 -4.04 11.43
N GLN A 78 9.74 -5.31 11.45
CA GLN A 78 10.52 -5.87 10.35
C GLN A 78 9.83 -7.10 9.76
N LEU A 79 9.97 -7.29 8.46
CA LEU A 79 9.36 -8.43 7.78
C LEU A 79 10.41 -9.46 7.38
N TRP A 80 10.29 -10.66 7.91
CA TRP A 80 11.23 -11.73 7.61
C TRP A 80 12.65 -11.35 8.02
N GLY A 81 12.75 -10.61 9.12
CA GLY A 81 14.06 -10.18 9.60
C GLY A 81 14.65 -9.06 8.78
N HIS A 82 13.89 -8.60 7.78
CA HIS A 82 14.34 -7.51 6.91
C HIS A 82 13.60 -6.22 7.25
N GLN A 83 14.35 -5.12 7.26
CA GLN A 83 13.76 -3.82 7.57
C GLN A 83 12.93 -3.30 6.41
N ILE A 84 11.82 -2.64 6.72
CA ILE A 84 10.94 -2.10 5.69
C ILE A 84 10.49 -0.68 6.05
N ALA A 85 10.03 0.06 5.04
CA ALA A 85 9.57 1.43 5.24
C ALA A 85 8.21 1.65 4.59
N VAL A 86 7.48 2.63 5.09
CA VAL A 86 6.16 2.94 4.55
C VAL A 86 6.07 4.41 4.13
N ASP A 87 5.79 4.63 2.85
CA ASP A 87 5.68 5.98 2.31
C ASP A 87 4.33 6.19 1.62
N TRP A 88 4.04 7.43 1.27
CA TRP A 88 2.79 7.76 0.59
C TRP A 88 2.90 7.51 -0.91
N ALA A 89 2.28 6.42 -1.36
CA ALA A 89 2.31 6.07 -2.78
C ALA A 89 1.97 7.27 -3.65
N GLU A 90 0.77 7.82 -3.46
CA GLU A 90 0.34 8.98 -4.23
C GLU A 90 1.15 10.22 -3.86
N PRO A 91 1.56 10.98 -4.88
CA PRO A 91 2.35 12.21 -4.68
C PRO A 91 1.54 13.33 -4.05
N GLU A 92 0.37 13.61 -4.63
CA GLU A 92 -0.50 14.66 -4.12
C GLU A 92 -1.96 14.19 -4.07
N ILE A 93 -2.36 13.66 -2.93
CA ILE A 93 -3.72 13.17 -2.74
C ILE A 93 -4.67 14.30 -2.39
N ASP A 94 -5.93 13.96 -2.15
CA ASP A 94 -6.94 14.94 -1.80
C ASP A 94 -7.12 15.03 -0.29
N VAL A 95 -6.02 14.84 0.44
CA VAL A 95 -6.05 14.89 1.90
C VAL A 95 -6.15 16.33 2.39
N ASP A 96 -5.36 17.21 1.80
CA ASP A 96 -5.35 18.62 2.19
C ASP A 96 -6.79 19.13 2.34
N GLU A 97 -7.65 18.76 1.40
CA GLU A 97 -9.04 19.19 1.43
C GLU A 97 -9.89 18.23 2.25
N ASP A 98 -9.82 16.94 1.92
CA ASP A 98 -10.57 15.92 2.63
C ASP A 98 -9.69 14.72 2.96
N VAL A 99 -9.39 14.56 4.25
CA VAL A 99 -8.55 13.46 4.71
C VAL A 99 -9.26 12.63 5.77
N MET A 100 -10.05 13.31 6.60
CA MET A 100 -10.80 12.63 7.66
C MET A 100 -12.28 12.51 7.30
N GLU A 101 -13.06 11.97 8.22
CA GLU A 101 -14.50 11.79 8.00
C GLU A 101 -15.28 12.91 8.68
N THR A 102 -16.01 13.68 7.86
CA THR A 102 -16.81 14.79 8.38
C THR A 102 -18.07 14.98 7.56
N VAL A 103 -19.22 14.87 8.21
CA VAL A 103 -20.51 15.04 7.54
C VAL A 103 -20.63 16.42 6.92
N SER A 104 -21.59 16.58 6.01
CA SER A 104 -21.81 17.85 5.35
C SER A 104 -23.31 18.16 5.24
N GLY A 105 -23.67 19.41 5.49
CA GLY A 105 -25.07 19.81 5.42
C GLY A 105 -25.23 21.28 5.06
N PRO A 106 -26.30 21.59 4.31
CA PRO A 106 -26.60 22.96 3.89
C PRO A 106 -27.02 23.85 5.04
N SER A 107 -27.33 23.23 6.18
CA SER A 107 -27.77 23.95 7.36
C SER A 107 -26.65 24.87 7.87
N SER A 108 -25.51 24.27 8.21
CA SER A 108 -24.37 25.04 8.71
C SER A 108 -23.65 25.75 7.57
N GLY A 109 -23.43 25.02 6.48
CA GLY A 109 -22.74 25.59 5.33
C GLY A 109 -21.67 24.69 4.78
N GLY A 1 -13.14 14.01 8.07
CA GLY A 1 -13.78 12.72 7.89
C GLY A 1 -13.45 12.10 6.55
N SER A 2 -14.19 12.50 5.52
CA SER A 2 -13.98 11.97 4.17
C SER A 2 -13.74 10.46 4.21
N SER A 3 -14.54 9.77 5.03
CA SER A 3 -14.41 8.32 5.17
C SER A 3 -15.71 7.63 4.76
N GLY A 4 -15.76 7.18 3.51
CA GLY A 4 -16.94 6.51 3.01
C GLY A 4 -17.13 6.67 1.52
N SER A 5 -16.06 6.41 0.76
CA SER A 5 -16.10 6.56 -0.70
C SER A 5 -15.12 5.60 -1.36
N SER A 6 -15.64 4.71 -2.20
CA SER A 6 -14.80 3.74 -2.90
C SER A 6 -13.65 4.43 -3.61
N GLY A 7 -12.47 4.39 -2.98
CA GLY A 7 -11.30 5.02 -3.58
C GLY A 7 -10.13 4.06 -3.69
N ASN A 8 -8.96 4.61 -4.00
CA ASN A 8 -7.76 3.80 -4.13
C ASN A 8 -6.70 4.21 -3.12
N CYS A 9 -6.43 3.33 -2.16
CA CYS A 9 -5.45 3.60 -1.12
C CYS A 9 -4.41 2.49 -1.05
N ARG A 10 -3.15 2.84 -1.30
CA ARG A 10 -2.07 1.86 -1.27
C ARG A 10 -0.84 2.44 -0.57
N LEU A 11 -0.18 1.61 0.23
CA LEU A 11 1.01 2.04 0.96
C LEU A 11 2.28 1.61 0.23
N PHE A 12 3.25 2.51 0.16
CA PHE A 12 4.51 2.23 -0.51
C PHE A 12 5.49 1.54 0.44
N ILE A 13 5.62 0.22 0.28
CA ILE A 13 6.53 -0.55 1.12
C ILE A 13 7.84 -0.84 0.40
N GLY A 14 8.93 -0.30 0.94
CA GLY A 14 10.23 -0.51 0.34
C GLY A 14 11.21 -1.17 1.29
N GLY A 15 12.06 -2.03 0.75
CA GLY A 15 13.04 -2.72 1.57
C GLY A 15 12.57 -4.10 2.01
N ILE A 16 12.03 -4.86 1.07
CA ILE A 16 11.54 -6.20 1.35
C ILE A 16 12.25 -7.24 0.49
N PRO A 17 12.37 -8.47 1.02
CA PRO A 17 13.01 -9.57 0.30
C PRO A 17 12.20 -10.06 -0.88
N LYS A 18 12.85 -10.18 -2.04
CA LYS A 18 12.19 -10.63 -3.26
C LYS A 18 11.79 -12.10 -3.14
N MET A 19 12.71 -12.91 -2.64
CA MET A 19 12.45 -14.34 -2.47
C MET A 19 11.00 -14.60 -2.10
N LYS A 20 10.45 -13.73 -1.26
CA LYS A 20 9.06 -13.86 -0.83
C LYS A 20 8.10 -13.68 -2.02
N LYS A 21 6.80 -13.72 -1.73
CA LYS A 21 5.79 -13.55 -2.76
C LYS A 21 4.63 -12.71 -2.25
N ARG A 22 3.86 -12.15 -3.19
CA ARG A 22 2.72 -11.33 -2.83
C ARG A 22 1.85 -12.00 -1.78
N GLU A 23 1.59 -13.30 -1.97
CA GLU A 23 0.79 -14.07 -1.04
C GLU A 23 1.38 -14.03 0.37
N GLU A 24 2.71 -14.02 0.44
CA GLU A 24 3.41 -13.99 1.72
C GLU A 24 3.38 -12.58 2.31
N ILE A 25 3.82 -11.61 1.52
CA ILE A 25 3.86 -10.22 1.96
C ILE A 25 2.52 -9.81 2.58
N LEU A 26 1.43 -10.11 1.89
CA LEU A 26 0.09 -9.78 2.37
C LEU A 26 -0.10 -10.27 3.80
N GLU A 27 0.02 -11.58 4.00
CA GLU A 27 -0.15 -12.18 5.31
C GLU A 27 0.68 -11.43 6.36
N GLU A 28 1.91 -11.10 6.00
CA GLU A 28 2.80 -10.38 6.91
C GLU A 28 2.28 -8.98 7.19
N ILE A 29 1.47 -8.47 6.28
CA ILE A 29 0.90 -7.13 6.44
C ILE A 29 -0.39 -7.18 7.25
N ALA A 30 -1.21 -8.19 6.99
CA ALA A 30 -2.48 -8.35 7.70
C ALA A 30 -2.25 -8.40 9.21
N LYS A 31 -1.00 -8.57 9.62
CA LYS A 31 -0.64 -8.64 11.03
C LYS A 31 0.01 -7.34 11.49
N VAL A 32 1.01 -6.89 10.74
CA VAL A 32 1.71 -5.66 11.07
C VAL A 32 0.81 -4.45 10.91
N THR A 33 -0.20 -4.58 10.05
CA THR A 33 -1.14 -3.49 9.81
C THR A 33 -2.55 -4.03 9.56
N GLU A 34 -3.46 -3.71 10.47
CA GLU A 34 -4.84 -4.16 10.35
C GLU A 34 -5.67 -3.20 9.50
N GLY A 35 -6.35 -3.73 8.50
CA GLY A 35 -7.16 -2.91 7.61
C GLY A 35 -6.74 -3.03 6.16
N VAL A 36 -5.93 -4.04 5.86
CA VAL A 36 -5.45 -4.27 4.50
C VAL A 36 -6.46 -5.08 3.70
N LEU A 37 -6.41 -4.93 2.38
CA LEU A 37 -7.30 -5.65 1.48
C LEU A 37 -6.54 -6.64 0.61
N ASP A 38 -5.48 -6.15 -0.02
CA ASP A 38 -4.65 -6.98 -0.89
C ASP A 38 -3.28 -6.36 -1.10
N VAL A 39 -2.32 -7.18 -1.51
CA VAL A 39 -0.96 -6.71 -1.75
C VAL A 39 -0.51 -7.00 -3.18
N ILE A 40 0.06 -6.00 -3.83
CA ILE A 40 0.53 -6.15 -5.20
C ILE A 40 2.05 -6.14 -5.27
N VAL A 41 2.60 -6.76 -6.30
CA VAL A 41 4.04 -6.83 -6.48
C VAL A 41 4.44 -6.32 -7.86
N TYR A 42 5.29 -5.29 -7.87
CA TYR A 42 5.76 -4.71 -9.12
C TYR A 42 7.28 -4.52 -9.10
N ALA A 43 7.89 -4.62 -10.28
CA ALA A 43 9.34 -4.46 -10.40
C ALA A 43 9.77 -4.48 -11.87
N SER A 44 11.04 -4.15 -12.11
CA SER A 44 11.57 -4.12 -13.47
C SER A 44 10.99 -5.26 -14.30
N ALA A 45 10.82 -6.42 -13.67
CA ALA A 45 10.26 -7.58 -14.36
C ALA A 45 9.20 -8.26 -13.52
N ALA A 46 8.54 -9.27 -14.09
CA ALA A 46 7.50 -10.00 -13.38
C ALA A 46 8.03 -10.60 -12.09
N ASP A 47 8.05 -9.79 -11.03
CA ASP A 47 8.53 -10.24 -9.73
C ASP A 47 9.72 -11.19 -9.89
N LYS A 48 10.65 -10.80 -10.77
CA LYS A 48 11.84 -11.61 -11.01
C LYS A 48 13.00 -11.17 -10.12
N MET A 49 14.14 -11.83 -10.27
CA MET A 49 15.31 -11.50 -9.47
C MET A 49 15.64 -10.01 -9.57
N LYS A 50 15.12 -9.36 -10.60
CA LYS A 50 15.35 -7.94 -10.82
C LYS A 50 14.40 -7.10 -9.96
N ASN A 51 13.76 -7.75 -8.98
CA ASN A 51 12.83 -7.07 -8.09
C ASN A 51 13.57 -6.09 -7.18
N ARG A 52 13.59 -4.81 -7.56
CA ARG A 52 14.26 -3.79 -6.78
C ARG A 52 14.09 -4.06 -5.28
N GLY A 53 12.94 -4.62 -4.90
CA GLY A 53 12.67 -4.91 -3.51
C GLY A 53 11.61 -4.01 -2.92
N PHE A 54 10.36 -4.22 -3.32
CA PHE A 54 9.26 -3.42 -2.83
C PHE A 54 7.92 -4.12 -3.06
N ALA A 55 6.86 -3.61 -2.45
CA ALA A 55 5.54 -4.19 -2.59
C ALA A 55 4.45 -3.17 -2.26
N PHE A 56 3.28 -3.33 -2.87
CA PHE A 56 2.16 -2.43 -2.64
C PHE A 56 1.15 -3.05 -1.67
N VAL A 57 0.61 -2.20 -0.80
CA VAL A 57 -0.38 -2.66 0.18
C VAL A 57 -1.65 -1.82 0.12
N GLU A 58 -2.69 -2.40 -0.47
CA GLU A 58 -3.97 -1.70 -0.60
C GLU A 58 -4.80 -1.84 0.67
N TYR A 59 -5.35 -0.72 1.13
CA TYR A 59 -6.17 -0.72 2.34
C TYR A 59 -7.60 -0.30 2.03
N GLU A 60 -8.55 -1.12 2.48
CA GLU A 60 -9.96 -0.83 2.26
C GLU A 60 -10.36 0.51 2.85
N SER A 61 -9.90 0.77 4.07
CA SER A 61 -10.19 2.02 4.76
C SER A 61 -9.15 3.09 4.43
N HIS A 62 -9.62 4.22 3.91
CA HIS A 62 -8.72 5.32 3.55
C HIS A 62 -7.75 5.61 4.69
N ARG A 63 -8.20 5.41 5.92
CA ARG A 63 -7.38 5.68 7.09
C ARG A 63 -6.49 4.47 7.40
N ALA A 64 -7.06 3.27 7.28
CA ALA A 64 -6.33 2.04 7.55
C ALA A 64 -4.88 2.14 7.06
N ALA A 65 -4.69 2.83 5.94
CA ALA A 65 -3.36 3.01 5.38
C ALA A 65 -2.59 4.11 6.12
N ALA A 66 -3.25 5.23 6.37
CA ALA A 66 -2.63 6.34 7.07
C ALA A 66 -2.14 5.91 8.45
N MET A 67 -2.89 5.03 9.09
CA MET A 67 -2.54 4.55 10.42
C MET A 67 -1.62 3.33 10.33
N ALA A 68 -1.69 2.63 9.20
CA ALA A 68 -0.87 1.45 8.98
C ALA A 68 0.59 1.84 8.71
N ARG A 69 0.78 3.00 8.10
CA ARG A 69 2.12 3.48 7.79
C ARG A 69 2.76 4.13 9.01
N ARG A 70 2.01 4.98 9.69
CA ARG A 70 2.52 5.67 10.88
C ARG A 70 3.09 4.67 11.88
N LYS A 71 2.72 3.41 11.73
CA LYS A 71 3.20 2.36 12.62
C LYS A 71 4.52 1.79 12.12
N LEU A 72 4.60 1.52 10.82
CA LEU A 72 5.81 0.98 10.22
C LEU A 72 6.74 2.10 9.77
N MET A 73 6.29 3.34 9.92
CA MET A 73 7.08 4.50 9.53
C MET A 73 8.41 4.53 10.28
N PRO A 74 8.33 4.42 11.62
CA PRO A 74 9.52 4.44 12.48
C PRO A 74 10.36 3.18 12.33
N GLY A 75 9.95 2.31 11.42
CA GLY A 75 10.68 1.07 11.19
C GLY A 75 10.74 0.21 12.43
N ARG A 76 9.76 0.36 13.31
CA ARG A 76 9.70 -0.43 14.54
C ARG A 76 9.47 -1.90 14.24
N ILE A 77 8.75 -2.17 13.16
CA ILE A 77 8.44 -3.53 12.76
C ILE A 77 9.27 -3.96 11.55
N GLN A 78 9.61 -5.24 11.50
CA GLN A 78 10.41 -5.77 10.39
C GLN A 78 9.75 -7.02 9.80
N LEU A 79 9.89 -7.18 8.50
CA LEU A 79 9.31 -8.33 7.80
C LEU A 79 10.38 -9.39 7.51
N TRP A 80 10.23 -10.56 8.11
CA TRP A 80 11.18 -11.66 7.91
C TRP A 80 12.58 -11.24 8.33
N GLY A 81 12.66 -10.46 9.40
CA GLY A 81 13.94 -10.01 9.90
C GLY A 81 14.54 -8.91 9.04
N HIS A 82 13.79 -8.47 8.04
CA HIS A 82 14.26 -7.42 7.14
C HIS A 82 13.51 -6.11 7.40
N GLN A 83 14.27 -5.01 7.46
CA GLN A 83 13.67 -3.70 7.71
C GLN A 83 12.83 -3.26 6.52
N ILE A 84 11.78 -2.49 6.81
CA ILE A 84 10.88 -2.00 5.78
C ILE A 84 10.50 -0.55 6.02
N ALA A 85 10.13 0.16 4.96
CA ALA A 85 9.74 1.55 5.06
C ALA A 85 8.42 1.80 4.34
N VAL A 86 7.61 2.69 4.90
CA VAL A 86 6.31 3.02 4.32
C VAL A 86 6.29 4.46 3.81
N ASP A 87 5.80 4.65 2.59
CA ASP A 87 5.72 5.97 1.99
C ASP A 87 4.39 6.18 1.28
N TRP A 88 3.97 7.43 1.15
CA TRP A 88 2.70 7.76 0.50
C TRP A 88 2.79 7.50 -1.01
N ALA A 89 2.05 6.50 -1.47
CA ALA A 89 2.03 6.15 -2.89
C ALA A 89 1.97 7.41 -3.76
N GLU A 90 1.11 8.34 -3.38
CA GLU A 90 0.96 9.58 -4.13
C GLU A 90 1.12 10.79 -3.21
N PRO A 91 1.79 11.84 -3.72
CA PRO A 91 2.03 13.07 -2.97
C PRO A 91 0.74 13.88 -2.74
N GLU A 92 0.01 14.11 -3.83
CA GLU A 92 -1.23 14.87 -3.76
C GLU A 92 -2.17 14.50 -4.90
N ILE A 93 -3.30 13.89 -4.57
CA ILE A 93 -4.28 13.49 -5.57
C ILE A 93 -5.50 14.40 -5.55
N ASP A 94 -6.48 14.09 -6.39
CA ASP A 94 -7.70 14.87 -6.46
C ASP A 94 -8.77 14.32 -5.52
N VAL A 95 -8.34 13.87 -4.35
CA VAL A 95 -9.25 13.32 -3.36
C VAL A 95 -10.06 14.42 -2.68
N ASP A 96 -9.48 15.61 -2.59
CA ASP A 96 -10.15 16.75 -1.97
C ASP A 96 -11.36 17.18 -2.80
N GLU A 97 -11.23 17.12 -4.11
CA GLU A 97 -12.32 17.50 -5.01
C GLU A 97 -13.21 16.30 -5.32
N ASP A 98 -12.65 15.33 -6.03
CA ASP A 98 -13.39 14.13 -6.41
C ASP A 98 -12.66 12.87 -5.95
N VAL A 99 -13.18 12.24 -4.91
CA VAL A 99 -12.58 11.02 -4.36
C VAL A 99 -13.21 9.78 -4.99
N MET A 100 -14.53 9.76 -5.07
CA MET A 100 -15.25 8.63 -5.64
C MET A 100 -15.23 8.70 -7.16
N GLU A 101 -15.57 7.58 -7.80
CA GLU A 101 -15.59 7.50 -9.26
C GLU A 101 -17.02 7.47 -9.78
N THR A 102 -17.90 8.24 -9.15
CA THR A 102 -19.30 8.29 -9.56
C THR A 102 -19.71 9.72 -9.94
N VAL A 103 -20.76 9.82 -10.75
CA VAL A 103 -21.24 11.12 -11.20
C VAL A 103 -22.52 11.51 -10.45
N SER A 104 -22.56 12.76 -9.99
CA SER A 104 -23.72 13.26 -9.26
C SER A 104 -23.64 14.78 -9.09
N GLY A 105 -24.66 15.48 -9.57
CA GLY A 105 -24.68 16.93 -9.46
C GLY A 105 -25.13 17.60 -10.74
N PRO A 106 -26.44 17.54 -11.02
CA PRO A 106 -27.03 18.14 -12.21
C PRO A 106 -27.01 19.67 -12.17
N SER A 107 -26.72 20.28 -13.31
CA SER A 107 -26.66 21.74 -13.39
C SER A 107 -26.95 22.21 -14.81
N SER A 108 -27.01 23.53 -14.99
CA SER A 108 -27.28 24.11 -16.30
C SER A 108 -28.51 23.47 -16.93
N GLY A 109 -29.56 23.31 -16.13
CA GLY A 109 -30.79 22.71 -16.64
C GLY A 109 -32.02 23.20 -15.88
N GLY A 1 1.46 13.24 -19.56
CA GLY A 1 1.61 12.02 -18.79
C GLY A 1 0.30 11.57 -18.18
N SER A 2 0.27 10.33 -17.69
CA SER A 2 -0.93 9.77 -17.07
C SER A 2 -0.99 10.13 -15.58
N SER A 3 -2.21 10.24 -15.07
CA SER A 3 -2.40 10.58 -13.66
C SER A 3 -3.20 9.48 -12.95
N GLY A 4 -4.43 9.25 -13.40
CA GLY A 4 -5.26 8.23 -12.80
C GLY A 4 -6.19 8.79 -11.74
N SER A 5 -7.50 8.64 -11.96
CA SER A 5 -8.48 9.15 -11.01
C SER A 5 -9.25 8.00 -10.36
N SER A 6 -8.67 7.45 -9.29
CA SER A 6 -9.28 6.34 -8.57
C SER A 6 -9.21 6.57 -7.07
N GLY A 7 -10.34 6.35 -6.39
CA GLY A 7 -10.39 6.53 -4.95
C GLY A 7 -9.85 5.33 -4.19
N ASN A 8 -8.70 4.84 -4.62
CA ASN A 8 -8.08 3.69 -3.98
C ASN A 8 -6.95 4.13 -3.05
N CYS A 9 -6.64 3.29 -2.07
CA CYS A 9 -5.57 3.60 -1.11
C CYS A 9 -4.54 2.47 -1.07
N ARG A 10 -3.27 2.85 -1.18
CA ARG A 10 -2.18 1.88 -1.15
C ARG A 10 -0.96 2.45 -0.46
N LEU A 11 -0.26 1.60 0.29
CA LEU A 11 0.94 2.02 1.01
C LEU A 11 2.20 1.56 0.29
N PHE A 12 3.22 2.42 0.30
CA PHE A 12 4.49 2.09 -0.36
C PHE A 12 5.42 1.37 0.59
N ILE A 13 5.52 0.05 0.43
CA ILE A 13 6.38 -0.77 1.27
C ILE A 13 7.67 -1.13 0.55
N GLY A 14 8.78 -0.58 1.04
CA GLY A 14 10.08 -0.85 0.44
C GLY A 14 11.07 -1.41 1.43
N GLY A 15 12.04 -2.17 0.92
CA GLY A 15 13.06 -2.75 1.79
C GLY A 15 12.82 -4.23 2.03
N ILE A 16 11.66 -4.72 1.60
CA ILE A 16 11.33 -6.13 1.78
C ILE A 16 12.21 -7.02 0.91
N PRO A 17 12.44 -8.26 1.37
CA PRO A 17 13.28 -9.23 0.65
C PRO A 17 12.61 -9.72 -0.64
N LYS A 18 13.41 -9.84 -1.70
CA LYS A 18 12.90 -10.30 -2.98
C LYS A 18 12.43 -11.75 -2.90
N MET A 19 13.30 -12.62 -2.40
CA MET A 19 12.97 -14.03 -2.25
C MET A 19 11.51 -14.21 -1.84
N LYS A 20 10.99 -13.24 -1.10
CA LYS A 20 9.61 -13.29 -0.63
C LYS A 20 8.63 -13.05 -1.78
N LYS A 21 7.44 -13.60 -1.66
CA LYS A 21 6.41 -13.44 -2.69
C LYS A 21 5.28 -12.53 -2.20
N ARG A 22 4.38 -12.19 -3.10
CA ARG A 22 3.25 -11.33 -2.77
C ARG A 22 2.37 -11.98 -1.70
N GLU A 23 2.02 -13.25 -1.93
CA GLU A 23 1.18 -13.98 -0.99
C GLU A 23 1.69 -13.81 0.45
N GLU A 24 3.00 -13.88 0.61
CA GLU A 24 3.61 -13.74 1.93
C GLU A 24 3.50 -12.31 2.44
N ILE A 25 3.93 -11.36 1.61
CA ILE A 25 3.87 -9.95 1.96
C ILE A 25 2.51 -9.58 2.54
N LEU A 26 1.46 -9.85 1.77
CA LEU A 26 0.10 -9.54 2.20
C LEU A 26 -0.13 -10.02 3.64
N GLU A 27 -0.02 -11.33 3.84
CA GLU A 27 -0.23 -11.91 5.17
C GLU A 27 0.64 -11.21 6.21
N GLU A 28 1.96 -11.20 5.97
CA GLU A 28 2.89 -10.56 6.89
C GLU A 28 2.47 -9.12 7.17
N ILE A 29 1.61 -8.58 6.32
CA ILE A 29 1.13 -7.21 6.48
C ILE A 29 -0.19 -7.17 7.25
N ALA A 30 -1.06 -8.14 6.96
CA ALA A 30 -2.35 -8.22 7.63
C ALA A 30 -2.19 -8.25 9.14
N LYS A 31 -0.96 -8.48 9.59
CA LYS A 31 -0.68 -8.55 11.02
C LYS A 31 -0.14 -7.21 11.53
N VAL A 32 0.93 -6.73 10.89
CA VAL A 32 1.53 -5.46 11.28
C VAL A 32 0.56 -4.30 11.07
N THR A 33 -0.32 -4.44 10.08
CA THR A 33 -1.29 -3.41 9.78
C THR A 33 -2.67 -4.02 9.49
N GLU A 34 -3.63 -3.75 10.38
CA GLU A 34 -4.98 -4.27 10.22
C GLU A 34 -5.83 -3.32 9.38
N GLY A 35 -6.38 -3.84 8.29
CA GLY A 35 -7.21 -3.03 7.41
C GLY A 35 -6.80 -3.15 5.96
N VAL A 36 -6.01 -4.16 5.64
CA VAL A 36 -5.55 -4.37 4.27
C VAL A 36 -6.58 -5.15 3.47
N LEU A 37 -6.54 -4.97 2.15
CA LEU A 37 -7.47 -5.65 1.26
C LEU A 37 -6.74 -6.66 0.37
N ASP A 38 -5.67 -6.21 -0.26
CA ASP A 38 -4.88 -7.06 -1.14
C ASP A 38 -3.51 -6.44 -1.42
N VAL A 39 -2.57 -7.28 -1.84
CA VAL A 39 -1.22 -6.81 -2.16
C VAL A 39 -0.92 -6.97 -3.64
N ILE A 40 -0.29 -5.95 -4.22
CA ILE A 40 0.07 -5.97 -5.63
C ILE A 40 1.58 -5.92 -5.82
N VAL A 41 2.08 -6.69 -6.78
CA VAL A 41 3.50 -6.74 -7.07
C VAL A 41 3.79 -6.31 -8.50
N TYR A 42 4.37 -5.11 -8.64
CA TYR A 42 4.70 -4.58 -9.96
C TYR A 42 6.19 -4.69 -10.23
N ALA A 43 6.55 -4.83 -11.51
CA ALA A 43 7.95 -4.94 -11.90
C ALA A 43 8.10 -4.81 -13.41
N SER A 44 8.67 -3.69 -13.86
CA SER A 44 8.87 -3.45 -15.28
C SER A 44 7.74 -4.05 -16.10
N ALA A 45 6.51 -3.78 -15.68
CA ALA A 45 5.33 -4.29 -16.38
C ALA A 45 5.17 -5.79 -16.14
N ALA A 46 5.37 -6.22 -14.91
CA ALA A 46 5.23 -7.62 -14.55
C ALA A 46 5.25 -7.82 -13.04
N ASP A 47 5.08 -9.06 -12.60
CA ASP A 47 5.08 -9.37 -11.18
C ASP A 47 6.50 -9.51 -10.65
N LYS A 48 7.27 -10.41 -11.24
CA LYS A 48 8.65 -10.64 -10.83
C LYS A 48 8.79 -10.54 -9.31
N MET A 49 7.87 -11.19 -8.60
CA MET A 49 7.89 -11.18 -7.15
C MET A 49 9.19 -11.76 -6.61
N LYS A 50 9.93 -12.45 -7.48
CA LYS A 50 11.20 -13.05 -7.10
C LYS A 50 12.33 -12.03 -7.19
N ASN A 51 12.13 -11.00 -8.01
CA ASN A 51 13.14 -9.96 -8.19
C ASN A 51 12.55 -8.58 -7.90
N ARG A 52 12.08 -8.39 -6.68
CA ARG A 52 11.49 -7.12 -6.27
C ARG A 52 11.68 -6.87 -4.78
N GLY A 53 12.23 -5.71 -4.45
CA GLY A 53 12.46 -5.37 -3.06
C GLY A 53 11.40 -4.46 -2.49
N PHE A 54 10.20 -4.54 -3.06
CA PHE A 54 9.08 -3.71 -2.60
C PHE A 54 7.75 -4.37 -2.93
N ALA A 55 6.67 -3.82 -2.37
CA ALA A 55 5.34 -4.36 -2.61
C ALA A 55 4.27 -3.31 -2.29
N PHE A 56 3.13 -3.42 -2.97
CA PHE A 56 2.03 -2.49 -2.77
C PHE A 56 0.92 -3.12 -1.93
N VAL A 57 0.51 -2.42 -0.87
CA VAL A 57 -0.53 -2.92 0.01
C VAL A 57 -1.76 -2.02 -0.03
N GLU A 58 -2.83 -2.51 -0.65
CA GLU A 58 -4.07 -1.74 -0.76
C GLU A 58 -4.89 -1.87 0.51
N TYR A 59 -5.47 -0.75 0.95
CA TYR A 59 -6.28 -0.73 2.15
C TYR A 59 -7.70 -0.27 1.84
N GLU A 60 -8.68 -1.03 2.30
CA GLU A 60 -10.09 -0.71 2.08
C GLU A 60 -10.40 0.71 2.59
N SER A 61 -9.97 1.00 3.80
CA SER A 61 -10.21 2.31 4.40
C SER A 61 -9.03 3.23 4.17
N HIS A 62 -9.30 4.42 3.63
CA HIS A 62 -8.26 5.40 3.35
C HIS A 62 -7.41 5.65 4.60
N ARG A 63 -8.00 5.44 5.77
CA ARG A 63 -7.30 5.64 7.03
C ARG A 63 -6.47 4.42 7.39
N ALA A 64 -7.05 3.23 7.19
CA ALA A 64 -6.35 1.98 7.50
C ALA A 64 -4.92 2.01 6.99
N ALA A 65 -4.67 2.80 5.96
CA ALA A 65 -3.34 2.92 5.38
C ALA A 65 -2.54 4.02 6.09
N ALA A 66 -3.19 5.15 6.34
CA ALA A 66 -2.54 6.27 7.00
C ALA A 66 -2.04 5.88 8.38
N MET A 67 -2.94 5.31 9.18
CA MET A 67 -2.58 4.88 10.54
C MET A 67 -1.68 3.66 10.50
N ALA A 68 -1.73 2.91 9.41
CA ALA A 68 -0.91 1.72 9.24
C ALA A 68 0.55 2.08 9.03
N ARG A 69 0.79 3.07 8.18
CA ARG A 69 2.15 3.52 7.88
C ARG A 69 2.79 4.15 9.11
N ARG A 70 2.03 4.99 9.80
CA ARG A 70 2.53 5.66 11.00
C ARG A 70 3.07 4.66 12.01
N LYS A 71 2.74 3.38 11.80
CA LYS A 71 3.19 2.32 12.69
C LYS A 71 4.53 1.76 12.23
N LEU A 72 4.68 1.59 10.93
CA LEU A 72 5.92 1.07 10.35
C LEU A 72 6.79 2.20 9.82
N MET A 73 6.31 3.44 9.96
CA MET A 73 7.06 4.60 9.49
C MET A 73 8.44 4.66 10.15
N PRO A 74 8.46 4.59 11.48
CA PRO A 74 9.70 4.65 12.26
C PRO A 74 10.55 3.39 12.07
N GLY A 75 10.07 2.46 11.25
CA GLY A 75 10.79 1.24 11.00
C GLY A 75 10.96 0.41 12.25
N ARG A 76 9.97 0.46 13.14
CA ARG A 76 10.01 -0.30 14.38
C ARG A 76 9.77 -1.78 14.13
N ILE A 77 8.94 -2.07 13.13
CA ILE A 77 8.63 -3.46 12.79
C ILE A 77 9.38 -3.90 11.53
N GLN A 78 9.88 -5.12 11.54
CA GLN A 78 10.61 -5.66 10.42
C GLN A 78 9.90 -6.87 9.82
N LEU A 79 10.03 -7.05 8.51
CA LEU A 79 9.39 -8.17 7.82
C LEU A 79 10.40 -9.26 7.50
N TRP A 80 10.23 -10.42 8.12
CA TRP A 80 11.14 -11.54 7.90
C TRP A 80 12.58 -11.16 8.25
N GLY A 81 12.74 -10.44 9.35
CA GLY A 81 14.07 -10.02 9.77
C GLY A 81 14.67 -8.98 8.86
N HIS A 82 13.87 -8.49 7.91
CA HIS A 82 14.33 -7.48 6.97
C HIS A 82 13.67 -6.13 7.26
N GLN A 83 14.46 -5.06 7.18
CA GLN A 83 13.95 -3.73 7.44
C GLN A 83 12.96 -3.30 6.35
N ILE A 84 11.94 -2.56 6.75
CA ILE A 84 10.92 -2.10 5.82
C ILE A 84 10.55 -0.65 6.10
N ALA A 85 10.07 0.04 5.06
CA ALA A 85 9.67 1.44 5.20
C ALA A 85 8.37 1.71 4.47
N VAL A 86 7.51 2.53 5.07
CA VAL A 86 6.22 2.86 4.48
C VAL A 86 6.20 4.31 3.98
N ASP A 87 5.74 4.49 2.75
CA ASP A 87 5.67 5.82 2.15
C ASP A 87 4.33 6.03 1.45
N TRP A 88 3.95 7.29 1.28
CA TRP A 88 2.69 7.63 0.63
C TRP A 88 2.78 7.41 -0.87
N ALA A 89 2.05 6.41 -1.36
CA ALA A 89 2.05 6.10 -2.79
C ALA A 89 1.81 7.35 -3.62
N GLU A 90 0.69 8.01 -3.38
CA GLU A 90 0.35 9.23 -4.11
C GLU A 90 1.01 10.45 -3.48
N PRO A 91 1.75 11.22 -4.29
CA PRO A 91 2.44 12.43 -3.84
C PRO A 91 1.47 13.56 -3.49
N GLU A 92 0.56 13.85 -4.41
CA GLU A 92 -0.43 14.91 -4.20
C GLU A 92 -1.82 14.44 -4.59
N ILE A 93 -2.48 13.76 -3.66
CA ILE A 93 -3.83 13.26 -3.91
C ILE A 93 -4.86 14.38 -3.83
N ASP A 94 -6.11 14.06 -4.16
CA ASP A 94 -7.19 15.04 -4.12
C ASP A 94 -7.79 15.14 -2.73
N VAL A 95 -6.93 15.08 -1.71
CA VAL A 95 -7.39 15.15 -0.33
C VAL A 95 -7.26 16.58 0.21
N ASP A 96 -6.50 17.40 -0.50
CA ASP A 96 -6.30 18.79 -0.11
C ASP A 96 -7.55 19.35 0.58
N GLU A 97 -8.72 18.97 0.06
CA GLU A 97 -9.98 19.43 0.61
C GLU A 97 -10.74 18.28 1.28
N ASP A 98 -11.96 18.56 1.72
CA ASP A 98 -12.78 17.55 2.38
C ASP A 98 -12.50 16.17 1.80
N VAL A 99 -11.58 15.44 2.43
CA VAL A 99 -11.23 14.10 1.99
C VAL A 99 -12.43 13.17 2.02
N MET A 100 -13.25 13.29 3.06
CA MET A 100 -14.44 12.46 3.20
C MET A 100 -15.70 13.27 2.92
N GLU A 101 -16.85 12.61 2.96
CA GLU A 101 -18.13 13.27 2.71
C GLU A 101 -18.82 13.65 4.00
N THR A 102 -19.22 14.91 4.11
CA THR A 102 -19.88 15.40 5.31
C THR A 102 -21.15 16.18 4.96
N VAL A 103 -22.05 16.30 5.93
CA VAL A 103 -23.30 17.02 5.72
C VAL A 103 -23.60 17.95 6.89
N SER A 104 -23.71 19.25 6.59
CA SER A 104 -23.99 20.25 7.60
C SER A 104 -25.14 21.15 7.17
N GLY A 105 -25.75 21.83 8.14
CA GLY A 105 -26.85 22.72 7.85
C GLY A 105 -27.66 23.09 9.09
N PRO A 106 -27.17 24.10 9.82
CA PRO A 106 -27.83 24.56 11.05
C PRO A 106 -29.14 25.27 10.76
N SER A 107 -29.84 25.67 11.82
CA SER A 107 -31.12 26.36 11.67
C SER A 107 -31.50 27.07 12.97
N SER A 108 -32.17 28.21 12.84
CA SER A 108 -32.59 28.99 14.00
C SER A 108 -34.02 29.49 13.84
N GLY A 109 -34.72 29.64 14.95
CA GLY A 109 -36.09 30.11 14.91
C GLY A 109 -37.00 29.33 15.85
N GLY A 1 -15.85 16.49 -3.99
CA GLY A 1 -15.50 15.29 -3.26
C GLY A 1 -16.68 14.35 -3.10
N SER A 2 -17.82 14.89 -2.68
CA SER A 2 -19.02 14.09 -2.48
C SER A 2 -18.74 12.91 -1.55
N SER A 3 -17.98 13.16 -0.49
CA SER A 3 -17.64 12.13 0.47
C SER A 3 -17.16 10.86 -0.25
N GLY A 4 -16.35 11.05 -1.28
CA GLY A 4 -15.84 9.93 -2.03
C GLY A 4 -14.33 9.91 -2.11
N SER A 5 -13.78 9.06 -2.96
CA SER A 5 -12.33 8.95 -3.12
C SER A 5 -11.97 8.43 -4.51
N SER A 6 -11.29 9.27 -5.29
CA SER A 6 -10.89 8.89 -6.64
C SER A 6 -9.47 8.35 -6.66
N GLY A 7 -9.34 7.03 -6.50
CA GLY A 7 -8.02 6.42 -6.50
C GLY A 7 -7.90 5.32 -5.47
N ASN A 8 -7.17 4.27 -5.81
CA ASN A 8 -6.98 3.14 -4.90
C ASN A 8 -5.96 3.47 -3.82
N CYS A 9 -6.31 3.20 -2.57
CA CYS A 9 -5.42 3.47 -1.45
C CYS A 9 -4.43 2.34 -1.26
N ARG A 10 -3.14 2.64 -1.43
CA ARG A 10 -2.09 1.65 -1.26
C ARG A 10 -0.89 2.23 -0.53
N LEU A 11 -0.23 1.40 0.27
CA LEU A 11 0.94 1.84 1.03
C LEU A 11 2.23 1.44 0.33
N PHE A 12 3.21 2.33 0.34
CA PHE A 12 4.49 2.06 -0.29
C PHE A 12 5.42 1.31 0.66
N ILE A 13 5.54 -0.01 0.44
CA ILE A 13 6.39 -0.84 1.27
C ILE A 13 7.71 -1.17 0.56
N GLY A 14 8.78 -0.53 0.99
CA GLY A 14 10.08 -0.76 0.39
C GLY A 14 11.06 -1.39 1.36
N GLY A 15 11.96 -2.21 0.83
CA GLY A 15 12.94 -2.88 1.66
C GLY A 15 12.52 -4.28 2.06
N ILE A 16 12.20 -5.10 1.07
CA ILE A 16 11.78 -6.47 1.32
C ILE A 16 12.43 -7.43 0.33
N PRO A 17 12.66 -8.68 0.78
CA PRO A 17 13.28 -9.73 -0.04
C PRO A 17 12.36 -10.19 -1.17
N LYS A 18 12.89 -10.21 -2.39
CA LYS A 18 12.10 -10.64 -3.55
C LYS A 18 11.61 -12.07 -3.37
N MET A 19 12.46 -12.92 -2.79
CA MET A 19 12.11 -14.32 -2.57
C MET A 19 10.64 -14.45 -2.15
N LYS A 20 10.12 -13.42 -1.49
CA LYS A 20 8.74 -13.42 -1.03
C LYS A 20 7.79 -13.27 -2.21
N LYS A 21 6.49 -13.40 -1.94
CA LYS A 21 5.48 -13.29 -2.99
C LYS A 21 4.28 -12.49 -2.48
N ARG A 22 3.70 -11.68 -3.37
CA ARG A 22 2.54 -10.87 -3.01
C ARG A 22 1.61 -11.62 -2.06
N GLU A 23 1.49 -12.93 -2.27
CA GLU A 23 0.63 -13.76 -1.43
C GLU A 23 1.16 -13.82 0.00
N GLU A 24 2.47 -13.97 0.13
CA GLU A 24 3.11 -14.04 1.44
C GLU A 24 3.15 -12.67 2.10
N ILE A 25 3.77 -11.71 1.42
CA ILE A 25 3.88 -10.35 1.95
C ILE A 25 2.58 -9.92 2.63
N LEU A 26 1.47 -10.04 1.90
CA LEU A 26 0.16 -9.66 2.44
C LEU A 26 0.00 -10.16 3.86
N GLU A 27 0.07 -11.48 4.04
CA GLU A 27 -0.08 -12.09 5.36
C GLU A 27 0.77 -11.35 6.39
N GLU A 28 2.06 -11.23 6.10
CA GLU A 28 2.98 -10.54 7.01
C GLU A 28 2.52 -9.12 7.27
N ILE A 29 1.66 -8.60 6.40
CA ILE A 29 1.15 -7.25 6.54
C ILE A 29 -0.17 -7.23 7.29
N ALA A 30 -1.00 -8.24 7.04
CA ALA A 30 -2.29 -8.35 7.71
C ALA A 30 -2.14 -8.36 9.22
N LYS A 31 -0.90 -8.53 9.68
CA LYS A 31 -0.62 -8.56 11.11
C LYS A 31 -0.01 -7.23 11.57
N VAL A 32 0.97 -6.73 10.82
CA VAL A 32 1.62 -5.47 11.14
C VAL A 32 0.67 -4.29 10.97
N THR A 33 -0.28 -4.44 10.05
CA THR A 33 -1.26 -3.39 9.78
C THR A 33 -2.64 -3.98 9.55
N GLU A 34 -3.58 -3.66 10.45
CA GLU A 34 -4.95 -4.15 10.33
C GLU A 34 -5.79 -3.22 9.47
N GLY A 35 -6.36 -3.77 8.40
CA GLY A 35 -7.18 -2.97 7.51
C GLY A 35 -6.75 -3.09 6.06
N VAL A 36 -5.97 -4.11 5.76
CA VAL A 36 -5.48 -4.33 4.40
C VAL A 36 -6.51 -5.10 3.57
N LEU A 37 -6.42 -4.95 2.26
CA LEU A 37 -7.35 -5.64 1.35
C LEU A 37 -6.60 -6.64 0.48
N ASP A 38 -5.52 -6.18 -0.15
CA ASP A 38 -4.72 -7.04 -1.01
C ASP A 38 -3.35 -6.41 -1.29
N VAL A 39 -2.45 -7.19 -1.88
CA VAL A 39 -1.11 -6.71 -2.20
C VAL A 39 -0.82 -6.83 -3.69
N ILE A 40 -0.06 -5.89 -4.22
CA ILE A 40 0.29 -5.89 -5.63
C ILE A 40 1.80 -5.76 -5.83
N VAL A 41 2.39 -6.72 -6.51
CA VAL A 41 3.82 -6.72 -6.76
C VAL A 41 4.14 -7.21 -8.18
N TYR A 42 5.32 -6.87 -8.67
CA TYR A 42 5.74 -7.28 -10.00
C TYR A 42 6.67 -8.49 -9.93
N ALA A 43 6.22 -9.62 -10.48
CA ALA A 43 7.01 -10.83 -10.49
C ALA A 43 8.13 -10.76 -11.52
N SER A 44 7.97 -9.87 -12.50
CA SER A 44 8.96 -9.71 -13.55
C SER A 44 10.17 -8.93 -13.04
N ALA A 45 10.80 -9.46 -12.00
CA ALA A 45 11.97 -8.82 -11.41
C ALA A 45 11.83 -7.30 -11.43
N ALA A 46 10.61 -6.83 -11.19
CA ALA A 46 10.35 -5.39 -11.18
C ALA A 46 9.91 -4.93 -9.79
N ASP A 47 9.36 -5.86 -9.01
CA ASP A 47 8.90 -5.56 -7.65
C ASP A 47 9.77 -4.47 -7.02
N LYS A 48 11.07 -4.53 -7.29
CA LYS A 48 12.01 -3.56 -6.74
C LYS A 48 11.92 -2.23 -7.49
N MET A 49 11.37 -1.22 -6.81
CA MET A 49 11.22 0.10 -7.40
C MET A 49 12.43 0.96 -7.11
N LYS A 50 12.71 1.18 -5.83
CA LYS A 50 13.85 1.98 -5.42
C LYS A 50 14.73 1.22 -4.44
N ASN A 51 14.11 0.42 -3.59
CA ASN A 51 14.84 -0.37 -2.60
C ASN A 51 14.88 -1.84 -3.00
N ARG A 52 15.69 -2.62 -2.29
CA ARG A 52 15.82 -4.04 -2.56
C ARG A 52 14.48 -4.76 -2.39
N GLY A 53 13.72 -4.84 -3.48
CA GLY A 53 12.43 -5.49 -3.44
C GLY A 53 11.37 -4.65 -2.75
N PHE A 54 10.26 -4.42 -3.43
CA PHE A 54 9.17 -3.62 -2.89
C PHE A 54 7.82 -4.26 -3.20
N ALA A 55 6.78 -3.82 -2.48
CA ALA A 55 5.44 -4.35 -2.69
C ALA A 55 4.39 -3.29 -2.36
N PHE A 56 3.21 -3.43 -2.95
CA PHE A 56 2.12 -2.49 -2.73
C PHE A 56 1.02 -3.13 -1.87
N VAL A 57 0.57 -2.39 -0.86
CA VAL A 57 -0.48 -2.88 0.03
C VAL A 57 -1.73 -2.00 -0.06
N GLU A 58 -2.77 -2.52 -0.71
CA GLU A 58 -4.01 -1.78 -0.86
C GLU A 58 -4.91 -1.98 0.36
N TYR A 59 -5.30 -0.87 0.98
CA TYR A 59 -6.16 -0.93 2.16
C TYR A 59 -7.58 -0.49 1.83
N GLU A 60 -8.57 -1.17 2.41
CA GLU A 60 -9.96 -0.84 2.17
C GLU A 60 -10.31 0.53 2.74
N SER A 61 -9.95 0.75 4.00
CA SER A 61 -10.23 2.02 4.67
C SER A 61 -9.10 3.01 4.43
N HIS A 62 -9.41 4.12 3.79
CA HIS A 62 -8.42 5.15 3.50
C HIS A 62 -7.54 5.42 4.73
N ARG A 63 -8.13 5.30 5.91
CA ARG A 63 -7.41 5.52 7.16
C ARG A 63 -6.54 4.33 7.50
N ALA A 64 -7.10 3.13 7.34
CA ALA A 64 -6.36 1.90 7.64
C ALA A 64 -4.95 1.97 7.09
N ALA A 65 -4.77 2.67 5.98
CA ALA A 65 -3.46 2.81 5.37
C ALA A 65 -2.67 3.96 5.99
N ALA A 66 -3.35 5.08 6.21
CA ALA A 66 -2.72 6.26 6.81
C ALA A 66 -2.16 5.93 8.19
N MET A 67 -2.98 5.29 9.03
CA MET A 67 -2.58 4.93 10.38
C MET A 67 -1.70 3.69 10.36
N ALA A 68 -1.67 2.99 9.22
CA ALA A 68 -0.87 1.79 9.08
C ALA A 68 0.59 2.13 8.78
N ARG A 69 0.82 3.32 8.23
CA ARG A 69 2.16 3.77 7.89
C ARG A 69 2.82 4.44 9.09
N ARG A 70 2.04 5.24 9.82
CA ARG A 70 2.56 5.94 11.00
C ARG A 70 3.08 4.94 12.04
N LYS A 71 2.79 3.66 11.83
CA LYS A 71 3.22 2.61 12.74
C LYS A 71 4.53 1.98 12.27
N LEU A 72 4.67 1.88 10.95
CA LEU A 72 5.89 1.29 10.37
C LEU A 72 6.82 2.37 9.84
N MET A 73 6.43 3.63 10.04
CA MET A 73 7.23 4.75 9.59
C MET A 73 8.56 4.81 10.34
N PRO A 74 8.48 4.76 11.68
CA PRO A 74 9.67 4.80 12.55
C PRO A 74 10.49 3.53 12.46
N GLY A 75 10.08 2.62 11.58
CA GLY A 75 10.79 1.37 11.41
C GLY A 75 10.79 0.52 12.67
N ARG A 76 9.72 0.65 13.46
CA ARG A 76 9.59 -0.11 14.70
C ARG A 76 9.38 -1.58 14.40
N ILE A 77 8.64 -1.88 13.34
CA ILE A 77 8.36 -3.26 12.95
C ILE A 77 9.22 -3.67 11.76
N GLN A 78 9.60 -4.94 11.72
CA GLN A 78 10.41 -5.47 10.63
C GLN A 78 9.72 -6.66 9.96
N LEU A 79 10.15 -6.97 8.74
CA LEU A 79 9.57 -8.08 7.99
C LEU A 79 10.62 -9.16 7.72
N TRP A 80 10.38 -10.35 8.23
CA TRP A 80 11.31 -11.46 8.04
C TRP A 80 12.72 -11.08 8.45
N GLY A 81 12.85 -10.43 9.61
CA GLY A 81 14.15 -10.02 10.09
C GLY A 81 14.78 -8.97 9.20
N HIS A 82 14.03 -8.49 8.21
CA HIS A 82 14.53 -7.48 7.29
C HIS A 82 13.87 -6.12 7.55
N GLN A 83 14.63 -5.06 7.38
CA GLN A 83 14.11 -3.71 7.59
C GLN A 83 13.10 -3.33 6.51
N ILE A 84 12.14 -2.50 6.88
CA ILE A 84 11.11 -2.06 5.94
C ILE A 84 10.74 -0.60 6.17
N ALA A 85 10.28 0.07 5.12
CA ALA A 85 9.88 1.46 5.21
C ALA A 85 8.55 1.71 4.50
N VAL A 86 7.68 2.50 5.12
CA VAL A 86 6.38 2.80 4.55
C VAL A 86 6.33 4.24 4.04
N ASP A 87 5.81 4.41 2.83
CA ASP A 87 5.70 5.73 2.23
C ASP A 87 4.33 5.93 1.59
N TRP A 88 3.99 7.19 1.31
CA TRP A 88 2.71 7.52 0.70
C TRP A 88 2.73 7.25 -0.80
N ALA A 89 1.97 6.25 -1.24
CA ALA A 89 1.91 5.91 -2.65
C ALA A 89 1.29 7.03 -3.47
N GLU A 90 0.09 7.45 -3.07
CA GLU A 90 -0.62 8.52 -3.77
C GLU A 90 0.30 9.73 -3.98
N PRO A 91 0.18 10.36 -5.16
CA PRO A 91 1.00 11.52 -5.52
C PRO A 91 0.62 12.76 -4.70
N GLU A 92 -0.69 13.04 -4.63
CA GLU A 92 -1.18 14.19 -3.89
C GLU A 92 -2.66 14.03 -3.56
N ILE A 93 -2.95 13.80 -2.28
CA ILE A 93 -4.33 13.63 -1.84
C ILE A 93 -4.87 14.91 -1.20
N ASP A 94 -6.08 14.83 -0.68
CA ASP A 94 -6.71 15.98 -0.04
C ASP A 94 -6.45 15.98 1.46
N VAL A 95 -5.26 15.54 1.84
CA VAL A 95 -4.89 15.49 3.25
C VAL A 95 -4.31 16.81 3.72
N ASP A 96 -3.49 17.43 2.87
CA ASP A 96 -2.87 18.71 3.19
C ASP A 96 -3.89 19.68 3.79
N GLU A 97 -4.94 19.95 3.03
CA GLU A 97 -6.00 20.86 3.48
C GLU A 97 -6.73 20.30 4.68
N ASP A 98 -7.00 18.99 4.65
CA ASP A 98 -7.70 18.32 5.74
C ASP A 98 -7.69 16.81 5.56
N VAL A 99 -7.22 16.10 6.57
CA VAL A 99 -7.16 14.64 6.52
C VAL A 99 -8.18 14.01 7.46
N MET A 100 -8.36 14.63 8.62
CA MET A 100 -9.31 14.13 9.61
C MET A 100 -10.63 14.88 9.53
N GLU A 101 -11.66 14.35 10.19
CA GLU A 101 -12.97 14.98 10.18
C GLU A 101 -13.08 16.01 11.32
N THR A 102 -13.40 17.25 10.96
CA THR A 102 -13.54 18.32 11.93
C THR A 102 -14.83 19.10 11.71
N VAL A 103 -15.36 19.66 12.79
CA VAL A 103 -16.60 20.44 12.72
C VAL A 103 -16.62 21.52 13.78
N SER A 104 -17.26 22.65 13.46
CA SER A 104 -17.36 23.77 14.39
C SER A 104 -18.48 24.72 13.99
N GLY A 105 -18.91 25.54 14.93
CA GLY A 105 -19.98 26.50 14.66
C GLY A 105 -19.54 27.94 14.81
N PRO A 106 -19.90 28.79 13.85
CA PRO A 106 -19.55 30.21 13.87
C PRO A 106 -20.28 30.98 14.96
N SER A 107 -19.73 30.97 16.16
CA SER A 107 -20.34 31.65 17.29
C SER A 107 -19.49 32.85 17.73
N SER A 108 -20.14 33.87 18.26
CA SER A 108 -19.45 35.08 18.70
C SER A 108 -20.22 35.75 19.84
N GLY A 109 -19.50 36.52 20.66
CA GLY A 109 -20.11 37.20 21.77
C GLY A 109 -19.42 36.90 23.09
N GLY A 1 -8.58 14.34 0.88
CA GLY A 1 -9.88 14.02 1.42
C GLY A 1 -10.58 12.93 0.65
N SER A 2 -11.36 12.11 1.35
CA SER A 2 -12.09 11.02 0.72
C SER A 2 -13.53 10.95 1.22
N SER A 3 -14.47 10.95 0.28
CA SER A 3 -15.88 10.91 0.63
C SER A 3 -16.50 9.56 0.23
N GLY A 4 -17.31 9.00 1.11
CA GLY A 4 -17.95 7.72 0.83
C GLY A 4 -17.13 6.55 1.32
N SER A 5 -17.51 5.35 0.89
CA SER A 5 -16.80 4.14 1.30
C SER A 5 -15.58 3.90 0.41
N SER A 6 -15.78 4.02 -0.90
CA SER A 6 -14.69 3.82 -1.85
C SER A 6 -13.53 4.76 -1.56
N GLY A 7 -12.40 4.20 -1.12
CA GLY A 7 -11.23 5.01 -0.81
C GLY A 7 -9.95 4.32 -1.20
N ASN A 8 -9.83 3.92 -2.46
CA ASN A 8 -8.64 3.25 -2.95
C ASN A 8 -7.39 3.83 -2.31
N CYS A 9 -6.74 3.04 -1.47
CA CYS A 9 -5.52 3.48 -0.79
C CYS A 9 -4.43 2.41 -0.87
N ARG A 10 -3.20 2.85 -1.10
CA ARG A 10 -2.07 1.94 -1.21
C ARG A 10 -0.85 2.48 -0.47
N LEU A 11 -0.19 1.62 0.30
CA LEU A 11 0.99 2.02 1.06
C LEU A 11 2.26 1.61 0.33
N PHE A 12 3.26 2.50 0.34
CA PHE A 12 4.53 2.23 -0.32
C PHE A 12 5.47 1.47 0.61
N ILE A 13 5.62 0.17 0.35
CA ILE A 13 6.50 -0.68 1.16
C ILE A 13 7.80 -0.98 0.43
N GLY A 14 8.91 -0.43 0.94
CA GLY A 14 10.20 -0.66 0.33
C GLY A 14 11.19 -1.28 1.29
N GLY A 15 12.07 -2.13 0.76
CA GLY A 15 13.07 -2.78 1.59
C GLY A 15 12.66 -4.19 1.99
N ILE A 16 12.02 -4.91 1.07
CA ILE A 16 11.58 -6.26 1.33
C ILE A 16 12.39 -7.28 0.52
N PRO A 17 12.50 -8.51 1.05
CA PRO A 17 13.24 -9.58 0.37
C PRO A 17 12.53 -10.08 -0.87
N LYS A 18 13.30 -10.23 -1.96
CA LYS A 18 12.75 -10.71 -3.22
C LYS A 18 12.26 -12.15 -3.10
N MET A 19 13.12 -13.02 -2.58
CA MET A 19 12.77 -14.42 -2.41
C MET A 19 11.31 -14.58 -1.99
N LYS A 20 10.83 -13.64 -1.18
CA LYS A 20 9.45 -13.67 -0.71
C LYS A 20 8.47 -13.53 -1.87
N LYS A 21 7.19 -13.79 -1.60
CA LYS A 21 6.17 -13.70 -2.63
C LYS A 21 5.03 -12.80 -2.17
N ARG A 22 4.18 -12.39 -3.11
CA ARG A 22 3.05 -11.52 -2.80
C ARG A 22 2.13 -12.17 -1.77
N GLU A 23 1.79 -13.43 -2.01
CA GLU A 23 0.92 -14.17 -1.09
C GLU A 23 1.45 -14.11 0.34
N GLU A 24 2.78 -14.04 0.47
CA GLU A 24 3.40 -13.99 1.78
C GLU A 24 3.37 -12.57 2.34
N ILE A 25 3.73 -11.60 1.50
CA ILE A 25 3.73 -10.20 1.91
C ILE A 25 2.41 -9.80 2.55
N LEU A 26 1.32 -10.03 1.83
CA LEU A 26 -0.01 -9.70 2.34
C LEU A 26 -0.19 -10.19 3.77
N GLU A 27 0.07 -11.47 4.00
CA GLU A 27 -0.06 -12.06 5.32
C GLU A 27 0.74 -11.26 6.35
N GLU A 28 2.05 -11.17 6.14
CA GLU A 28 2.92 -10.44 7.04
C GLU A 28 2.38 -9.04 7.30
N ILE A 29 1.56 -8.55 6.39
CA ILE A 29 0.97 -7.22 6.52
C ILE A 29 -0.35 -7.28 7.28
N ALA A 30 -1.12 -8.33 7.03
CA ALA A 30 -2.41 -8.50 7.70
C ALA A 30 -2.25 -8.52 9.21
N LYS A 31 -1.01 -8.65 9.67
CA LYS A 31 -0.71 -8.67 11.09
C LYS A 31 -0.14 -7.34 11.56
N VAL A 32 0.89 -6.87 10.86
CA VAL A 32 1.52 -5.60 11.21
C VAL A 32 0.58 -4.43 10.99
N THR A 33 -0.31 -4.58 10.02
CA THR A 33 -1.27 -3.53 9.70
C THR A 33 -2.68 -4.10 9.53
N GLU A 34 -3.58 -3.76 10.44
CA GLU A 34 -4.95 -4.24 10.39
C GLU A 34 -5.82 -3.32 9.52
N GLY A 35 -6.46 -3.90 8.51
CA GLY A 35 -7.31 -3.12 7.64
C GLY A 35 -6.90 -3.22 6.18
N VAL A 36 -6.00 -4.16 5.89
CA VAL A 36 -5.52 -4.36 4.54
C VAL A 36 -6.50 -5.19 3.72
N LEU A 37 -6.51 -4.97 2.41
CA LEU A 37 -7.40 -5.70 1.52
C LEU A 37 -6.63 -6.70 0.66
N ASP A 38 -5.57 -6.22 0.02
CA ASP A 38 -4.75 -7.06 -0.84
C ASP A 38 -3.41 -6.39 -1.12
N VAL A 39 -2.44 -7.20 -1.57
CA VAL A 39 -1.10 -6.68 -1.88
C VAL A 39 -0.79 -6.85 -3.36
N ILE A 40 -0.18 -5.83 -3.94
CA ILE A 40 0.18 -5.84 -5.35
C ILE A 40 1.69 -5.87 -5.53
N VAL A 41 2.17 -6.73 -6.43
CA VAL A 41 3.60 -6.85 -6.69
C VAL A 41 3.93 -6.41 -8.11
N TYR A 42 5.07 -5.76 -8.28
CA TYR A 42 5.50 -5.28 -9.58
C TYR A 42 6.57 -6.20 -10.18
N ALA A 43 6.27 -6.74 -11.36
CA ALA A 43 7.21 -7.64 -12.03
C ALA A 43 6.72 -7.98 -13.43
N SER A 44 7.48 -8.83 -14.13
CA SER A 44 7.12 -9.23 -15.49
C SER A 44 6.31 -10.53 -15.46
N ALA A 45 6.80 -11.52 -14.73
CA ALA A 45 6.13 -12.81 -14.63
C ALA A 45 6.02 -13.25 -13.18
N ALA A 46 7.14 -13.64 -12.59
CA ALA A 46 7.16 -14.08 -11.20
C ALA A 46 7.07 -12.89 -10.24
N ASP A 47 6.94 -13.19 -8.95
CA ASP A 47 6.85 -12.15 -7.94
C ASP A 47 7.82 -11.01 -8.23
N LYS A 48 9.11 -11.33 -8.25
CA LYS A 48 10.14 -10.33 -8.52
C LYS A 48 11.52 -10.99 -8.63
N MET A 49 12.03 -11.08 -9.85
CA MET A 49 13.33 -11.68 -10.10
C MET A 49 14.40 -10.60 -10.26
N LYS A 50 14.20 -9.72 -11.24
CA LYS A 50 15.14 -8.64 -11.50
C LYS A 50 14.51 -7.28 -11.22
N ASN A 51 13.46 -7.28 -10.42
CA ASN A 51 12.77 -6.04 -10.07
C ASN A 51 13.10 -5.61 -8.65
N ARG A 52 13.09 -4.30 -8.41
CA ARG A 52 13.38 -3.76 -7.09
C ARG A 52 12.65 -4.54 -6.00
N GLY A 53 13.16 -4.43 -4.78
CA GLY A 53 12.54 -5.14 -3.66
C GLY A 53 11.49 -4.30 -2.96
N PHE A 54 10.32 -4.17 -3.59
CA PHE A 54 9.22 -3.40 -3.03
C PHE A 54 7.88 -4.07 -3.30
N ALA A 55 6.85 -3.61 -2.61
CA ALA A 55 5.51 -4.16 -2.77
C ALA A 55 4.44 -3.13 -2.43
N PHE A 56 3.24 -3.33 -2.97
CA PHE A 56 2.14 -2.42 -2.72
C PHE A 56 1.11 -3.05 -1.77
N VAL A 57 0.59 -2.24 -0.85
CA VAL A 57 -0.39 -2.72 0.11
C VAL A 57 -1.67 -1.90 0.04
N GLU A 58 -2.74 -2.51 -0.48
CA GLU A 58 -4.03 -1.84 -0.61
C GLU A 58 -4.83 -1.97 0.68
N TYR A 59 -5.44 -0.87 1.10
CA TYR A 59 -6.25 -0.86 2.31
C TYR A 59 -7.68 -0.40 2.01
N GLU A 60 -8.65 -1.19 2.47
CA GLU A 60 -10.06 -0.88 2.26
C GLU A 60 -10.40 0.50 2.80
N SER A 61 -9.99 0.76 4.04
CA SER A 61 -10.25 2.04 4.69
C SER A 61 -9.14 3.04 4.38
N HIS A 62 -9.48 4.10 3.66
CA HIS A 62 -8.51 5.13 3.30
C HIS A 62 -7.61 5.47 4.49
N ARG A 63 -8.16 5.34 5.69
CA ARG A 63 -7.41 5.63 6.91
C ARG A 63 -6.55 4.44 7.32
N ALA A 64 -7.10 3.24 7.14
CA ALA A 64 -6.39 2.02 7.49
C ALA A 64 -4.95 2.05 6.99
N ALA A 65 -4.72 2.80 5.91
CA ALA A 65 -3.39 2.92 5.33
C ALA A 65 -2.66 4.13 5.89
N ALA A 66 -3.39 5.21 6.14
CA ALA A 66 -2.80 6.43 6.68
C ALA A 66 -2.27 6.20 8.09
N MET A 67 -3.02 5.44 8.88
CA MET A 67 -2.63 5.14 10.26
C MET A 67 -1.77 3.88 10.32
N ALA A 68 -1.73 3.14 9.22
CA ALA A 68 -0.95 1.91 9.15
C ALA A 68 0.52 2.21 8.82
N ARG A 69 0.77 3.41 8.31
CA ARG A 69 2.12 3.83 7.95
C ARG A 69 2.86 4.33 9.19
N ARG A 70 2.15 5.02 10.07
CA ARG A 70 2.73 5.56 11.29
C ARG A 70 3.20 4.45 12.21
N LYS A 71 2.84 3.21 11.87
CA LYS A 71 3.22 2.06 12.66
C LYS A 71 4.49 1.40 12.11
N LEU A 72 4.80 1.69 10.86
CA LEU A 72 5.98 1.14 10.21
C LEU A 72 6.88 2.25 9.67
N MET A 73 6.51 3.50 9.95
CA MET A 73 7.28 4.64 9.49
C MET A 73 8.65 4.68 10.16
N PRO A 74 8.65 4.60 11.50
CA PRO A 74 9.88 4.62 12.29
C PRO A 74 10.71 3.34 12.12
N GLY A 75 10.18 2.41 11.33
CA GLY A 75 10.89 1.16 11.10
C GLY A 75 10.90 0.26 12.32
N ARG A 76 9.96 0.49 13.24
CA ARG A 76 9.86 -0.31 14.45
C ARG A 76 9.60 -1.77 14.13
N ILE A 77 8.83 -2.02 13.07
CA ILE A 77 8.49 -3.37 12.66
C ILE A 77 9.33 -3.80 11.44
N GLN A 78 9.64 -5.08 11.37
CA GLN A 78 10.42 -5.62 10.27
C GLN A 78 9.73 -6.81 9.63
N LEU A 79 9.95 -7.00 8.33
CA LEU A 79 9.35 -8.10 7.60
C LEU A 79 10.36 -9.22 7.35
N TRP A 80 10.14 -10.36 7.99
CA TRP A 80 11.02 -11.51 7.84
C TRP A 80 12.44 -11.16 8.28
N GLY A 81 12.54 -10.36 9.34
CA GLY A 81 13.84 -9.96 9.86
C GLY A 81 14.51 -8.92 8.98
N HIS A 82 13.81 -8.48 7.94
CA HIS A 82 14.34 -7.47 7.03
C HIS A 82 13.68 -6.11 7.26
N GLN A 83 14.50 -5.07 7.34
CA GLN A 83 13.99 -3.73 7.57
C GLN A 83 13.07 -3.30 6.43
N ILE A 84 12.00 -2.59 6.78
CA ILE A 84 11.04 -2.12 5.79
C ILE A 84 10.63 -0.67 6.05
N ALA A 85 10.21 0.02 5.01
CA ALA A 85 9.80 1.41 5.13
C ALA A 85 8.43 1.64 4.51
N VAL A 86 7.64 2.53 5.11
CA VAL A 86 6.30 2.83 4.61
C VAL A 86 6.19 4.29 4.21
N ASP A 87 5.77 4.54 2.98
CA ASP A 87 5.61 5.89 2.48
C ASP A 87 4.35 6.02 1.62
N TRP A 88 3.93 7.26 1.37
CA TRP A 88 2.74 7.51 0.58
C TRP A 88 2.97 7.13 -0.88
N ALA A 89 2.07 6.30 -1.42
CA ALA A 89 2.18 5.86 -2.81
C ALA A 89 1.83 6.98 -3.77
N GLU A 90 0.64 7.56 -3.59
CA GLU A 90 0.17 8.64 -4.45
C GLU A 90 -0.96 9.42 -3.78
N PRO A 91 -0.75 10.73 -3.60
CA PRO A 91 -1.75 11.60 -2.96
C PRO A 91 -2.97 11.83 -3.86
N GLU A 92 -2.73 12.19 -5.10
CA GLU A 92 -3.81 12.44 -6.05
C GLU A 92 -3.36 12.14 -7.48
N ILE A 93 -3.97 11.14 -8.10
CA ILE A 93 -3.63 10.76 -9.46
C ILE A 93 -4.79 11.05 -10.42
N ASP A 94 -4.47 11.12 -11.71
CA ASP A 94 -5.49 11.38 -12.73
C ASP A 94 -6.29 10.12 -13.03
N VAL A 95 -6.66 9.39 -11.98
CA VAL A 95 -7.44 8.16 -12.15
C VAL A 95 -8.75 8.43 -12.86
N ASP A 96 -9.21 9.67 -12.80
CA ASP A 96 -10.46 10.06 -13.45
C ASP A 96 -10.42 9.74 -14.94
N GLU A 97 -9.39 10.22 -15.62
CA GLU A 97 -9.23 9.98 -17.05
C GLU A 97 -8.53 8.65 -17.31
N ASP A 98 -7.47 8.40 -16.55
CA ASP A 98 -6.71 7.16 -16.70
C ASP A 98 -6.15 6.71 -15.35
N VAL A 99 -6.36 5.43 -15.04
CA VAL A 99 -5.88 4.86 -13.79
C VAL A 99 -4.99 3.65 -14.03
N MET A 100 -5.34 2.86 -15.04
CA MET A 100 -4.58 1.66 -15.38
C MET A 100 -3.29 2.04 -16.11
N GLU A 101 -2.47 1.03 -16.40
CA GLU A 101 -1.22 1.25 -17.10
C GLU A 101 -1.18 0.48 -18.42
N THR A 102 -1.74 1.09 -19.45
CA THR A 102 -1.78 0.47 -20.77
C THR A 102 -1.13 1.36 -21.82
N VAL A 103 -0.29 0.76 -22.67
CA VAL A 103 0.39 1.50 -23.72
C VAL A 103 0.22 0.82 -25.07
N SER A 104 0.13 -0.51 -25.05
CA SER A 104 -0.03 -1.28 -26.28
C SER A 104 -1.40 -1.94 -26.33
N GLY A 105 -1.75 -2.64 -25.25
CA GLY A 105 -3.03 -3.32 -25.19
C GLY A 105 -2.92 -4.75 -24.67
N PRO A 106 -2.72 -4.89 -23.35
CA PRO A 106 -2.60 -6.19 -22.72
C PRO A 106 -3.91 -6.97 -22.70
N SER A 107 -3.89 -8.16 -23.31
CA SER A 107 -5.08 -9.00 -23.38
C SER A 107 -5.54 -9.39 -21.98
N SER A 108 -6.61 -8.75 -21.52
CA SER A 108 -7.16 -9.03 -20.19
C SER A 108 -7.52 -10.49 -20.06
N GLY A 109 -8.39 -10.98 -20.96
CA GLY A 109 -8.80 -12.36 -20.92
C GLY A 109 -7.83 -13.28 -21.64
N GLY A 1 -19.61 15.91 -12.02
CA GLY A 1 -19.76 15.66 -13.44
C GLY A 1 -19.42 14.23 -13.83
N SER A 2 -18.79 14.06 -14.99
CA SER A 2 -18.42 12.74 -15.47
C SER A 2 -17.15 12.25 -14.78
N SER A 3 -17.27 11.19 -14.00
CA SER A 3 -16.12 10.62 -13.29
C SER A 3 -16.44 9.22 -12.78
N GLY A 4 -15.44 8.56 -12.20
CA GLY A 4 -15.63 7.21 -11.69
C GLY A 4 -14.36 6.67 -11.06
N SER A 5 -14.03 7.18 -9.87
CA SER A 5 -12.84 6.73 -9.16
C SER A 5 -12.96 7.00 -7.67
N SER A 6 -12.80 5.96 -6.87
CA SER A 6 -12.90 6.09 -5.42
C SER A 6 -11.96 5.11 -4.71
N GLY A 7 -11.30 5.59 -3.66
CA GLY A 7 -10.37 4.76 -2.93
C GLY A 7 -8.95 4.85 -3.46
N ASN A 8 -8.51 3.79 -4.14
CA ASN A 8 -7.16 3.75 -4.70
C ASN A 8 -6.12 4.12 -3.65
N CYS A 9 -6.27 3.54 -2.45
CA CYS A 9 -5.35 3.79 -1.36
C CYS A 9 -4.39 2.63 -1.17
N ARG A 10 -3.10 2.89 -1.37
CA ARG A 10 -2.09 1.85 -1.23
C ARG A 10 -0.85 2.39 -0.50
N LEU A 11 -0.23 1.55 0.31
CA LEU A 11 0.95 1.95 1.07
C LEU A 11 2.22 1.50 0.36
N PHE A 12 3.22 2.37 0.34
CA PHE A 12 4.50 2.06 -0.31
C PHE A 12 5.41 1.30 0.64
N ILE A 13 5.51 -0.01 0.44
CA ILE A 13 6.35 -0.86 1.28
C ILE A 13 7.68 -1.15 0.59
N GLY A 14 8.75 -0.56 1.10
CA GLY A 14 10.07 -0.77 0.52
C GLY A 14 11.01 -1.46 1.48
N GLY A 15 11.92 -2.27 0.95
CA GLY A 15 12.87 -2.98 1.78
C GLY A 15 12.37 -4.35 2.20
N ILE A 16 12.12 -5.20 1.21
CA ILE A 16 11.64 -6.56 1.48
C ILE A 16 12.36 -7.57 0.61
N PRO A 17 12.50 -8.81 1.14
CA PRO A 17 13.17 -9.90 0.42
C PRO A 17 12.36 -10.40 -0.76
N LYS A 18 12.99 -10.42 -1.93
CA LYS A 18 12.32 -10.89 -3.15
C LYS A 18 11.89 -12.34 -3.02
N MET A 19 12.79 -13.17 -2.50
CA MET A 19 12.50 -14.59 -2.33
C MET A 19 11.02 -14.81 -1.98
N LYS A 20 10.49 -13.93 -1.13
CA LYS A 20 9.09 -14.03 -0.73
C LYS A 20 8.16 -13.82 -1.93
N LYS A 21 6.85 -13.78 -1.66
CA LYS A 21 5.86 -13.59 -2.70
C LYS A 21 4.71 -12.72 -2.22
N ARG A 22 3.99 -12.12 -3.15
CA ARG A 22 2.86 -11.27 -2.81
C ARG A 22 1.97 -11.94 -1.76
N GLU A 23 1.71 -13.22 -1.95
CA GLU A 23 0.87 -13.97 -1.02
C GLU A 23 1.43 -13.90 0.40
N GLU A 24 2.76 -13.92 0.50
CA GLU A 24 3.42 -13.86 1.80
C GLU A 24 3.41 -12.44 2.36
N ILE A 25 3.84 -11.49 1.55
CA ILE A 25 3.87 -10.09 1.96
C ILE A 25 2.54 -9.67 2.55
N LEU A 26 1.46 -9.96 1.85
CA LEU A 26 0.12 -9.61 2.30
C LEU A 26 -0.09 -10.06 3.75
N GLU A 27 0.05 -11.35 3.98
CA GLU A 27 -0.12 -11.92 5.32
C GLU A 27 0.75 -11.19 6.34
N GLU A 28 2.05 -11.13 6.05
CA GLU A 28 3.01 -10.47 6.93
C GLU A 28 2.56 -9.03 7.23
N ILE A 29 1.70 -8.50 6.38
CA ILE A 29 1.20 -7.14 6.54
C ILE A 29 -0.14 -7.14 7.28
N ALA A 30 -0.97 -8.13 6.99
CA ALA A 30 -2.28 -8.24 7.62
C ALA A 30 -2.14 -8.29 9.15
N LYS A 31 -0.93 -8.47 9.62
CA LYS A 31 -0.66 -8.54 11.06
C LYS A 31 -0.16 -7.19 11.58
N VAL A 32 0.85 -6.64 10.91
CA VAL A 32 1.41 -5.36 11.31
C VAL A 32 0.41 -4.23 11.10
N THR A 33 -0.41 -4.35 10.06
CA THR A 33 -1.41 -3.34 9.74
C THR A 33 -2.75 -3.98 9.42
N GLU A 34 -3.73 -3.76 10.29
CA GLU A 34 -5.07 -4.32 10.10
C GLU A 34 -5.92 -3.39 9.23
N GLY A 35 -6.62 -3.97 8.25
CA GLY A 35 -7.45 -3.18 7.38
C GLY A 35 -7.06 -3.30 5.92
N VAL A 36 -6.05 -4.13 5.65
CA VAL A 36 -5.58 -4.35 4.29
C VAL A 36 -6.60 -5.11 3.46
N LEU A 37 -6.57 -4.90 2.15
CA LEU A 37 -7.49 -5.57 1.24
C LEU A 37 -6.75 -6.55 0.34
N ASP A 38 -5.66 -6.09 -0.27
CA ASP A 38 -4.87 -6.93 -1.16
C ASP A 38 -3.48 -6.32 -1.38
N VAL A 39 -2.55 -7.15 -1.83
CA VAL A 39 -1.19 -6.69 -2.08
C VAL A 39 -0.81 -6.88 -3.54
N ILE A 40 -0.16 -5.88 -4.12
CA ILE A 40 0.26 -5.93 -5.51
C ILE A 40 1.77 -5.89 -5.63
N VAL A 41 2.31 -6.65 -6.58
CA VAL A 41 3.75 -6.69 -6.80
C VAL A 41 4.10 -6.30 -8.24
N TYR A 42 5.35 -5.90 -8.46
CA TYR A 42 5.80 -5.51 -9.78
C TYR A 42 6.76 -6.55 -10.36
N ALA A 43 6.32 -7.24 -11.41
CA ALA A 43 7.13 -8.25 -12.05
C ALA A 43 6.53 -8.67 -13.39
N SER A 44 7.35 -8.64 -14.44
CA SER A 44 6.90 -9.01 -15.78
C SER A 44 6.20 -10.37 -15.76
N ALA A 45 6.94 -11.40 -15.36
CA ALA A 45 6.40 -12.75 -15.28
C ALA A 45 6.53 -13.33 -13.89
N ALA A 46 7.75 -13.30 -13.35
CA ALA A 46 8.01 -13.83 -12.01
C ALA A 46 8.64 -12.76 -11.12
N ASP A 47 8.10 -12.61 -9.91
CA ASP A 47 8.62 -11.64 -8.97
C ASP A 47 9.76 -12.22 -8.14
N LYS A 48 10.70 -12.87 -8.82
CA LYS A 48 11.84 -13.47 -8.15
C LYS A 48 13.15 -12.85 -8.63
N MET A 49 13.29 -12.72 -9.95
CA MET A 49 14.49 -12.13 -10.54
C MET A 49 14.26 -10.67 -10.91
N LYS A 50 13.09 -10.39 -11.47
CA LYS A 50 12.74 -9.04 -11.87
C LYS A 50 12.15 -8.25 -10.71
N ASN A 51 12.46 -8.69 -9.49
CA ASN A 51 11.97 -8.02 -8.28
C ASN A 51 13.00 -7.02 -7.77
N ARG A 52 12.60 -5.75 -7.73
CA ARG A 52 13.48 -4.69 -7.26
C ARG A 52 13.65 -4.76 -5.75
N GLY A 53 12.57 -5.07 -5.05
CA GLY A 53 12.61 -5.16 -3.61
C GLY A 53 11.57 -4.30 -2.93
N PHE A 54 10.32 -4.43 -3.36
CA PHE A 54 9.22 -3.65 -2.80
C PHE A 54 7.88 -4.29 -3.13
N ALA A 55 6.83 -3.82 -2.46
CA ALA A 55 5.49 -4.34 -2.67
C ALA A 55 4.43 -3.28 -2.38
N PHE A 56 3.24 -3.49 -2.91
CA PHE A 56 2.14 -2.55 -2.70
C PHE A 56 1.04 -3.17 -1.84
N VAL A 57 0.45 -2.37 -0.95
CA VAL A 57 -0.61 -2.84 -0.08
C VAL A 57 -1.83 -1.94 -0.17
N GLU A 58 -2.89 -2.46 -0.79
CA GLU A 58 -4.12 -1.70 -0.95
C GLU A 58 -5.03 -1.88 0.27
N TYR A 59 -5.39 -0.76 0.89
CA TYR A 59 -6.24 -0.78 2.07
C TYR A 59 -7.66 -0.34 1.73
N GLU A 60 -8.65 -1.07 2.24
CA GLU A 60 -10.05 -0.75 1.99
C GLU A 60 -10.37 0.67 2.43
N SER A 61 -10.02 0.99 3.67
CA SER A 61 -10.28 2.32 4.23
C SER A 61 -9.06 3.22 4.05
N HIS A 62 -9.29 4.43 3.55
CA HIS A 62 -8.21 5.39 3.34
C HIS A 62 -7.45 5.64 4.64
N ARG A 63 -8.09 5.36 5.77
CA ARG A 63 -7.48 5.56 7.07
C ARG A 63 -6.60 4.36 7.44
N ALA A 64 -7.12 3.16 7.21
CA ALA A 64 -6.40 1.94 7.52
C ALA A 64 -4.96 2.02 7.03
N ALA A 65 -4.74 2.75 5.94
CA ALA A 65 -3.41 2.91 5.37
C ALA A 65 -2.64 4.02 6.08
N ALA A 66 -3.32 5.13 6.34
CA ALA A 66 -2.69 6.27 7.01
C ALA A 66 -2.19 5.88 8.39
N MET A 67 -3.03 5.17 9.15
CA MET A 67 -2.67 4.74 10.49
C MET A 67 -1.80 3.49 10.44
N ALA A 68 -1.74 2.86 9.27
CA ALA A 68 -0.96 1.65 9.09
C ALA A 68 0.50 1.98 8.77
N ARG A 69 0.74 3.21 8.33
CA ARG A 69 2.07 3.66 7.98
C ARG A 69 2.78 4.27 9.20
N ARG A 70 2.03 5.05 9.97
CA ARG A 70 2.58 5.69 11.16
C ARG A 70 3.12 4.65 12.13
N LYS A 71 2.80 3.39 11.89
CA LYS A 71 3.26 2.30 12.74
C LYS A 71 4.55 1.70 12.22
N LEU A 72 4.72 1.72 10.89
CA LEU A 72 5.91 1.18 10.27
C LEU A 72 6.81 2.29 9.74
N MET A 73 6.39 3.55 9.97
CA MET A 73 7.15 4.70 9.52
C MET A 73 8.52 4.75 10.20
N PRO A 74 8.52 4.66 11.54
CA PRO A 74 9.74 4.69 12.34
C PRO A 74 10.58 3.43 12.16
N GLY A 75 10.10 2.53 11.31
CA GLY A 75 10.83 1.29 11.06
C GLY A 75 10.92 0.41 12.30
N ARG A 76 9.93 0.54 13.18
CA ARG A 76 9.89 -0.25 14.41
C ARG A 76 9.63 -1.73 14.10
N ILE A 77 8.78 -1.98 13.11
CA ILE A 77 8.45 -3.34 12.72
C ILE A 77 9.13 -3.72 11.42
N GLN A 78 9.69 -4.94 11.39
CA GLN A 78 10.38 -5.43 10.20
C GLN A 78 9.67 -6.64 9.61
N LEU A 79 10.07 -7.04 8.42
CA LEU A 79 9.47 -8.19 7.75
C LEU A 79 10.52 -9.25 7.45
N TRP A 80 10.34 -10.43 8.03
CA TRP A 80 11.27 -11.54 7.82
C TRP A 80 12.67 -11.16 8.28
N GLY A 81 12.76 -10.31 9.30
CA GLY A 81 14.04 -9.88 9.81
C GLY A 81 14.71 -8.84 8.92
N HIS A 82 13.99 -8.41 7.88
CA HIS A 82 14.51 -7.42 6.96
C HIS A 82 13.89 -6.05 7.21
N GLN A 83 14.71 -5.01 7.21
CA GLN A 83 14.23 -3.65 7.44
C GLN A 83 13.21 -3.25 6.39
N ILE A 84 12.16 -2.56 6.83
CA ILE A 84 11.11 -2.11 5.92
C ILE A 84 10.70 -0.68 6.22
N ALA A 85 10.20 0.00 5.20
CA ALA A 85 9.77 1.39 5.35
C ALA A 85 8.48 1.66 4.57
N VAL A 86 7.58 2.43 5.18
CA VAL A 86 6.31 2.75 4.54
C VAL A 86 6.31 4.18 4.00
N ASP A 87 5.75 4.35 2.80
CA ASP A 87 5.69 5.66 2.17
C ASP A 87 4.34 5.88 1.49
N TRP A 88 3.98 7.14 1.29
CA TRP A 88 2.72 7.47 0.66
C TRP A 88 2.76 7.19 -0.85
N ALA A 89 1.96 6.23 -1.28
CA ALA A 89 1.91 5.86 -2.70
C ALA A 89 1.23 6.95 -3.52
N GLU A 90 -0.01 7.25 -3.19
CA GLU A 90 -0.77 8.28 -3.90
C GLU A 90 -0.42 9.67 -3.39
N PRO A 91 -0.08 10.57 -4.32
CA PRO A 91 0.29 11.96 -3.99
C PRO A 91 -0.90 12.76 -3.49
N GLU A 92 -1.99 12.74 -4.26
CA GLU A 92 -3.20 13.47 -3.90
C GLU A 92 -4.41 12.92 -4.64
N ILE A 93 -5.25 12.19 -3.92
CA ILE A 93 -6.45 11.60 -4.51
C ILE A 93 -7.58 12.63 -4.60
N ASP A 94 -8.71 12.20 -5.14
CA ASP A 94 -9.87 13.08 -5.28
C ASP A 94 -10.72 13.07 -4.01
N VAL A 95 -10.06 13.05 -2.85
CA VAL A 95 -10.75 13.05 -1.57
C VAL A 95 -11.59 14.31 -1.40
N ASP A 96 -11.23 15.37 -2.11
CA ASP A 96 -11.95 16.63 -2.03
C ASP A 96 -13.38 16.46 -2.53
N GLU A 97 -13.54 15.76 -3.64
CA GLU A 97 -14.86 15.53 -4.22
C GLU A 97 -15.50 14.28 -3.63
N ASP A 98 -14.74 13.19 -3.63
CA ASP A 98 -15.24 11.92 -3.10
C ASP A 98 -14.17 11.23 -2.25
N VAL A 99 -14.44 11.09 -0.96
CA VAL A 99 -13.51 10.45 -0.04
C VAL A 99 -14.19 9.37 0.79
N MET A 100 -15.48 9.57 1.05
CA MET A 100 -16.26 8.62 1.84
C MET A 100 -16.70 7.44 0.97
N GLU A 101 -17.31 6.44 1.60
CA GLU A 101 -17.78 5.26 0.88
C GLU A 101 -18.95 4.61 1.62
N THR A 102 -19.79 3.90 0.87
CA THR A 102 -20.96 3.24 1.45
C THR A 102 -20.83 1.72 1.32
N VAL A 103 -21.71 1.01 2.01
CA VAL A 103 -21.71 -0.46 1.97
C VAL A 103 -23.13 -1.01 1.96
N SER A 104 -23.41 -1.90 1.02
CA SER A 104 -24.73 -2.51 0.91
C SER A 104 -24.74 -3.59 -0.16
N GLY A 105 -24.99 -4.82 0.25
CA GLY A 105 -25.03 -5.92 -0.70
C GLY A 105 -26.43 -6.26 -1.15
N PRO A 106 -26.60 -6.47 -2.47
CA PRO A 106 -27.91 -6.79 -3.06
C PRO A 106 -28.39 -8.18 -2.68
N SER A 107 -29.60 -8.52 -3.09
CA SER A 107 -30.18 -9.83 -2.79
C SER A 107 -30.93 -10.38 -4.00
N SER A 108 -31.38 -11.63 -3.88
CA SER A 108 -32.11 -12.28 -4.96
C SER A 108 -33.40 -12.90 -4.44
N GLY A 109 -34.54 -12.43 -4.96
CA GLY A 109 -35.82 -12.95 -4.54
C GLY A 109 -35.88 -14.47 -4.63
N GLY A 1 -14.14 6.49 14.59
CA GLY A 1 -14.31 7.65 13.73
C GLY A 1 -15.73 7.83 13.26
N SER A 2 -16.13 9.07 13.00
CA SER A 2 -17.47 9.38 12.55
C SER A 2 -17.52 9.50 11.04
N SER A 3 -16.58 10.28 10.48
CA SER A 3 -16.52 10.48 9.04
C SER A 3 -15.78 9.35 8.36
N GLY A 4 -16.52 8.53 7.62
CA GLY A 4 -15.91 7.40 6.93
C GLY A 4 -15.37 7.79 5.56
N SER A 5 -14.60 6.89 4.95
CA SER A 5 -14.02 7.14 3.63
C SER A 5 -13.95 5.85 2.82
N SER A 6 -13.71 5.99 1.53
CA SER A 6 -13.61 4.84 0.63
C SER A 6 -13.07 5.26 -0.74
N GLY A 7 -12.05 4.54 -1.21
CA GLY A 7 -11.46 4.85 -2.49
C GLY A 7 -10.17 4.11 -2.72
N ASN A 8 -9.28 4.71 -3.52
CA ASN A 8 -7.99 4.09 -3.82
C ASN A 8 -6.94 4.51 -2.80
N CYS A 9 -6.51 3.55 -1.99
CA CYS A 9 -5.50 3.81 -0.97
C CYS A 9 -4.47 2.68 -0.92
N ARG A 10 -3.22 3.02 -1.20
CA ARG A 10 -2.15 2.03 -1.19
C ARG A 10 -0.92 2.57 -0.45
N LEU A 11 -0.21 1.68 0.23
CA LEU A 11 0.98 2.07 0.98
C LEU A 11 2.24 1.63 0.25
N PHE A 12 3.26 2.49 0.28
CA PHE A 12 4.53 2.19 -0.37
C PHE A 12 5.47 1.44 0.56
N ILE A 13 5.57 0.13 0.37
CA ILE A 13 6.42 -0.70 1.21
C ILE A 13 7.74 -1.02 0.49
N GLY A 14 8.84 -0.45 1.00
CA GLY A 14 10.13 -0.69 0.39
C GLY A 14 11.11 -1.35 1.36
N GLY A 15 12.04 -2.12 0.81
CA GLY A 15 13.02 -2.80 1.65
C GLY A 15 12.65 -4.24 1.94
N ILE A 16 11.91 -4.85 1.02
CA ILE A 16 11.48 -6.24 1.17
C ILE A 16 12.26 -7.16 0.25
N PRO A 17 12.39 -8.43 0.65
CA PRO A 17 13.11 -9.45 -0.12
C PRO A 17 12.38 -9.82 -1.41
N LYS A 18 13.12 -10.38 -2.36
CA LYS A 18 12.54 -10.79 -3.64
C LYS A 18 12.00 -12.22 -3.56
N MET A 19 12.86 -13.15 -3.17
CA MET A 19 12.47 -14.55 -3.06
C MET A 19 11.06 -14.68 -2.51
N LYS A 20 10.64 -13.68 -1.73
CA LYS A 20 9.31 -13.68 -1.14
C LYS A 20 8.25 -13.34 -2.18
N LYS A 21 7.02 -13.80 -1.95
CA LYS A 21 5.92 -13.55 -2.85
C LYS A 21 4.82 -12.74 -2.18
N ARG A 22 3.89 -12.24 -2.98
CA ARG A 22 2.78 -11.45 -2.45
C ARG A 22 2.03 -12.22 -1.37
N GLU A 23 1.71 -13.48 -1.66
CA GLU A 23 0.99 -14.32 -0.71
C GLU A 23 1.62 -14.23 0.68
N GLU A 24 2.93 -14.07 0.73
CA GLU A 24 3.64 -13.96 1.99
C GLU A 24 3.60 -12.53 2.53
N ILE A 25 3.82 -11.57 1.64
CA ILE A 25 3.80 -10.16 2.02
C ILE A 25 2.46 -9.77 2.62
N LEU A 26 1.39 -10.03 1.87
CA LEU A 26 0.04 -9.70 2.33
C LEU A 26 -0.15 -10.10 3.79
N GLU A 27 0.11 -11.38 4.09
CA GLU A 27 -0.04 -11.89 5.44
C GLU A 27 0.76 -11.04 6.43
N GLU A 28 2.07 -11.04 6.27
CA GLU A 28 2.95 -10.27 7.15
C GLU A 28 2.40 -8.86 7.38
N ILE A 29 1.57 -8.41 6.44
CA ILE A 29 0.96 -7.08 6.54
C ILE A 29 -0.36 -7.13 7.27
N ALA A 30 -1.14 -8.17 7.03
CA ALA A 30 -2.44 -8.34 7.68
C ALA A 30 -2.29 -8.34 9.19
N LYS A 31 -1.06 -8.50 9.67
CA LYS A 31 -0.79 -8.52 11.10
C LYS A 31 -0.17 -7.21 11.55
N VAL A 32 0.89 -6.78 10.87
CA VAL A 32 1.57 -5.53 11.20
C VAL A 32 0.67 -4.33 10.95
N THR A 33 -0.28 -4.49 10.04
CA THR A 33 -1.22 -3.41 9.72
C THR A 33 -2.61 -3.96 9.41
N GLU A 34 -3.54 -3.73 10.33
CA GLU A 34 -4.91 -4.20 10.16
C GLU A 34 -5.72 -3.25 9.29
N GLY A 35 -6.45 -3.80 8.34
CA GLY A 35 -7.26 -2.98 7.45
C GLY A 35 -6.82 -3.09 6.01
N VAL A 36 -6.00 -4.10 5.71
CA VAL A 36 -5.50 -4.30 4.35
C VAL A 36 -6.51 -5.06 3.50
N LEU A 37 -6.40 -4.93 2.19
CA LEU A 37 -7.31 -5.60 1.26
C LEU A 37 -6.54 -6.57 0.37
N ASP A 38 -5.44 -6.10 -0.22
CA ASP A 38 -4.62 -6.93 -1.09
C ASP A 38 -3.25 -6.29 -1.31
N VAL A 39 -2.28 -7.11 -1.70
CA VAL A 39 -0.93 -6.63 -1.94
C VAL A 39 -0.53 -6.83 -3.40
N ILE A 40 0.09 -5.81 -3.98
CA ILE A 40 0.53 -5.86 -5.37
C ILE A 40 2.03 -5.70 -5.48
N VAL A 41 2.72 -6.79 -5.84
CA VAL A 41 4.17 -6.77 -5.98
C VAL A 41 4.57 -6.76 -7.45
N TYR A 42 4.98 -5.58 -7.93
CA TYR A 42 5.39 -5.43 -9.33
C TYR A 42 6.27 -4.20 -9.50
N ALA A 43 6.90 -4.10 -10.66
CA ALA A 43 7.77 -2.96 -10.95
C ALA A 43 7.48 -2.40 -12.35
N SER A 44 7.47 -3.28 -13.35
CA SER A 44 7.22 -2.88 -14.72
C SER A 44 5.97 -3.56 -15.27
N ALA A 45 5.97 -4.90 -15.22
CA ALA A 45 4.85 -5.68 -15.71
C ALA A 45 4.16 -6.41 -14.56
N ALA A 46 4.89 -7.28 -13.89
CA ALA A 46 4.36 -8.04 -12.78
C ALA A 46 5.45 -8.48 -11.82
N ASP A 47 5.08 -9.21 -10.78
CA ASP A 47 6.03 -9.69 -9.79
C ASP A 47 7.32 -10.13 -10.46
N LYS A 48 8.40 -9.39 -10.23
CA LYS A 48 9.70 -9.71 -10.82
C LYS A 48 10.81 -9.54 -9.79
N MET A 49 11.81 -10.42 -9.85
CA MET A 49 12.93 -10.36 -8.94
C MET A 49 13.62 -9.00 -8.99
N LYS A 50 13.28 -8.21 -10.01
CA LYS A 50 13.86 -6.88 -10.19
C LYS A 50 12.88 -5.80 -9.74
N ASN A 51 11.93 -6.18 -8.89
CA ASN A 51 10.93 -5.24 -8.39
C ASN A 51 11.50 -4.40 -7.25
N ARG A 52 12.73 -3.93 -7.43
CA ARG A 52 13.38 -3.10 -6.42
C ARG A 52 12.98 -3.54 -5.02
N GLY A 53 12.82 -4.86 -4.84
CA GLY A 53 12.43 -5.39 -3.55
C GLY A 53 11.38 -4.54 -2.87
N PHE A 54 10.32 -4.22 -3.60
CA PHE A 54 9.23 -3.42 -3.05
C PHE A 54 7.89 -4.10 -3.26
N ALA A 55 6.85 -3.57 -2.60
CA ALA A 55 5.51 -4.13 -2.71
C ALA A 55 4.46 -3.11 -2.35
N PHE A 56 3.26 -3.26 -2.92
CA PHE A 56 2.16 -2.34 -2.66
C PHE A 56 1.13 -2.97 -1.73
N VAL A 57 0.50 -2.14 -0.91
CA VAL A 57 -0.52 -2.61 0.03
C VAL A 57 -1.79 -1.77 -0.07
N GLU A 58 -2.82 -2.34 -0.69
CA GLU A 58 -4.09 -1.65 -0.86
C GLU A 58 -4.98 -1.87 0.37
N TYR A 59 -5.35 -0.78 1.02
CA TYR A 59 -6.21 -0.85 2.20
C TYR A 59 -7.63 -0.42 1.87
N GLU A 60 -8.60 -1.19 2.37
CA GLU A 60 -10.00 -0.90 2.12
C GLU A 60 -10.38 0.46 2.69
N SER A 61 -9.89 0.75 3.89
CA SER A 61 -10.18 2.02 4.56
C SER A 61 -9.10 3.05 4.23
N HIS A 62 -9.53 4.20 3.70
CA HIS A 62 -8.61 5.27 3.35
C HIS A 62 -7.61 5.53 4.48
N ARG A 63 -8.08 5.35 5.72
CA ARG A 63 -7.24 5.58 6.88
C ARG A 63 -6.41 4.33 7.19
N ALA A 64 -7.03 3.16 7.07
CA ALA A 64 -6.35 1.90 7.34
C ALA A 64 -4.91 1.95 6.84
N ALA A 65 -4.66 2.77 5.84
CA ALA A 65 -3.31 2.91 5.28
C ALA A 65 -2.54 4.02 5.97
N ALA A 66 -3.22 5.14 6.24
CA ALA A 66 -2.59 6.27 6.90
C ALA A 66 -2.18 5.92 8.33
N MET A 67 -3.07 5.23 9.04
CA MET A 67 -2.80 4.83 10.41
C MET A 67 -1.96 3.57 10.46
N ALA A 68 -1.81 2.91 9.31
CA ALA A 68 -1.02 1.69 9.23
C ALA A 68 0.45 2.01 8.96
N ARG A 69 0.70 3.14 8.32
CA ARG A 69 2.06 3.56 8.00
C ARG A 69 2.75 4.15 9.23
N ARG A 70 2.01 4.92 10.02
CA ARG A 70 2.54 5.55 11.22
C ARG A 70 3.16 4.50 12.13
N LYS A 71 2.86 3.24 11.87
CA LYS A 71 3.38 2.13 12.68
C LYS A 71 4.70 1.61 12.09
N LEU A 72 4.74 1.49 10.77
CA LEU A 72 5.93 1.00 10.08
C LEU A 72 6.77 2.16 9.55
N MET A 73 6.36 3.38 9.89
CA MET A 73 7.08 4.57 9.45
C MET A 73 8.48 4.62 10.05
N PRO A 74 8.56 4.47 11.39
CA PRO A 74 9.83 4.49 12.11
C PRO A 74 10.68 3.25 11.82
N GLY A 75 10.09 2.28 11.15
CA GLY A 75 10.80 1.05 10.83
C GLY A 75 11.01 0.17 12.04
N ARG A 76 10.06 0.21 12.98
CA ARG A 76 10.15 -0.58 14.20
C ARG A 76 9.87 -2.06 13.89
N ILE A 77 8.95 -2.30 12.97
CA ILE A 77 8.59 -3.66 12.59
C ILE A 77 9.35 -4.11 11.34
N GLN A 78 9.82 -5.35 11.36
CA GLN A 78 10.56 -5.89 10.23
C GLN A 78 9.86 -7.13 9.66
N LEU A 79 9.97 -7.32 8.35
CA LEU A 79 9.35 -8.46 7.68
C LEU A 79 10.40 -9.47 7.26
N TRP A 80 10.29 -10.69 7.78
CA TRP A 80 11.23 -11.75 7.44
C TRP A 80 12.66 -11.37 7.85
N GLY A 81 12.78 -10.61 8.93
CA GLY A 81 14.09 -10.18 9.40
C GLY A 81 14.64 -9.03 8.58
N HIS A 82 13.90 -8.59 7.58
CA HIS A 82 14.32 -7.50 6.73
C HIS A 82 13.58 -6.21 7.08
N GLN A 83 14.31 -5.11 7.14
CA GLN A 83 13.71 -3.81 7.47
C GLN A 83 12.83 -3.31 6.33
N ILE A 84 11.76 -2.61 6.68
CA ILE A 84 10.84 -2.08 5.69
C ILE A 84 10.44 -0.64 6.01
N ALA A 85 10.05 0.11 4.98
CA ALA A 85 9.65 1.49 5.15
C ALA A 85 8.35 1.79 4.41
N VAL A 86 7.45 2.51 5.07
CA VAL A 86 6.17 2.87 4.46
C VAL A 86 6.19 4.31 3.96
N ASP A 87 5.72 4.50 2.72
CA ASP A 87 5.67 5.82 2.13
C ASP A 87 4.35 6.06 1.42
N TRP A 88 3.90 7.31 1.40
CA TRP A 88 2.64 7.66 0.76
C TRP A 88 2.69 7.39 -0.74
N ALA A 89 2.03 6.31 -1.17
CA ALA A 89 2.00 5.94 -2.57
C ALA A 89 1.98 7.17 -3.47
N GLU A 90 1.08 8.09 -3.17
CA GLU A 90 0.94 9.31 -3.95
C GLU A 90 1.06 10.54 -3.06
N PRO A 91 1.71 11.60 -3.58
CA PRO A 91 1.89 12.86 -2.84
C PRO A 91 0.58 13.62 -2.65
N GLU A 92 -0.14 13.82 -3.75
CA GLU A 92 -1.41 14.54 -3.71
C GLU A 92 -2.23 14.26 -4.96
N ILE A 93 -3.40 13.66 -4.78
CA ILE A 93 -4.27 13.35 -5.90
C ILE A 93 -5.54 14.21 -5.86
N ASP A 94 -6.44 13.95 -6.80
CA ASP A 94 -7.69 14.71 -6.89
C ASP A 94 -8.79 14.02 -6.09
N VAL A 95 -8.42 13.45 -4.94
CA VAL A 95 -9.38 12.77 -4.09
C VAL A 95 -10.43 13.73 -3.54
N ASP A 96 -10.02 14.96 -3.26
CA ASP A 96 -10.93 15.96 -2.73
C ASP A 96 -12.19 16.05 -3.59
N GLU A 97 -12.02 15.93 -4.90
CA GLU A 97 -13.15 15.99 -5.83
C GLU A 97 -13.97 14.70 -5.77
N ASP A 98 -13.32 13.58 -6.02
CA ASP A 98 -13.97 12.28 -5.99
C ASP A 98 -13.00 11.18 -5.61
N VAL A 99 -13.19 10.59 -4.44
CA VAL A 99 -12.33 9.52 -3.96
C VAL A 99 -13.03 8.17 -4.05
N MET A 100 -14.34 8.17 -3.83
CA MET A 100 -15.12 6.95 -3.88
C MET A 100 -15.29 6.47 -5.32
N GLU A 101 -15.86 5.28 -5.49
CA GLU A 101 -16.07 4.72 -6.82
C GLU A 101 -17.34 3.86 -6.85
N THR A 102 -18.26 4.23 -7.74
CA THR A 102 -19.52 3.49 -7.86
C THR A 102 -19.55 2.68 -9.15
N VAL A 103 -20.21 1.53 -9.11
CA VAL A 103 -20.31 0.66 -10.26
C VAL A 103 -21.77 0.50 -10.71
N SER A 104 -22.69 0.79 -9.79
CA SER A 104 -24.11 0.69 -10.09
C SER A 104 -24.93 1.63 -9.22
N GLY A 105 -25.83 2.39 -9.85
CA GLY A 105 -26.65 3.33 -9.11
C GLY A 105 -27.63 4.06 -10.01
N PRO A 106 -28.91 4.06 -9.61
CA PRO A 106 -29.98 4.72 -10.37
C PRO A 106 -29.85 6.25 -10.32
N SER A 107 -29.48 6.85 -11.46
CA SER A 107 -29.32 8.29 -11.54
C SER A 107 -30.49 9.00 -10.87
N SER A 108 -30.17 10.00 -10.04
CA SER A 108 -31.20 10.76 -9.33
C SER A 108 -30.65 12.11 -8.89
N GLY A 109 -31.19 13.17 -9.48
CA GLY A 109 -30.75 14.52 -9.13
C GLY A 109 -30.64 15.43 -10.33
N GLY A 1 -4.38 13.66 5.89
CA GLY A 1 -4.24 13.59 4.44
C GLY A 1 -5.34 14.36 3.72
N SER A 2 -5.07 14.74 2.48
CA SER A 2 -6.04 15.49 1.69
C SER A 2 -7.46 14.98 1.93
N SER A 3 -8.35 15.89 2.30
CA SER A 3 -9.74 15.53 2.57
C SER A 3 -10.59 15.70 1.32
N GLY A 4 -11.76 15.07 1.32
CA GLY A 4 -12.65 15.15 0.18
C GLY A 4 -12.81 13.83 -0.53
N SER A 5 -12.77 13.86 -1.86
CA SER A 5 -12.91 12.66 -2.67
C SER A 5 -11.61 11.87 -2.71
N SER A 6 -11.61 10.70 -2.05
CA SER A 6 -10.43 9.85 -2.00
C SER A 6 -10.67 8.55 -2.74
N GLY A 7 -9.79 8.25 -3.70
CA GLY A 7 -9.93 7.02 -4.47
C GLY A 7 -9.30 5.83 -3.77
N ASN A 8 -8.50 5.07 -4.51
CA ASN A 8 -7.83 3.90 -3.96
C ASN A 8 -6.71 4.31 -3.01
N CYS A 9 -6.49 3.50 -1.98
CA CYS A 9 -5.45 3.77 -1.00
C CYS A 9 -4.43 2.64 -0.97
N ARG A 10 -3.18 2.98 -1.30
CA ARG A 10 -2.10 1.99 -1.31
C ARG A 10 -0.87 2.52 -0.59
N LEU A 11 -0.27 1.67 0.25
CA LEU A 11 0.91 2.06 1.00
C LEU A 11 2.19 1.60 0.30
N PHE A 12 3.22 2.43 0.32
CA PHE A 12 4.48 2.10 -0.32
C PHE A 12 5.38 1.33 0.64
N ILE A 13 5.45 0.02 0.46
CA ILE A 13 6.29 -0.83 1.31
C ILE A 13 7.62 -1.16 0.63
N GLY A 14 8.68 -0.51 1.08
CA GLY A 14 9.99 -0.75 0.51
C GLY A 14 10.94 -1.43 1.48
N GLY A 15 11.96 -2.09 0.95
CA GLY A 15 12.92 -2.77 1.79
C GLY A 15 12.48 -4.17 2.15
N ILE A 16 11.99 -4.90 1.17
CA ILE A 16 11.53 -6.27 1.39
C ILE A 16 12.29 -7.26 0.51
N PRO A 17 12.41 -8.51 0.99
CA PRO A 17 13.12 -9.57 0.27
C PRO A 17 12.36 -10.02 -0.98
N LYS A 18 13.05 -10.05 -2.11
CA LYS A 18 12.45 -10.46 -3.38
C LYS A 18 11.83 -11.85 -3.25
N MET A 19 12.64 -12.81 -2.82
CA MET A 19 12.18 -14.18 -2.66
C MET A 19 10.72 -14.22 -2.22
N LYS A 20 10.37 -13.34 -1.28
CA LYS A 20 9.00 -13.26 -0.77
C LYS A 20 8.03 -12.88 -1.88
N LYS A 21 6.81 -13.40 -1.81
CA LYS A 21 5.79 -13.11 -2.80
C LYS A 21 4.59 -12.41 -2.16
N ARG A 22 3.70 -11.88 -3.00
CA ARG A 22 2.51 -11.19 -2.52
C ARG A 22 1.77 -12.03 -1.48
N GLU A 23 1.71 -13.33 -1.72
CA GLU A 23 1.03 -14.25 -0.81
C GLU A 23 1.57 -14.09 0.62
N GLU A 24 2.89 -14.11 0.75
CA GLU A 24 3.53 -13.97 2.05
C GLU A 24 3.44 -12.54 2.55
N ILE A 25 3.81 -11.59 1.70
CA ILE A 25 3.77 -10.18 2.05
C ILE A 25 2.41 -9.80 2.63
N LEU A 26 1.36 -10.04 1.84
CA LEU A 26 0.00 -9.72 2.29
C LEU A 26 -0.23 -10.17 3.72
N GLU A 27 -0.07 -11.47 3.96
CA GLU A 27 -0.26 -12.03 5.29
C GLU A 27 0.67 -11.38 6.29
N GLU A 28 1.91 -11.12 5.87
CA GLU A 28 2.90 -10.51 6.74
C GLU A 28 2.53 -9.07 7.05
N ILE A 29 1.67 -8.49 6.22
CA ILE A 29 1.21 -7.11 6.41
C ILE A 29 -0.10 -7.07 7.17
N ALA A 30 -0.97 -8.04 6.90
CA ALA A 30 -2.27 -8.11 7.56
C ALA A 30 -2.11 -8.26 9.07
N LYS A 31 -0.87 -8.45 9.52
CA LYS A 31 -0.59 -8.60 10.94
C LYS A 31 -0.04 -7.30 11.53
N VAL A 32 0.93 -6.71 10.85
CA VAL A 32 1.54 -5.46 11.30
C VAL A 32 0.59 -4.29 11.11
N THR A 33 -0.28 -4.40 10.11
CA THR A 33 -1.25 -3.35 9.81
C THR A 33 -2.61 -3.93 9.48
N GLU A 34 -3.58 -3.71 10.36
CA GLU A 34 -4.93 -4.21 10.17
C GLU A 34 -5.75 -3.24 9.33
N GLY A 35 -6.34 -3.76 8.25
CA GLY A 35 -7.14 -2.92 7.37
C GLY A 35 -6.74 -3.05 5.91
N VAL A 36 -5.87 -4.02 5.63
CA VAL A 36 -5.41 -4.24 4.27
C VAL A 36 -6.42 -5.04 3.46
N LEU A 37 -6.34 -4.93 2.14
CA LEU A 37 -7.26 -5.64 1.25
C LEU A 37 -6.51 -6.62 0.36
N ASP A 38 -5.43 -6.14 -0.25
CA ASP A 38 -4.62 -6.98 -1.13
C ASP A 38 -3.26 -6.35 -1.38
N VAL A 39 -2.30 -7.16 -1.82
CA VAL A 39 -0.95 -6.67 -2.10
C VAL A 39 -0.59 -6.87 -3.56
N ILE A 40 0.04 -5.86 -4.16
CA ILE A 40 0.44 -5.92 -5.56
C ILE A 40 1.95 -6.06 -5.68
N VAL A 41 2.39 -6.88 -6.64
CA VAL A 41 3.81 -7.10 -6.87
C VAL A 41 4.11 -7.22 -8.36
N TYR A 42 4.84 -6.24 -8.90
CA TYR A 42 5.19 -6.24 -10.31
C TYR A 42 6.63 -6.73 -10.51
N ALA A 43 6.79 -7.70 -11.40
CA ALA A 43 8.11 -8.25 -11.69
C ALA A 43 8.16 -8.84 -13.09
N SER A 44 9.30 -9.42 -13.45
CA SER A 44 9.47 -10.02 -14.77
C SER A 44 9.53 -11.54 -14.67
N ALA A 45 10.03 -12.04 -13.54
CA ALA A 45 10.14 -13.48 -13.33
C ALA A 45 9.22 -13.93 -12.20
N ALA A 46 8.00 -13.40 -12.19
CA ALA A 46 7.02 -13.75 -11.16
C ALA A 46 7.49 -13.31 -9.78
N ASP A 47 8.13 -12.15 -9.73
CA ASP A 47 8.64 -11.62 -8.47
C ASP A 47 9.82 -12.43 -7.95
N LYS A 48 10.74 -12.74 -8.87
CA LYS A 48 11.92 -13.52 -8.51
C LYS A 48 13.05 -12.62 -8.01
N MET A 49 14.18 -13.21 -7.67
CA MET A 49 15.32 -12.46 -7.18
C MET A 49 15.80 -11.45 -8.23
N LYS A 50 15.34 -11.62 -9.45
CA LYS A 50 15.71 -10.73 -10.55
C LYS A 50 14.72 -9.57 -10.67
N ASN A 51 14.01 -9.29 -9.59
CA ASN A 51 13.04 -8.20 -9.57
C ASN A 51 13.34 -7.22 -8.45
N ARG A 52 12.65 -6.08 -8.47
CA ARG A 52 12.85 -5.06 -7.45
C ARG A 52 12.53 -5.60 -6.06
N GLY A 53 12.83 -4.81 -5.04
CA GLY A 53 12.57 -5.22 -3.66
C GLY A 53 11.55 -4.35 -2.98
N PHE A 54 10.31 -4.39 -3.46
CA PHE A 54 9.23 -3.60 -2.89
C PHE A 54 7.87 -4.24 -3.19
N ALA A 55 6.84 -3.75 -2.49
CA ALA A 55 5.49 -4.27 -2.69
C ALA A 55 4.44 -3.21 -2.32
N PHE A 56 3.26 -3.36 -2.90
CA PHE A 56 2.17 -2.41 -2.63
C PHE A 56 1.07 -3.07 -1.81
N VAL A 57 0.43 -2.28 -0.94
CA VAL A 57 -0.64 -2.79 -0.09
C VAL A 57 -1.88 -1.90 -0.19
N GLU A 58 -2.94 -2.45 -0.78
CA GLU A 58 -4.18 -1.71 -0.93
C GLU A 58 -5.08 -1.88 0.29
N TYR A 59 -5.32 -0.78 1.00
CA TYR A 59 -6.14 -0.80 2.20
C TYR A 59 -7.57 -0.38 1.88
N GLU A 60 -8.54 -1.13 2.40
CA GLU A 60 -9.94 -0.83 2.18
C GLU A 60 -10.30 0.56 2.70
N SER A 61 -9.91 0.83 3.94
CA SER A 61 -10.19 2.12 4.56
C SER A 61 -9.04 3.10 4.33
N HIS A 62 -9.35 4.23 3.69
CA HIS A 62 -8.35 5.24 3.41
C HIS A 62 -7.49 5.52 4.63
N ARG A 63 -8.09 5.44 5.81
CA ARG A 63 -7.38 5.68 7.06
C ARG A 63 -6.52 4.47 7.43
N ALA A 64 -7.08 3.28 7.27
CA ALA A 64 -6.38 2.05 7.60
C ALA A 64 -4.93 2.11 7.10
N ALA A 65 -4.72 2.79 5.97
CA ALA A 65 -3.39 2.91 5.40
C ALA A 65 -2.63 4.08 6.03
N ALA A 66 -3.32 5.19 6.24
CA ALA A 66 -2.71 6.37 6.83
C ALA A 66 -2.17 6.05 8.23
N MET A 67 -2.95 5.34 9.02
CA MET A 67 -2.55 4.97 10.37
C MET A 67 -1.64 3.75 10.36
N ALA A 68 -1.83 2.89 9.36
CA ALA A 68 -1.02 1.68 9.23
C ALA A 68 0.44 2.02 8.98
N ARG A 69 0.68 3.11 8.26
CA ARG A 69 2.04 3.55 7.95
C ARG A 69 2.71 4.14 9.18
N ARG A 70 1.94 4.92 9.96
CA ARG A 70 2.47 5.55 11.16
C ARG A 70 3.04 4.51 12.12
N LYS A 71 2.73 3.24 11.86
CA LYS A 71 3.20 2.15 12.70
C LYS A 71 4.51 1.58 12.16
N LEU A 72 4.67 1.65 10.84
CA LEU A 72 5.88 1.14 10.20
C LEU A 72 6.76 2.28 9.70
N MET A 73 6.30 3.52 9.93
CA MET A 73 7.04 4.70 9.50
C MET A 73 8.40 4.75 10.19
N PRO A 74 8.40 4.63 11.52
CA PRO A 74 9.63 4.67 12.33
C PRO A 74 10.49 3.43 12.12
N GLY A 75 10.04 2.54 11.24
CA GLY A 75 10.78 1.32 10.97
C GLY A 75 10.93 0.45 12.19
N ARG A 76 9.99 0.58 13.13
CA ARG A 76 10.03 -0.20 14.36
C ARG A 76 9.78 -1.68 14.07
N ILE A 77 8.96 -1.95 13.05
CA ILE A 77 8.65 -3.32 12.66
C ILE A 77 9.46 -3.75 11.44
N GLN A 78 9.78 -5.03 11.37
CA GLN A 78 10.54 -5.57 10.25
C GLN A 78 9.88 -6.82 9.69
N LEU A 79 10.15 -7.11 8.42
CA LEU A 79 9.58 -8.28 7.76
C LEU A 79 10.67 -9.30 7.42
N TRP A 80 10.50 -10.52 7.93
CA TRP A 80 11.46 -11.59 7.68
C TRP A 80 12.87 -11.15 8.06
N GLY A 81 12.98 -10.42 9.18
CA GLY A 81 14.28 -9.95 9.64
C GLY A 81 14.86 -8.87 8.75
N HIS A 82 14.06 -8.42 7.77
CA HIS A 82 14.48 -7.38 6.85
C HIS A 82 13.82 -6.05 7.18
N GLN A 83 14.62 -4.97 7.14
CA GLN A 83 14.10 -3.65 7.44
C GLN A 83 13.12 -3.19 6.36
N ILE A 84 11.99 -2.66 6.81
CA ILE A 84 10.97 -2.18 5.88
C ILE A 84 10.56 -0.75 6.21
N ALA A 85 10.06 -0.03 5.20
CA ALA A 85 9.64 1.35 5.37
C ALA A 85 8.35 1.64 4.60
N VAL A 86 7.48 2.44 5.19
CA VAL A 86 6.21 2.79 4.55
C VAL A 86 6.24 4.23 4.03
N ASP A 87 5.78 4.41 2.80
CA ASP A 87 5.75 5.73 2.19
C ASP A 87 4.40 5.98 1.51
N TRP A 88 4.06 7.25 1.34
CA TRP A 88 2.79 7.63 0.71
C TRP A 88 2.86 7.43 -0.79
N ALA A 89 2.13 6.44 -1.29
CA ALA A 89 2.10 6.16 -2.72
C ALA A 89 1.16 7.10 -3.46
N GLU A 90 1.42 7.30 -4.75
CA GLU A 90 0.60 8.18 -5.57
C GLU A 90 0.20 7.50 -6.87
N PRO A 91 -1.10 7.23 -7.03
CA PRO A 91 -1.64 6.58 -8.22
C PRO A 91 -1.59 7.49 -9.45
N GLU A 92 -2.09 8.71 -9.30
CA GLU A 92 -2.09 9.67 -10.39
C GLU A 92 -2.01 11.11 -9.86
N ILE A 93 -0.90 11.78 -10.16
CA ILE A 93 -0.70 13.15 -9.73
C ILE A 93 -1.26 14.15 -10.73
N ASP A 94 -1.08 15.43 -10.45
CA ASP A 94 -1.55 16.48 -11.33
C ASP A 94 -0.47 16.90 -12.33
N VAL A 95 0.35 15.94 -12.74
CA VAL A 95 1.42 16.20 -13.69
C VAL A 95 0.93 16.15 -15.12
N ASP A 96 0.07 15.17 -15.41
CA ASP A 96 -0.48 15.02 -16.75
C ASP A 96 -1.20 16.28 -17.19
N GLU A 97 -1.98 16.86 -16.29
CA GLU A 97 -2.72 18.09 -16.58
C GLU A 97 -1.80 19.30 -16.57
N ASP A 98 -1.14 19.52 -15.43
CA ASP A 98 -0.23 20.65 -15.29
C ASP A 98 1.07 20.22 -14.61
N VAL A 99 2.13 20.11 -15.41
CA VAL A 99 3.44 19.72 -14.89
C VAL A 99 4.37 20.91 -14.74
N MET A 100 4.13 21.94 -15.55
CA MET A 100 4.95 23.15 -15.51
C MET A 100 4.07 24.40 -15.43
N GLU A 101 4.70 25.56 -15.37
CA GLU A 101 3.98 26.82 -15.29
C GLU A 101 3.73 27.39 -16.68
N THR A 102 2.59 27.02 -17.26
CA THR A 102 2.22 27.50 -18.59
C THR A 102 0.88 28.22 -18.57
N VAL A 103 0.46 28.69 -19.73
CA VAL A 103 -0.82 29.40 -19.85
C VAL A 103 -1.03 30.34 -18.66
N SER A 104 0.07 30.79 -18.06
CA SER A 104 0.00 31.68 -16.91
C SER A 104 -0.88 32.89 -17.22
N GLY A 105 -1.40 33.52 -16.17
CA GLY A 105 -2.26 34.67 -16.35
C GLY A 105 -1.50 35.89 -16.82
N PRO A 106 -1.89 37.07 -16.32
CA PRO A 106 -1.25 38.34 -16.69
C PRO A 106 0.17 38.46 -16.12
N SER A 107 0.98 39.31 -16.75
CA SER A 107 2.36 39.51 -16.31
C SER A 107 2.97 40.73 -16.98
N SER A 108 3.35 41.72 -16.18
CA SER A 108 3.95 42.94 -16.70
C SER A 108 5.27 42.65 -17.40
N GLY A 109 6.19 42.01 -16.68
CA GLY A 109 7.48 41.69 -17.24
C GLY A 109 8.36 42.91 -17.45
N GLY A 1 -10.21 8.14 -6.18
CA GLY A 1 -11.39 7.34 -5.90
C GLY A 1 -12.47 7.50 -6.96
N SER A 2 -12.79 6.41 -7.65
CA SER A 2 -13.79 6.44 -8.69
C SER A 2 -15.08 5.75 -8.24
N SER A 3 -14.96 4.47 -7.89
CA SER A 3 -16.11 3.69 -7.44
C SER A 3 -16.85 4.42 -6.32
N GLY A 4 -16.11 4.86 -5.32
CA GLY A 4 -16.72 5.58 -4.21
C GLY A 4 -16.08 5.25 -2.88
N SER A 5 -16.86 4.67 -1.97
CA SER A 5 -16.35 4.31 -0.65
C SER A 5 -14.95 3.72 -0.75
N SER A 6 -14.75 2.83 -1.71
CA SER A 6 -13.45 2.19 -1.91
C SER A 6 -12.54 3.07 -2.76
N GLY A 7 -11.92 4.06 -2.13
CA GLY A 7 -11.03 4.96 -2.84
C GLY A 7 -9.64 4.38 -3.01
N ASN A 8 -9.00 4.67 -4.14
CA ASN A 8 -7.66 4.18 -4.42
C ASN A 8 -6.71 4.53 -3.27
N CYS A 9 -6.40 3.55 -2.45
CA CYS A 9 -5.50 3.75 -1.31
C CYS A 9 -4.50 2.61 -1.20
N ARG A 10 -3.21 2.93 -1.35
CA ARG A 10 -2.16 1.93 -1.26
C ARG A 10 -0.94 2.48 -0.55
N LEU A 11 -0.29 1.63 0.25
CA LEU A 11 0.90 2.05 1.00
C LEU A 11 2.16 1.58 0.30
N PHE A 12 3.17 2.46 0.25
CA PHE A 12 4.43 2.14 -0.39
C PHE A 12 5.36 1.40 0.58
N ILE A 13 5.44 0.08 0.41
CA ILE A 13 6.29 -0.74 1.28
C ILE A 13 7.60 -1.09 0.58
N GLY A 14 8.69 -0.48 1.03
CA GLY A 14 9.99 -0.75 0.43
C GLY A 14 10.95 -1.40 1.41
N GLY A 15 11.87 -2.20 0.88
CA GLY A 15 12.83 -2.89 1.72
C GLY A 15 12.38 -4.28 2.12
N ILE A 16 11.99 -5.08 1.14
CA ILE A 16 11.53 -6.43 1.39
C ILE A 16 12.31 -7.45 0.55
N PRO A 17 12.43 -8.68 1.06
CA PRO A 17 13.13 -9.76 0.36
C PRO A 17 12.39 -10.24 -0.87
N LYS A 18 13.09 -10.32 -1.99
CA LYS A 18 12.49 -10.76 -3.24
C LYS A 18 11.90 -12.16 -3.10
N MET A 19 12.67 -13.06 -2.47
CA MET A 19 12.23 -14.44 -2.27
C MET A 19 10.81 -14.47 -1.73
N LYS A 20 10.40 -13.39 -1.06
CA LYS A 20 9.06 -13.30 -0.49
C LYS A 20 8.06 -12.82 -1.54
N LYS A 21 7.09 -13.67 -1.86
CA LYS A 21 6.07 -13.33 -2.84
C LYS A 21 4.95 -12.51 -2.21
N ARG A 22 4.02 -12.03 -3.04
CA ARG A 22 2.90 -11.24 -2.55
C ARG A 22 2.10 -12.01 -1.52
N GLU A 23 1.92 -13.31 -1.75
CA GLU A 23 1.16 -14.16 -0.84
C GLU A 23 1.71 -14.04 0.58
N GLU A 24 3.04 -13.99 0.70
CA GLU A 24 3.68 -13.88 2.00
C GLU A 24 3.60 -12.45 2.54
N ILE A 25 3.91 -11.49 1.68
CA ILE A 25 3.87 -10.09 2.07
C ILE A 25 2.51 -9.71 2.64
N LEU A 26 1.46 -9.95 1.86
CA LEU A 26 0.09 -9.64 2.28
C LEU A 26 -0.14 -10.10 3.73
N GLU A 27 -0.11 -11.41 3.93
CA GLU A 27 -0.31 -11.98 5.26
C GLU A 27 0.59 -11.30 6.28
N GLU A 28 1.86 -11.15 5.94
CA GLU A 28 2.82 -10.52 6.83
C GLU A 28 2.43 -9.07 7.12
N ILE A 29 1.56 -8.52 6.28
CA ILE A 29 1.10 -7.14 6.45
C ILE A 29 -0.22 -7.09 7.19
N ALA A 30 -1.08 -8.06 6.91
CA ALA A 30 -2.39 -8.13 7.55
C ALA A 30 -2.26 -8.24 9.07
N LYS A 31 -1.02 -8.42 9.53
CA LYS A 31 -0.76 -8.54 10.96
C LYS A 31 -0.22 -7.23 11.53
N VAL A 32 0.78 -6.66 10.85
CA VAL A 32 1.39 -5.41 11.28
C VAL A 32 0.44 -4.24 11.05
N THR A 33 -0.41 -4.35 10.02
CA THR A 33 -1.36 -3.30 9.71
C THR A 33 -2.73 -3.89 9.34
N GLU A 34 -3.69 -3.69 10.23
CA GLU A 34 -5.04 -4.20 10.00
C GLU A 34 -5.85 -3.23 9.14
N GLY A 35 -6.56 -3.77 8.15
CA GLY A 35 -7.36 -2.95 7.28
C GLY A 35 -6.95 -3.07 5.83
N VAL A 36 -6.09 -4.04 5.54
CA VAL A 36 -5.62 -4.27 4.17
C VAL A 36 -6.66 -5.01 3.34
N LEU A 37 -6.52 -4.93 2.03
CA LEU A 37 -7.45 -5.60 1.12
C LEU A 37 -6.71 -6.58 0.21
N ASP A 38 -5.62 -6.11 -0.39
CA ASP A 38 -4.83 -6.95 -1.28
C ASP A 38 -3.46 -6.33 -1.54
N VAL A 39 -2.46 -7.18 -1.70
CA VAL A 39 -1.09 -6.71 -1.95
C VAL A 39 -0.66 -7.02 -3.38
N ILE A 40 -0.11 -6.01 -4.05
CA ILE A 40 0.35 -6.17 -5.42
C ILE A 40 1.87 -6.21 -5.49
N VAL A 41 2.39 -6.82 -6.55
CA VAL A 41 3.84 -6.93 -6.74
C VAL A 41 4.22 -6.68 -8.19
N TYR A 42 4.82 -5.52 -8.44
CA TYR A 42 5.23 -5.15 -9.79
C TYR A 42 6.30 -4.05 -9.74
N ALA A 43 7.44 -4.32 -10.38
CA ALA A 43 8.52 -3.35 -10.42
C ALA A 43 9.04 -3.15 -11.85
N SER A 44 8.25 -2.44 -12.65
CA SER A 44 8.62 -2.18 -14.03
C SER A 44 9.12 -3.46 -14.71
N ALA A 45 8.49 -4.58 -14.38
CA ALA A 45 8.88 -5.87 -14.96
C ALA A 45 7.92 -6.97 -14.52
N ALA A 46 8.18 -8.19 -14.99
CA ALA A 46 7.35 -9.34 -14.64
C ALA A 46 7.60 -9.78 -13.20
N ASP A 47 6.61 -9.54 -12.34
CA ASP A 47 6.73 -9.92 -10.93
C ASP A 47 7.43 -11.28 -10.79
N LYS A 48 8.73 -11.24 -10.54
CA LYS A 48 9.52 -12.46 -10.39
C LYS A 48 10.59 -12.28 -9.31
N MET A 49 11.34 -13.36 -9.03
CA MET A 49 12.39 -13.31 -8.03
C MET A 49 13.41 -12.23 -8.34
N LYS A 50 13.33 -11.68 -9.55
CA LYS A 50 14.24 -10.63 -9.97
C LYS A 50 13.64 -9.25 -9.72
N ASN A 51 12.65 -9.20 -8.82
CA ASN A 51 12.00 -7.94 -8.49
C ASN A 51 12.95 -7.02 -7.73
N ARG A 52 12.78 -5.72 -7.93
CA ARG A 52 13.61 -4.72 -7.26
C ARG A 52 13.69 -4.99 -5.77
N GLY A 53 12.54 -4.98 -5.11
CA GLY A 53 12.50 -5.22 -3.68
C GLY A 53 11.46 -4.36 -2.97
N PHE A 54 10.24 -4.38 -3.49
CA PHE A 54 9.16 -3.60 -2.90
C PHE A 54 7.80 -4.24 -3.21
N ALA A 55 6.76 -3.77 -2.52
CA ALA A 55 5.41 -4.29 -2.72
C ALA A 55 4.37 -3.23 -2.41
N PHE A 56 3.17 -3.41 -2.96
CA PHE A 56 2.08 -2.47 -2.75
C PHE A 56 0.97 -3.10 -1.92
N VAL A 57 0.46 -2.35 -0.94
CA VAL A 57 -0.60 -2.83 -0.07
C VAL A 57 -1.84 -1.95 -0.16
N GLU A 58 -2.89 -2.47 -0.78
CA GLU A 58 -4.13 -1.71 -0.93
C GLU A 58 -5.01 -1.86 0.31
N TYR A 59 -5.41 -0.74 0.88
CA TYR A 59 -6.26 -0.74 2.07
C TYR A 59 -7.66 -0.28 1.74
N GLU A 60 -8.66 -1.02 2.23
CA GLU A 60 -10.05 -0.68 1.98
C GLU A 60 -10.39 0.69 2.56
N SER A 61 -9.94 0.93 3.79
CA SER A 61 -10.21 2.20 4.46
C SER A 61 -9.06 3.19 4.23
N HIS A 62 -9.40 4.36 3.71
CA HIS A 62 -8.40 5.39 3.44
C HIS A 62 -7.52 5.62 4.66
N ARG A 63 -8.09 5.45 5.85
CA ARG A 63 -7.35 5.64 7.09
C ARG A 63 -6.52 4.41 7.41
N ALA A 64 -7.10 3.23 7.21
CA ALA A 64 -6.40 1.98 7.49
C ALA A 64 -4.95 2.03 7.00
N ALA A 65 -4.72 2.80 5.94
CA ALA A 65 -3.38 2.94 5.37
C ALA A 65 -2.60 4.03 6.09
N ALA A 66 -3.25 5.17 6.32
CA ALA A 66 -2.61 6.29 6.99
C ALA A 66 -2.12 5.89 8.38
N MET A 67 -2.97 5.18 9.11
CA MET A 67 -2.63 4.73 10.46
C MET A 67 -1.79 3.46 10.41
N ALA A 68 -1.70 2.85 9.23
CA ALA A 68 -0.94 1.62 9.05
C ALA A 68 0.53 1.94 8.76
N ARG A 69 0.80 3.16 8.32
CA ARG A 69 2.15 3.59 8.01
C ARG A 69 2.85 4.15 9.25
N ARG A 70 2.13 4.97 10.00
CA ARG A 70 2.69 5.58 11.20
C ARG A 70 3.23 4.51 12.14
N LYS A 71 2.85 3.26 11.90
CA LYS A 71 3.31 2.14 12.72
C LYS A 71 4.64 1.60 12.22
N LEU A 72 4.78 1.55 10.89
CA LEU A 72 6.00 1.04 10.27
C LEU A 72 6.86 2.19 9.74
N MET A 73 6.39 3.41 9.95
CA MET A 73 7.11 4.59 9.50
C MET A 73 8.49 4.69 10.16
N PRO A 74 8.51 4.59 11.50
CA PRO A 74 9.75 4.66 12.27
C PRO A 74 10.62 3.43 12.08
N GLY A 75 10.18 2.52 11.21
CA GLY A 75 10.92 1.31 10.95
C GLY A 75 11.08 0.45 12.19
N ARG A 76 10.07 0.46 13.05
CA ARG A 76 10.10 -0.32 14.28
C ARG A 76 9.92 -1.81 13.97
N ILE A 77 8.91 -2.12 13.17
CA ILE A 77 8.64 -3.51 12.79
C ILE A 77 9.35 -3.89 11.50
N GLN A 78 9.84 -5.12 11.45
CA GLN A 78 10.54 -5.61 10.28
C GLN A 78 9.87 -6.86 9.71
N LEU A 79 10.09 -7.12 8.43
CA LEU A 79 9.51 -8.28 7.77
C LEU A 79 10.57 -9.34 7.46
N TRP A 80 10.42 -10.50 8.07
CA TRP A 80 11.37 -11.59 7.86
C TRP A 80 12.78 -11.17 8.25
N GLY A 81 12.90 -10.43 9.34
CA GLY A 81 14.20 -9.97 9.79
C GLY A 81 14.79 -8.92 8.88
N HIS A 82 13.99 -8.44 7.93
CA HIS A 82 14.44 -7.42 7.00
C HIS A 82 13.78 -6.08 7.29
N GLN A 83 14.56 -5.01 7.23
CA GLN A 83 14.06 -3.67 7.50
C GLN A 83 13.06 -3.24 6.42
N ILE A 84 11.98 -2.59 6.83
CA ILE A 84 10.97 -2.12 5.90
C ILE A 84 10.56 -0.69 6.20
N ALA A 85 10.10 0.02 5.17
CA ALA A 85 9.67 1.41 5.33
C ALA A 85 8.39 1.68 4.55
N VAL A 86 7.55 2.56 5.08
CA VAL A 86 6.29 2.91 4.43
C VAL A 86 6.33 4.34 3.91
N ASP A 87 5.79 4.53 2.70
CA ASP A 87 5.76 5.85 2.08
C ASP A 87 4.41 6.10 1.42
N TRP A 88 4.02 7.37 1.34
CA TRP A 88 2.75 7.75 0.73
C TRP A 88 2.79 7.55 -0.77
N ALA A 89 1.96 6.64 -1.28
CA ALA A 89 1.91 6.36 -2.70
C ALA A 89 1.47 7.59 -3.49
N GLU A 90 0.25 8.05 -3.23
CA GLU A 90 -0.29 9.22 -3.91
C GLU A 90 0.21 10.51 -3.25
N PRO A 91 0.60 11.48 -4.10
CA PRO A 91 1.09 12.78 -3.63
C PRO A 91 0.01 13.62 -2.98
N GLU A 92 -1.12 13.76 -3.67
CA GLU A 92 -2.24 14.54 -3.16
C GLU A 92 -3.54 14.13 -3.83
N ILE A 93 -4.45 13.58 -3.03
CA ILE A 93 -5.74 13.13 -3.55
C ILE A 93 -6.85 14.13 -3.19
N ASP A 94 -8.08 13.78 -3.54
CA ASP A 94 -9.23 14.63 -3.25
C ASP A 94 -9.89 14.23 -1.94
N VAL A 95 -9.07 13.86 -0.96
CA VAL A 95 -9.58 13.45 0.35
C VAL A 95 -9.74 14.65 1.27
N ASP A 96 -8.82 15.60 1.18
CA ASP A 96 -8.87 16.79 2.00
C ASP A 96 -10.30 17.29 2.16
N GLU A 97 -10.93 17.63 1.03
CA GLU A 97 -12.31 18.12 1.04
C GLU A 97 -13.27 17.03 1.48
N ASP A 98 -13.13 15.85 0.88
CA ASP A 98 -13.99 14.72 1.21
C ASP A 98 -13.32 13.39 0.83
N VAL A 99 -13.47 12.40 1.70
CA VAL A 99 -12.88 11.09 1.46
C VAL A 99 -13.93 9.99 1.53
N MET A 100 -14.82 10.10 2.50
CA MET A 100 -15.89 9.12 2.67
C MET A 100 -17.17 9.57 1.98
N GLU A 101 -18.19 8.72 2.01
CA GLU A 101 -19.47 9.04 1.40
C GLU A 101 -20.58 9.10 2.43
N THR A 102 -21.30 10.22 2.45
CA THR A 102 -22.39 10.42 3.40
C THR A 102 -23.49 9.39 3.19
N VAL A 103 -24.46 9.38 4.08
CA VAL A 103 -25.59 8.45 3.99
C VAL A 103 -26.90 9.14 4.35
N SER A 104 -27.84 9.13 3.40
CA SER A 104 -29.14 9.76 3.62
C SER A 104 -30.13 9.32 2.54
N GLY A 105 -31.42 9.45 2.84
CA GLY A 105 -32.44 9.08 1.89
C GLY A 105 -33.82 8.99 2.52
N PRO A 106 -34.45 10.14 2.76
CA PRO A 106 -35.78 10.22 3.37
C PRO A 106 -36.87 9.70 2.44
N SER A 107 -37.90 9.10 3.02
CA SER A 107 -39.01 8.56 2.24
C SER A 107 -40.35 9.05 2.78
N SER A 108 -40.88 10.10 2.18
CA SER A 108 -42.16 10.67 2.61
C SER A 108 -42.69 11.66 1.58
N GLY A 109 -44.00 11.79 1.51
CA GLY A 109 -44.62 12.70 0.56
C GLY A 109 -44.04 12.57 -0.83
N GLY A 1 -0.70 22.70 -13.40
CA GLY A 1 -0.57 22.22 -12.04
C GLY A 1 -0.23 20.74 -11.99
N SER A 2 -1.09 19.95 -11.35
CA SER A 2 -0.87 18.52 -11.22
C SER A 2 -2.18 17.75 -11.42
N SER A 3 -2.11 16.66 -12.18
CA SER A 3 -3.29 15.84 -12.44
C SER A 3 -3.36 14.67 -11.45
N GLY A 4 -4.30 14.76 -10.52
CA GLY A 4 -4.47 13.70 -9.54
C GLY A 4 -5.73 13.87 -8.71
N SER A 5 -6.30 12.75 -8.27
CA SER A 5 -7.52 12.77 -7.48
C SER A 5 -7.60 11.56 -6.56
N SER A 6 -8.55 11.59 -5.63
CA SER A 6 -8.73 10.48 -4.69
C SER A 6 -9.30 9.26 -5.39
N GLY A 7 -8.74 8.09 -5.09
CA GLY A 7 -9.20 6.86 -5.69
C GLY A 7 -9.03 5.66 -4.78
N ASN A 8 -7.84 5.07 -4.80
CA ASN A 8 -7.55 3.91 -3.96
C ASN A 8 -6.41 4.20 -2.98
N CYS A 9 -6.48 3.58 -1.82
CA CYS A 9 -5.45 3.78 -0.80
C CYS A 9 -4.42 2.65 -0.83
N ARG A 10 -3.16 3.01 -1.05
CA ARG A 10 -2.08 2.03 -1.11
C ARG A 10 -0.82 2.56 -0.43
N LEU A 11 -0.21 1.73 0.41
CA LEU A 11 0.99 2.12 1.13
C LEU A 11 2.24 1.65 0.38
N PHE A 12 3.21 2.54 0.25
CA PHE A 12 4.46 2.23 -0.44
C PHE A 12 5.45 1.55 0.50
N ILE A 13 5.57 0.23 0.37
CA ILE A 13 6.47 -0.54 1.21
C ILE A 13 7.75 -0.90 0.45
N GLY A 14 8.88 -0.37 0.92
CA GLY A 14 10.15 -0.65 0.27
C GLY A 14 11.17 -1.23 1.22
N GLY A 15 11.98 -2.16 0.73
CA GLY A 15 12.99 -2.79 1.56
C GLY A 15 12.63 -4.22 1.92
N ILE A 16 12.04 -4.93 0.97
CA ILE A 16 11.65 -6.31 1.20
C ILE A 16 12.44 -7.26 0.31
N PRO A 17 12.59 -8.52 0.77
CA PRO A 17 13.34 -9.54 0.03
C PRO A 17 12.60 -9.99 -1.24
N LYS A 18 13.36 -10.28 -2.29
CA LYS A 18 12.78 -10.71 -3.55
C LYS A 18 12.23 -12.14 -3.44
N MET A 19 13.08 -13.06 -2.98
CA MET A 19 12.67 -14.45 -2.83
C MET A 19 11.21 -14.54 -2.39
N LYS A 20 10.80 -13.63 -1.53
CA LYS A 20 9.43 -13.60 -1.02
C LYS A 20 8.44 -13.38 -2.16
N LYS A 21 7.15 -13.41 -1.83
CA LYS A 21 6.10 -13.20 -2.83
C LYS A 21 4.94 -12.41 -2.25
N ARG A 22 4.05 -11.95 -3.11
CA ARG A 22 2.90 -11.17 -2.68
C ARG A 22 2.06 -11.96 -1.66
N GLU A 23 1.81 -13.22 -1.96
CA GLU A 23 1.03 -14.08 -1.07
C GLU A 23 1.58 -14.02 0.36
N GLU A 24 2.90 -14.00 0.49
CA GLU A 24 3.54 -13.93 1.79
C GLU A 24 3.45 -12.53 2.38
N ILE A 25 3.85 -11.54 1.60
CA ILE A 25 3.81 -10.15 2.05
C ILE A 25 2.47 -9.81 2.66
N LEU A 26 1.40 -10.02 1.90
CA LEU A 26 0.05 -9.73 2.38
C LEU A 26 -0.13 -10.19 3.81
N GLU A 27 -0.02 -11.51 4.03
CA GLU A 27 -0.17 -12.08 5.36
C GLU A 27 0.65 -11.30 6.39
N GLU A 28 1.95 -11.17 6.11
CA GLU A 28 2.85 -10.44 7.01
C GLU A 28 2.32 -9.05 7.29
N ILE A 29 1.48 -8.54 6.39
CA ILE A 29 0.90 -7.21 6.53
C ILE A 29 -0.41 -7.26 7.31
N ALA A 30 -1.22 -8.27 7.02
CA ALA A 30 -2.51 -8.43 7.69
C ALA A 30 -2.34 -8.46 9.21
N LYS A 31 -1.10 -8.63 9.65
CA LYS A 31 -0.79 -8.68 11.09
C LYS A 31 -0.15 -7.36 11.54
N VAL A 32 0.87 -6.93 10.82
CA VAL A 32 1.57 -5.69 11.15
C VAL A 32 0.65 -4.48 10.99
N THR A 33 -0.30 -4.58 10.07
CA THR A 33 -1.25 -3.49 9.82
C THR A 33 -2.65 -4.04 9.55
N GLU A 34 -3.57 -3.78 10.47
CA GLU A 34 -4.94 -4.24 10.33
C GLU A 34 -5.75 -3.27 9.48
N GLY A 35 -6.41 -3.81 8.45
CA GLY A 35 -7.21 -2.97 7.57
C GLY A 35 -6.81 -3.10 6.11
N VAL A 36 -5.92 -4.06 5.84
CA VAL A 36 -5.46 -4.29 4.47
C VAL A 36 -6.48 -5.05 3.66
N LEU A 37 -6.43 -4.89 2.34
CA LEU A 37 -7.36 -5.58 1.44
C LEU A 37 -6.62 -6.59 0.57
N ASP A 38 -5.54 -6.15 -0.05
CA ASP A 38 -4.75 -7.02 -0.92
C ASP A 38 -3.37 -6.42 -1.18
N VAL A 39 -2.44 -7.27 -1.60
CA VAL A 39 -1.07 -6.82 -1.89
C VAL A 39 -0.70 -7.09 -3.34
N ILE A 40 0.06 -6.17 -3.93
CA ILE A 40 0.49 -6.31 -5.32
C ILE A 40 2.00 -6.29 -5.43
N VAL A 41 2.52 -7.06 -6.38
CA VAL A 41 3.97 -7.14 -6.59
C VAL A 41 4.34 -6.71 -8.00
N TYR A 42 5.43 -5.95 -8.12
CA TYR A 42 5.89 -5.48 -9.42
C TYR A 42 7.19 -6.16 -9.83
N ALA A 43 7.31 -6.49 -11.11
CA ALA A 43 8.49 -7.16 -11.63
C ALA A 43 8.45 -7.26 -13.15
N SER A 44 9.61 -7.14 -13.78
CA SER A 44 9.69 -7.22 -15.24
C SER A 44 9.02 -8.48 -15.76
N ALA A 45 8.97 -9.50 -14.91
CA ALA A 45 8.35 -10.77 -15.28
C ALA A 45 7.30 -11.19 -14.25
N ALA A 46 6.62 -12.30 -14.52
CA ALA A 46 5.60 -12.81 -13.61
C ALA A 46 6.16 -13.02 -12.22
N ASP A 47 6.23 -11.95 -11.44
CA ASP A 47 6.75 -12.01 -10.08
C ASP A 47 7.92 -12.99 -10.00
N LYS A 48 8.79 -12.96 -11.01
CA LYS A 48 9.95 -13.84 -11.04
C LYS A 48 10.70 -13.81 -9.72
N MET A 49 11.76 -14.60 -9.63
CA MET A 49 12.57 -14.66 -8.42
C MET A 49 13.27 -13.33 -8.16
N LYS A 50 13.29 -12.48 -9.18
CA LYS A 50 13.93 -11.17 -9.06
C LYS A 50 12.92 -10.11 -8.64
N ASN A 51 11.81 -10.55 -8.07
CA ASN A 51 10.76 -9.63 -7.62
C ASN A 51 11.36 -8.38 -6.99
N ARG A 52 11.05 -7.23 -7.58
CA ARG A 52 11.55 -5.95 -7.08
C ARG A 52 11.60 -5.94 -5.55
N GLY A 53 12.43 -5.08 -5.00
CA GLY A 53 12.55 -4.98 -3.55
C GLY A 53 11.49 -4.08 -2.95
N PHE A 54 10.26 -4.21 -3.43
CA PHE A 54 9.15 -3.39 -2.92
C PHE A 54 7.82 -4.12 -3.13
N ALA A 55 6.77 -3.58 -2.51
CA ALA A 55 5.44 -4.16 -2.62
C ALA A 55 4.36 -3.12 -2.37
N PHE A 56 3.16 -3.40 -2.85
CA PHE A 56 2.04 -2.48 -2.68
C PHE A 56 0.98 -3.07 -1.74
N VAL A 57 0.58 -2.28 -0.75
CA VAL A 57 -0.41 -2.73 0.22
C VAL A 57 -1.67 -1.87 0.14
N GLU A 58 -2.73 -2.43 -0.45
CA GLU A 58 -3.99 -1.70 -0.59
C GLU A 58 -4.82 -1.83 0.69
N TYR A 59 -5.46 -0.72 1.07
CA TYR A 59 -6.29 -0.70 2.27
C TYR A 59 -7.71 -0.23 1.96
N GLU A 60 -8.70 -1.01 2.40
CA GLU A 60 -10.09 -0.67 2.15
C GLU A 60 -10.42 0.72 2.70
N SER A 61 -10.01 0.97 3.94
CA SER A 61 -10.27 2.26 4.57
C SER A 61 -9.12 3.23 4.31
N HIS A 62 -9.42 4.31 3.59
CA HIS A 62 -8.41 5.31 3.27
C HIS A 62 -7.55 5.63 4.48
N ARG A 63 -8.12 5.46 5.67
CA ARG A 63 -7.40 5.72 6.91
C ARG A 63 -6.57 4.51 7.32
N ALA A 64 -7.15 3.32 7.18
CA ALA A 64 -6.46 2.09 7.55
C ALA A 64 -5.00 2.12 7.11
N ALA A 65 -4.74 2.80 5.99
CA ALA A 65 -3.38 2.90 5.46
C ALA A 65 -2.61 4.03 6.15
N ALA A 66 -3.28 5.17 6.32
CA ALA A 66 -2.66 6.33 6.96
C ALA A 66 -2.19 5.98 8.37
N MET A 67 -2.96 5.13 9.05
CA MET A 67 -2.61 4.72 10.41
C MET A 67 -1.71 3.50 10.40
N ALA A 68 -1.79 2.71 9.33
CA ALA A 68 -0.97 1.52 9.19
C ALA A 68 0.49 1.88 8.92
N ARG A 69 0.70 2.96 8.17
CA ARG A 69 2.04 3.41 7.84
C ARG A 69 2.70 4.09 9.03
N ARG A 70 1.91 4.83 9.79
CA ARG A 70 2.41 5.53 10.97
C ARG A 70 2.99 4.55 11.98
N LYS A 71 2.77 3.26 11.75
CA LYS A 71 3.26 2.22 12.63
C LYS A 71 4.55 1.61 12.08
N LEU A 72 4.64 1.54 10.77
CA LEU A 72 5.81 0.97 10.11
C LEU A 72 6.78 2.07 9.66
N MET A 73 6.35 3.33 9.84
CA MET A 73 7.17 4.46 9.45
C MET A 73 8.51 4.45 10.20
N PRO A 74 8.44 4.31 11.53
CA PRO A 74 9.64 4.28 12.38
C PRO A 74 10.44 3.00 12.19
N GLY A 75 10.01 2.16 11.25
CA GLY A 75 10.71 0.92 10.99
C GLY A 75 10.80 0.03 12.22
N ARG A 76 9.89 0.25 13.17
CA ARG A 76 9.88 -0.53 14.40
C ARG A 76 9.57 -1.99 14.11
N ILE A 77 8.92 -2.25 12.99
CA ILE A 77 8.56 -3.60 12.59
C ILE A 77 9.39 -4.06 11.39
N GLN A 78 9.85 -5.30 11.45
CA GLN A 78 10.65 -5.86 10.36
C GLN A 78 9.97 -7.10 9.77
N LEU A 79 9.98 -7.18 8.44
CA LEU A 79 9.37 -8.31 7.75
C LEU A 79 10.42 -9.38 7.40
N TRP A 80 10.25 -10.56 7.98
CA TRP A 80 11.18 -11.66 7.73
C TRP A 80 12.59 -11.29 8.16
N GLY A 81 12.70 -10.56 9.26
CA GLY A 81 14.00 -10.15 9.76
C GLY A 81 14.60 -9.03 8.93
N HIS A 82 13.86 -8.55 7.94
CA HIS A 82 14.33 -7.48 7.07
C HIS A 82 13.58 -6.18 7.35
N GLN A 83 14.30 -5.08 7.40
CA GLN A 83 13.71 -3.78 7.66
C GLN A 83 12.93 -3.28 6.45
N ILE A 84 11.89 -2.49 6.71
CA ILE A 84 11.06 -1.95 5.64
C ILE A 84 10.69 -0.49 5.91
N ALA A 85 10.24 0.20 4.86
CA ALA A 85 9.86 1.60 4.99
C ALA A 85 8.51 1.86 4.32
N VAL A 86 7.75 2.81 4.86
CA VAL A 86 6.44 3.15 4.31
C VAL A 86 6.45 4.57 3.75
N ASP A 87 5.91 4.72 2.54
CA ASP A 87 5.85 6.03 1.90
C ASP A 87 4.47 6.25 1.27
N TRP A 88 4.11 7.52 1.09
CA TRP A 88 2.83 7.87 0.49
C TRP A 88 2.86 7.74 -1.02
N ALA A 89 2.43 6.58 -1.52
CA ALA A 89 2.42 6.33 -2.96
C ALA A 89 1.78 7.48 -3.72
N GLU A 90 0.53 7.80 -3.36
CA GLU A 90 -0.19 8.88 -4.01
C GLU A 90 0.63 10.16 -4.01
N PRO A 91 0.87 10.72 -5.21
CA PRO A 91 1.64 11.95 -5.37
C PRO A 91 0.91 13.17 -4.85
N GLU A 92 -0.33 13.35 -5.27
CA GLU A 92 -1.15 14.47 -4.85
C GLU A 92 -2.64 14.15 -4.94
N ILE A 93 -3.29 14.03 -3.80
CA ILE A 93 -4.72 13.73 -3.74
C ILE A 93 -5.56 15.00 -3.75
N ASP A 94 -6.87 14.83 -3.68
CA ASP A 94 -7.78 15.97 -3.66
C ASP A 94 -8.14 16.37 -2.23
N VAL A 95 -7.19 16.19 -1.32
CA VAL A 95 -7.41 16.53 0.08
C VAL A 95 -7.82 18.00 0.23
N ASP A 96 -7.43 18.81 -0.73
CA ASP A 96 -7.75 20.24 -0.71
C ASP A 96 -9.26 20.44 -0.76
N GLU A 97 -9.91 19.77 -1.70
CA GLU A 97 -11.36 19.89 -1.86
C GLU A 97 -12.08 18.84 -1.03
N ASP A 98 -11.74 17.58 -1.25
CA ASP A 98 -12.36 16.48 -0.52
C ASP A 98 -11.30 15.54 0.06
N VAL A 99 -11.09 15.64 1.37
CA VAL A 99 -10.10 14.81 2.04
C VAL A 99 -10.76 13.64 2.76
N MET A 100 -11.87 13.92 3.44
CA MET A 100 -12.60 12.88 4.17
C MET A 100 -13.77 12.36 3.33
N GLU A 101 -14.41 11.31 3.83
CA GLU A 101 -15.55 10.71 3.12
C GLU A 101 -16.74 10.55 4.07
N THR A 102 -17.94 10.54 3.49
CA THR A 102 -19.16 10.38 4.26
C THR A 102 -20.16 9.48 3.55
N VAL A 103 -21.35 9.34 4.14
CA VAL A 103 -22.40 8.51 3.57
C VAL A 103 -23.13 9.25 2.46
N SER A 104 -23.43 8.54 1.38
CA SER A 104 -24.13 9.13 0.24
C SER A 104 -25.34 8.29 -0.15
N GLY A 105 -26.51 8.92 -0.16
CA GLY A 105 -27.72 8.22 -0.52
C GLY A 105 -28.41 7.60 0.68
N PRO A 106 -29.64 8.04 0.98
CA PRO A 106 -30.42 7.53 2.11
C PRO A 106 -30.89 6.10 1.89
N SER A 107 -30.42 5.20 2.74
CA SER A 107 -30.78 3.79 2.64
C SER A 107 -32.17 3.54 3.25
N SER A 108 -33.17 3.43 2.40
CA SER A 108 -34.54 3.20 2.85
C SER A 108 -34.86 4.08 4.06
N GLY A 109 -34.54 5.37 3.96
CA GLY A 109 -34.80 6.28 5.05
C GLY A 109 -33.79 7.41 5.12
N GLY A 1 -16.41 16.68 6.82
CA GLY A 1 -17.38 15.78 6.23
C GLY A 1 -16.83 14.39 6.01
N SER A 2 -17.63 13.38 6.34
CA SER A 2 -17.23 11.99 6.19
C SER A 2 -18.13 11.26 5.20
N SER A 3 -17.60 11.00 4.01
CA SER A 3 -18.36 10.30 2.98
C SER A 3 -18.23 8.79 3.13
N GLY A 4 -16.98 8.31 3.22
CA GLY A 4 -16.75 6.89 3.37
C GLY A 4 -15.34 6.50 2.97
N SER A 5 -15.07 6.47 1.67
CA SER A 5 -13.75 6.11 1.16
C SER A 5 -13.40 6.93 -0.07
N SER A 6 -12.12 7.27 -0.20
CA SER A 6 -11.65 8.06 -1.34
C SER A 6 -10.77 7.22 -2.25
N GLY A 7 -11.27 6.92 -3.44
CA GLY A 7 -10.53 6.13 -4.39
C GLY A 7 -9.90 4.91 -3.76
N ASN A 8 -8.65 4.62 -4.13
CA ASN A 8 -7.94 3.46 -3.59
C ASN A 8 -6.71 3.91 -2.79
N CYS A 9 -6.53 3.31 -1.63
CA CYS A 9 -5.39 3.64 -0.78
C CYS A 9 -4.35 2.52 -0.80
N ARG A 10 -3.13 2.87 -1.20
CA ARG A 10 -2.05 1.90 -1.28
C ARG A 10 -0.81 2.41 -0.53
N LEU A 11 -0.26 1.57 0.34
CA LEU A 11 0.92 1.94 1.12
C LEU A 11 2.20 1.47 0.41
N PHE A 12 3.20 2.34 0.38
CA PHE A 12 4.47 2.02 -0.26
C PHE A 12 5.38 1.27 0.71
N ILE A 13 5.47 -0.05 0.54
CA ILE A 13 6.31 -0.87 1.39
C ILE A 13 7.63 -1.22 0.70
N GLY A 14 8.69 -0.53 1.08
CA GLY A 14 9.99 -0.78 0.50
C GLY A 14 10.95 -1.43 1.47
N GLY A 15 11.86 -2.26 0.94
CA GLY A 15 12.82 -2.94 1.79
C GLY A 15 12.37 -4.33 2.19
N ILE A 16 11.91 -5.10 1.21
CA ILE A 16 11.44 -6.46 1.47
C ILE A 16 12.15 -7.46 0.57
N PRO A 17 12.26 -8.71 1.05
CA PRO A 17 12.91 -9.79 0.29
C PRO A 17 12.09 -10.22 -0.92
N LYS A 18 12.75 -10.30 -2.06
CA LYS A 18 12.09 -10.70 -3.30
C LYS A 18 11.70 -12.18 -3.26
N MET A 19 12.63 -13.01 -2.78
CA MET A 19 12.38 -14.45 -2.68
C MET A 19 10.93 -14.72 -2.30
N LYS A 20 10.39 -13.90 -1.42
CA LYS A 20 9.01 -14.05 -0.95
C LYS A 20 8.03 -13.86 -2.11
N LYS A 21 6.75 -14.06 -1.84
CA LYS A 21 5.71 -13.90 -2.85
C LYS A 21 4.61 -12.96 -2.37
N ARG A 22 3.91 -12.35 -3.30
CA ARG A 22 2.83 -11.42 -2.96
C ARG A 22 1.90 -12.03 -1.92
N GLU A 23 1.67 -13.34 -2.02
CA GLU A 23 0.80 -14.03 -1.07
C GLU A 23 1.38 -13.98 0.33
N GLU A 24 2.70 -14.09 0.43
CA GLU A 24 3.37 -14.06 1.73
C GLU A 24 3.39 -12.64 2.29
N ILE A 25 3.68 -11.67 1.44
CA ILE A 25 3.72 -10.27 1.85
C ILE A 25 2.39 -9.85 2.49
N LEU A 26 1.31 -9.98 1.74
CA LEU A 26 0.00 -9.61 2.23
C LEU A 26 -0.20 -10.05 3.68
N GLU A 27 0.03 -11.33 3.93
CA GLU A 27 -0.11 -11.88 5.28
C GLU A 27 0.77 -11.12 6.27
N GLU A 28 2.07 -11.16 6.03
CA GLU A 28 3.02 -10.46 6.90
C GLU A 28 2.57 -9.04 7.19
N ILE A 29 1.70 -8.52 6.33
CA ILE A 29 1.18 -7.17 6.49
C ILE A 29 -0.14 -7.17 7.26
N ALA A 30 -0.98 -8.16 6.98
CA ALA A 30 -2.27 -8.26 7.66
C ALA A 30 -2.10 -8.30 9.17
N LYS A 31 -0.86 -8.48 9.61
CA LYS A 31 -0.55 -8.54 11.04
C LYS A 31 0.01 -7.21 11.53
N VAL A 32 1.04 -6.72 10.84
CA VAL A 32 1.67 -5.46 11.21
C VAL A 32 0.71 -4.30 11.02
N THR A 33 -0.28 -4.48 10.15
CA THR A 33 -1.28 -3.44 9.88
C THR A 33 -2.64 -4.06 9.60
N GLU A 34 -3.62 -3.68 10.42
CA GLU A 34 -4.98 -4.19 10.26
C GLU A 34 -5.82 -3.25 9.40
N GLY A 35 -6.47 -3.80 8.38
CA GLY A 35 -7.30 -3.00 7.50
C GLY A 35 -6.87 -3.10 6.06
N VAL A 36 -6.06 -4.11 5.75
CA VAL A 36 -5.57 -4.31 4.38
C VAL A 36 -6.59 -5.07 3.54
N LEU A 37 -6.51 -4.88 2.23
CA LEU A 37 -7.43 -5.55 1.31
C LEU A 37 -6.69 -6.55 0.43
N ASP A 38 -5.59 -6.09 -0.17
CA ASP A 38 -4.78 -6.94 -1.05
C ASP A 38 -3.40 -6.35 -1.26
N VAL A 39 -2.47 -7.17 -1.75
CA VAL A 39 -1.11 -6.72 -2.00
C VAL A 39 -0.73 -6.90 -3.47
N ILE A 40 -0.06 -5.91 -4.02
CA ILE A 40 0.37 -5.95 -5.42
C ILE A 40 1.89 -6.07 -5.53
N VAL A 41 2.34 -6.77 -6.56
CA VAL A 41 3.77 -6.96 -6.79
C VAL A 41 4.17 -6.54 -8.20
N TYR A 42 5.16 -5.67 -8.28
CA TYR A 42 5.64 -5.18 -9.57
C TYR A 42 6.93 -5.87 -9.97
N ALA A 43 7.31 -5.72 -11.24
CA ALA A 43 8.53 -6.33 -11.76
C ALA A 43 8.90 -5.75 -13.12
N SER A 44 10.10 -6.09 -13.59
CA SER A 44 10.57 -5.61 -14.88
C SER A 44 9.61 -6.00 -16.00
N ALA A 45 9.32 -7.29 -16.09
CA ALA A 45 8.41 -7.80 -17.11
C ALA A 45 7.03 -8.08 -16.53
N ALA A 46 6.97 -9.00 -15.58
CA ALA A 46 5.71 -9.36 -14.95
C ALA A 46 5.95 -9.98 -13.57
N ASP A 47 4.90 -10.01 -12.76
CA ASP A 47 4.99 -10.57 -11.41
C ASP A 47 5.67 -11.94 -11.44
N LYS A 48 6.91 -11.99 -10.95
CA LYS A 48 7.66 -13.24 -10.92
C LYS A 48 8.55 -13.30 -9.70
N MET A 49 9.30 -14.39 -9.56
CA MET A 49 10.20 -14.57 -8.42
C MET A 49 11.32 -13.55 -8.45
N LYS A 50 11.49 -12.89 -9.60
CA LYS A 50 12.53 -11.87 -9.76
C LYS A 50 11.96 -10.48 -9.52
N ASN A 51 10.83 -10.41 -8.83
CA ASN A 51 10.19 -9.13 -8.54
C ASN A 51 11.18 -8.14 -7.96
N ARG A 52 10.71 -6.95 -7.62
CA ARG A 52 11.56 -5.91 -7.05
C ARG A 52 11.55 -5.97 -5.52
N GLY A 53 12.51 -5.30 -4.90
CA GLY A 53 12.59 -5.29 -3.45
C GLY A 53 11.56 -4.38 -2.82
N PHE A 54 10.30 -4.56 -3.21
CA PHE A 54 9.23 -3.74 -2.67
C PHE A 54 7.86 -4.36 -2.99
N ALA A 55 6.82 -3.82 -2.37
CA ALA A 55 5.46 -4.32 -2.58
C ALA A 55 4.43 -3.26 -2.26
N PHE A 56 3.22 -3.44 -2.77
CA PHE A 56 2.13 -2.49 -2.55
C PHE A 56 1.00 -3.14 -1.75
N VAL A 57 0.42 -2.36 -0.84
CA VAL A 57 -0.67 -2.85 -0.01
C VAL A 57 -1.89 -1.95 -0.12
N GLU A 58 -2.94 -2.48 -0.75
CA GLU A 58 -4.18 -1.73 -0.93
C GLU A 58 -5.11 -1.93 0.25
N TYR A 59 -5.37 -0.85 1.00
CA TYR A 59 -6.24 -0.91 2.16
C TYR A 59 -7.66 -0.50 1.79
N GLU A 60 -8.65 -1.16 2.40
CA GLU A 60 -10.05 -0.87 2.13
C GLU A 60 -10.38 0.57 2.50
N SER A 61 -10.00 0.98 3.70
CA SER A 61 -10.26 2.32 4.18
C SER A 61 -9.01 3.19 4.06
N HIS A 62 -9.15 4.33 3.40
CA HIS A 62 -8.04 5.26 3.22
C HIS A 62 -7.31 5.51 4.53
N ARG A 63 -8.04 5.40 5.64
CA ARG A 63 -7.47 5.61 6.96
C ARG A 63 -6.59 4.43 7.37
N ALA A 64 -7.16 3.22 7.28
CA ALA A 64 -6.43 2.02 7.64
C ALA A 64 -5.01 2.03 7.08
N ALA A 65 -4.82 2.82 6.02
CA ALA A 65 -3.51 2.93 5.39
C ALA A 65 -2.69 4.06 6.02
N ALA A 66 -3.34 5.20 6.26
CA ALA A 66 -2.68 6.35 6.85
C ALA A 66 -2.14 6.02 8.24
N MET A 67 -2.93 5.30 9.03
CA MET A 67 -2.52 4.91 10.37
C MET A 67 -1.61 3.69 10.34
N ALA A 68 -1.75 2.88 9.28
CA ALA A 68 -0.94 1.68 9.14
C ALA A 68 0.53 2.04 8.91
N ARG A 69 0.76 3.19 8.30
CA ARG A 69 2.13 3.65 8.02
C ARG A 69 2.78 4.21 9.28
N ARG A 70 2.02 5.01 10.02
CA ARG A 70 2.53 5.62 11.24
C ARG A 70 3.04 4.56 12.21
N LYS A 71 2.70 3.30 11.93
CA LYS A 71 3.13 2.19 12.77
C LYS A 71 4.44 1.60 12.27
N LEU A 72 4.65 1.66 10.96
CA LEU A 72 5.87 1.13 10.36
C LEU A 72 6.75 2.27 9.83
N MET A 73 6.32 3.50 10.08
CA MET A 73 7.07 4.67 9.62
C MET A 73 8.41 4.77 10.33
N PRO A 74 8.38 4.70 11.67
CA PRO A 74 9.59 4.78 12.50
C PRO A 74 10.46 3.54 12.37
N GLY A 75 10.04 2.61 11.51
CA GLY A 75 10.79 1.39 11.31
C GLY A 75 10.86 0.53 12.56
N ARG A 76 9.78 0.55 13.33
CA ARG A 76 9.72 -0.24 14.57
C ARG A 76 9.51 -1.72 14.26
N ILE A 77 8.78 -2.00 13.19
CA ILE A 77 8.51 -3.38 12.80
C ILE A 77 9.21 -3.71 11.49
N GLN A 78 9.67 -4.96 11.37
CA GLN A 78 10.36 -5.40 10.17
C GLN A 78 9.67 -6.61 9.56
N LEU A 79 10.10 -7.00 8.37
CA LEU A 79 9.52 -8.15 7.67
C LEU A 79 10.57 -9.21 7.39
N TRP A 80 10.43 -10.37 8.04
CA TRP A 80 11.37 -11.46 7.85
C TRP A 80 12.77 -11.06 8.28
N GLY A 81 12.85 -10.19 9.27
CA GLY A 81 14.14 -9.72 9.76
C GLY A 81 14.75 -8.66 8.88
N HIS A 82 14.04 -8.29 7.82
CA HIS A 82 14.52 -7.28 6.89
C HIS A 82 13.86 -5.93 7.17
N GLN A 83 14.66 -4.88 7.21
CA GLN A 83 14.15 -3.53 7.47
C GLN A 83 13.15 -3.11 6.40
N ILE A 84 12.05 -2.51 6.83
CA ILE A 84 11.01 -2.06 5.91
C ILE A 84 10.60 -0.62 6.20
N ALA A 85 10.12 0.07 5.18
CA ALA A 85 9.69 1.45 5.33
C ALA A 85 8.37 1.70 4.61
N VAL A 86 7.55 2.59 5.16
CA VAL A 86 6.27 2.92 4.57
C VAL A 86 6.24 4.35 4.05
N ASP A 87 5.85 4.50 2.79
CA ASP A 87 5.78 5.82 2.16
C ASP A 87 4.43 6.02 1.48
N TRP A 88 4.07 7.28 1.26
CA TRP A 88 2.81 7.62 0.62
C TRP A 88 2.91 7.44 -0.89
N ALA A 89 2.39 6.31 -1.38
CA ALA A 89 2.42 6.02 -2.81
C ALA A 89 2.01 7.24 -3.63
N GLU A 90 0.73 7.58 -3.58
CA GLU A 90 0.21 8.73 -4.32
C GLU A 90 0.28 10.00 -3.48
N PRO A 91 1.13 10.94 -3.90
CA PRO A 91 1.31 12.22 -3.20
C PRO A 91 0.09 13.12 -3.31
N GLU A 92 -0.38 13.32 -4.54
CA GLU A 92 -1.54 14.17 -4.79
C GLU A 92 -2.28 13.72 -6.04
N ILE A 93 -3.47 13.14 -5.84
CA ILE A 93 -4.29 12.67 -6.95
C ILE A 93 -5.17 13.78 -7.51
N ASP A 94 -6.00 13.43 -8.49
CA ASP A 94 -6.89 14.41 -9.10
C ASP A 94 -8.26 14.38 -8.44
N VAL A 95 -8.28 14.19 -7.13
CA VAL A 95 -9.52 14.14 -6.38
C VAL A 95 -10.12 15.53 -6.21
N ASP A 96 -9.27 16.50 -5.88
CA ASP A 96 -9.73 17.88 -5.70
C ASP A 96 -10.70 18.29 -6.80
N GLU A 97 -10.38 17.91 -8.04
CA GLU A 97 -11.23 18.23 -9.17
C GLU A 97 -12.37 17.21 -9.32
N ASP A 98 -12.00 15.95 -9.51
CA ASP A 98 -12.97 14.88 -9.66
C ASP A 98 -12.69 13.74 -8.69
N VAL A 99 -13.53 13.62 -7.66
CA VAL A 99 -13.36 12.57 -6.66
C VAL A 99 -14.65 11.79 -6.47
N MET A 100 -15.78 12.50 -6.53
CA MET A 100 -17.08 11.86 -6.37
C MET A 100 -17.36 10.89 -7.51
N GLU A 101 -18.43 10.12 -7.37
CA GLU A 101 -18.81 9.15 -8.39
C GLU A 101 -20.32 9.06 -8.53
N THR A 102 -20.83 9.51 -9.68
CA THR A 102 -22.27 9.49 -9.94
C THR A 102 -22.64 8.37 -10.90
N VAL A 103 -23.87 7.88 -10.80
CA VAL A 103 -24.34 6.81 -11.66
C VAL A 103 -25.71 7.13 -12.24
N SER A 104 -25.84 7.02 -13.56
CA SER A 104 -27.10 7.31 -14.24
C SER A 104 -27.29 6.37 -15.43
N GLY A 105 -28.55 6.06 -15.73
CA GLY A 105 -28.86 5.18 -16.85
C GLY A 105 -30.07 4.32 -16.60
N PRO A 106 -31.26 4.94 -16.66
CA PRO A 106 -32.54 4.24 -16.44
C PRO A 106 -32.87 3.28 -17.58
N SER A 107 -33.54 2.19 -17.23
CA SER A 107 -33.93 1.18 -18.22
C SER A 107 -35.44 1.01 -18.26
N SER A 108 -36.12 1.90 -18.97
CA SER A 108 -37.57 1.85 -19.09
C SER A 108 -38.01 0.65 -19.94
N GLY A 109 -38.95 -0.13 -19.43
CA GLY A 109 -39.44 -1.28 -20.15
C GLY A 109 -40.21 -2.24 -19.26
N GLY A 1 -2.35 17.25 5.49
CA GLY A 1 -2.65 18.63 5.18
C GLY A 1 -3.44 18.79 3.90
N SER A 2 -3.00 18.11 2.85
CA SER A 2 -3.67 18.17 1.56
C SER A 2 -4.79 17.13 1.48
N SER A 3 -6.01 17.57 1.80
CA SER A 3 -7.17 16.68 1.77
C SER A 3 -7.34 16.06 0.38
N GLY A 4 -8.11 14.99 0.32
CA GLY A 4 -8.35 14.31 -0.95
C GLY A 4 -9.55 13.40 -0.91
N SER A 5 -10.22 13.25 -2.06
CA SER A 5 -11.40 12.40 -2.14
C SER A 5 -11.09 10.99 -1.65
N SER A 6 -12.14 10.25 -1.29
CA SER A 6 -11.98 8.89 -0.79
C SER A 6 -12.07 7.89 -1.94
N GLY A 7 -11.10 6.98 -2.00
CA GLY A 7 -11.08 5.98 -3.04
C GLY A 7 -10.00 4.92 -2.83
N ASN A 8 -9.18 4.71 -3.84
CA ASN A 8 -8.11 3.72 -3.75
C ASN A 8 -6.96 4.24 -2.88
N CYS A 9 -6.55 3.43 -1.91
CA CYS A 9 -5.47 3.79 -1.01
C CYS A 9 -4.46 2.66 -0.87
N ARG A 10 -3.20 2.96 -1.19
CA ARG A 10 -2.15 1.97 -1.10
C ARG A 10 -0.91 2.54 -0.42
N LEU A 11 -0.19 1.69 0.31
CA LEU A 11 1.01 2.12 1.02
C LEU A 11 2.26 1.64 0.30
N PHE A 12 3.29 2.49 0.28
CA PHE A 12 4.55 2.15 -0.37
C PHE A 12 5.46 1.37 0.56
N ILE A 13 5.51 0.05 0.35
CA ILE A 13 6.35 -0.81 1.18
C ILE A 13 7.66 -1.15 0.47
N GLY A 14 8.75 -0.61 0.99
CA GLY A 14 10.06 -0.86 0.39
C GLY A 14 11.03 -1.48 1.38
N GLY A 15 12.02 -2.21 0.87
CA GLY A 15 13.00 -2.84 1.72
C GLY A 15 12.65 -4.27 2.05
N ILE A 16 11.89 -4.91 1.17
CA ILE A 16 11.48 -6.29 1.38
C ILE A 16 12.37 -7.25 0.59
N PRO A 17 12.49 -8.49 1.09
CA PRO A 17 13.31 -9.52 0.45
C PRO A 17 12.71 -10.01 -0.87
N LYS A 18 13.57 -10.40 -1.80
CA LYS A 18 13.12 -10.90 -3.09
C LYS A 18 12.48 -12.27 -2.96
N MET A 19 13.24 -13.22 -2.42
CA MET A 19 12.74 -14.58 -2.25
C MET A 19 11.27 -14.57 -1.84
N LYS A 20 10.87 -13.55 -1.08
CA LYS A 20 9.49 -13.42 -0.63
C LYS A 20 8.56 -13.07 -1.79
N LYS A 21 7.30 -13.46 -1.67
CA LYS A 21 6.31 -13.19 -2.71
C LYS A 21 5.11 -12.44 -2.13
N ARG A 22 4.37 -11.76 -3.00
CA ARG A 22 3.20 -11.01 -2.57
C ARG A 22 2.35 -11.82 -1.59
N GLU A 23 2.11 -13.08 -1.93
CA GLU A 23 1.32 -13.96 -1.08
C GLU A 23 1.76 -13.85 0.37
N GLU A 24 3.05 -14.02 0.61
CA GLU A 24 3.60 -13.93 1.96
C GLU A 24 3.51 -12.52 2.50
N ILE A 25 3.86 -11.54 1.67
CA ILE A 25 3.81 -10.14 2.06
C ILE A 25 2.47 -9.80 2.69
N LEU A 26 1.39 -10.10 1.99
CA LEU A 26 0.05 -9.82 2.48
C LEU A 26 -0.11 -10.30 3.93
N GLU A 27 0.01 -11.61 4.13
CA GLU A 27 -0.11 -12.19 5.46
C GLU A 27 0.74 -11.42 6.48
N GLU A 28 1.96 -11.10 6.08
CA GLU A 28 2.87 -10.36 6.96
C GLU A 28 2.37 -8.95 7.20
N ILE A 29 1.50 -8.47 6.31
CA ILE A 29 0.94 -7.12 6.44
C ILE A 29 -0.34 -7.14 7.26
N ALA A 30 -1.18 -8.14 7.03
CA ALA A 30 -2.44 -8.27 7.76
C ALA A 30 -2.19 -8.31 9.27
N LYS A 31 -0.93 -8.46 9.65
CA LYS A 31 -0.56 -8.52 11.07
C LYS A 31 0.06 -7.20 11.52
N VAL A 32 1.02 -6.71 10.75
CA VAL A 32 1.69 -5.46 11.07
C VAL A 32 0.77 -4.26 10.86
N THR A 33 -0.23 -4.44 10.00
CA THR A 33 -1.18 -3.39 9.71
C THR A 33 -2.58 -3.95 9.46
N GLU A 34 -3.49 -3.71 10.40
CA GLU A 34 -4.86 -4.20 10.28
C GLU A 34 -5.70 -3.26 9.43
N GLY A 35 -6.39 -3.82 8.44
CA GLY A 35 -7.22 -3.01 7.56
C GLY A 35 -6.85 -3.16 6.10
N VAL A 36 -5.91 -4.05 5.82
CA VAL A 36 -5.45 -4.29 4.46
C VAL A 36 -6.50 -5.07 3.67
N LEU A 37 -6.47 -4.92 2.35
CA LEU A 37 -7.42 -5.60 1.47
C LEU A 37 -6.69 -6.60 0.57
N ASP A 38 -5.64 -6.13 -0.09
CA ASP A 38 -4.86 -6.98 -0.98
C ASP A 38 -3.50 -6.35 -1.28
N VAL A 39 -2.55 -7.18 -1.68
CA VAL A 39 -1.20 -6.70 -2.00
C VAL A 39 -0.89 -6.89 -3.48
N ILE A 40 -0.26 -5.88 -4.08
CA ILE A 40 0.09 -5.93 -5.49
C ILE A 40 1.60 -5.82 -5.69
N VAL A 41 2.13 -6.61 -6.61
CA VAL A 41 3.56 -6.61 -6.90
C VAL A 41 3.84 -6.15 -8.32
N TYR A 42 4.81 -5.27 -8.48
CA TYR A 42 5.18 -4.75 -9.78
C TYR A 42 6.44 -5.42 -10.30
N ALA A 43 6.31 -6.13 -11.43
CA ALA A 43 7.44 -6.82 -12.03
C ALA A 43 7.05 -7.44 -13.37
N SER A 44 8.05 -7.86 -14.14
CA SER A 44 7.81 -8.47 -15.44
C SER A 44 7.37 -9.92 -15.29
N ALA A 45 6.06 -10.11 -15.16
CA ALA A 45 5.50 -11.45 -15.01
C ALA A 45 6.39 -12.33 -14.13
N ALA A 46 6.99 -11.72 -13.11
CA ALA A 46 7.86 -12.44 -12.20
C ALA A 46 8.22 -11.59 -10.98
N ASP A 47 7.87 -12.09 -9.80
CA ASP A 47 8.15 -11.37 -8.56
C ASP A 47 9.22 -12.10 -7.75
N LYS A 48 10.21 -12.65 -8.43
CA LYS A 48 11.29 -13.37 -7.77
C LYS A 48 12.65 -12.90 -8.28
N MET A 49 12.76 -12.71 -9.58
CA MET A 49 14.00 -12.27 -10.20
C MET A 49 13.92 -10.79 -10.59
N LYS A 50 12.89 -10.45 -11.36
CA LYS A 50 12.68 -9.07 -11.80
C LYS A 50 12.34 -8.16 -10.62
N ASN A 51 11.60 -8.70 -9.67
CA ASN A 51 11.21 -7.94 -8.48
C ASN A 51 12.38 -7.16 -7.92
N ARG A 52 12.22 -5.84 -7.80
CA ARG A 52 13.27 -4.98 -7.27
C ARG A 52 13.43 -5.18 -5.77
N GLY A 53 12.31 -5.33 -5.08
CA GLY A 53 12.34 -5.51 -3.63
C GLY A 53 11.31 -4.68 -2.92
N PHE A 54 10.18 -4.42 -3.58
CA PHE A 54 9.10 -3.63 -3.00
C PHE A 54 7.75 -4.27 -3.27
N ALA A 55 6.72 -3.76 -2.60
CA ALA A 55 5.37 -4.28 -2.77
C ALA A 55 4.32 -3.19 -2.49
N PHE A 56 3.10 -3.44 -2.93
CA PHE A 56 2.01 -2.49 -2.73
C PHE A 56 0.92 -3.08 -1.85
N VAL A 57 0.50 -2.30 -0.84
CA VAL A 57 -0.54 -2.75 0.08
C VAL A 57 -1.78 -1.87 -0.01
N GLU A 58 -2.85 -2.41 -0.56
CA GLU A 58 -4.10 -1.67 -0.71
C GLU A 58 -4.96 -1.80 0.55
N TYR A 59 -5.45 -0.67 1.04
CA TYR A 59 -6.28 -0.65 2.24
C TYR A 59 -7.70 -0.20 1.90
N GLU A 60 -8.69 -0.93 2.41
CA GLU A 60 -10.08 -0.60 2.16
C GLU A 60 -10.42 0.77 2.74
N SER A 61 -10.03 1.00 3.99
CA SER A 61 -10.29 2.27 4.65
C SER A 61 -9.18 3.27 4.38
N HIS A 62 -9.53 4.37 3.72
CA HIS A 62 -8.56 5.41 3.40
C HIS A 62 -7.56 5.60 4.55
N ARG A 63 -8.06 5.49 5.77
CA ARG A 63 -7.22 5.66 6.96
C ARG A 63 -6.41 4.40 7.23
N ALA A 64 -7.06 3.25 7.14
CA ALA A 64 -6.40 1.97 7.37
C ALA A 64 -4.96 2.00 6.83
N ALA A 65 -4.75 2.74 5.76
CA ALA A 65 -3.42 2.85 5.16
C ALA A 65 -2.59 3.91 5.87
N ALA A 66 -3.21 5.04 6.19
CA ALA A 66 -2.52 6.12 6.87
C ALA A 66 -2.11 5.72 8.28
N MET A 67 -3.07 5.20 9.04
CA MET A 67 -2.80 4.76 10.41
C MET A 67 -1.93 3.51 10.42
N ALA A 68 -1.78 2.88 9.26
CA ALA A 68 -0.98 1.68 9.15
C ALA A 68 0.49 2.01 8.91
N ARG A 69 0.74 3.07 8.14
CA ARG A 69 2.10 3.51 7.84
C ARG A 69 2.74 4.16 9.05
N ARG A 70 1.94 4.92 9.80
CA ARG A 70 2.44 5.61 10.99
C ARG A 70 2.96 4.61 12.02
N LYS A 71 2.71 3.32 11.77
CA LYS A 71 3.17 2.27 12.67
C LYS A 71 4.49 1.68 12.20
N LEU A 72 4.69 1.66 10.89
CA LEU A 72 5.92 1.13 10.32
C LEU A 72 6.81 2.25 9.78
N MET A 73 6.31 3.47 9.86
CA MET A 73 7.06 4.63 9.38
C MET A 73 8.44 4.69 10.03
N PRO A 74 8.47 4.61 11.38
CA PRO A 74 9.72 4.65 12.14
C PRO A 74 10.56 3.40 11.95
N GLY A 75 9.99 2.41 11.25
CA GLY A 75 10.70 1.18 11.01
C GLY A 75 10.81 0.31 12.26
N ARG A 76 9.83 0.45 13.15
CA ARG A 76 9.83 -0.32 14.40
C ARG A 76 9.55 -1.79 14.13
N ILE A 77 8.83 -2.06 13.05
CA ILE A 77 8.49 -3.44 12.67
C ILE A 77 9.24 -3.86 11.41
N GLN A 78 9.71 -5.10 11.41
CA GLN A 78 10.45 -5.64 10.26
C GLN A 78 9.74 -6.87 9.70
N LEU A 79 10.01 -7.15 8.43
CA LEU A 79 9.40 -8.31 7.77
C LEU A 79 10.44 -9.38 7.48
N TRP A 80 10.27 -10.56 8.08
CA TRP A 80 11.20 -11.66 7.88
C TRP A 80 12.62 -11.26 8.28
N GLY A 81 12.72 -10.43 9.31
CA GLY A 81 14.03 -9.99 9.78
C GLY A 81 14.63 -8.93 8.87
N HIS A 82 13.87 -8.52 7.86
CA HIS A 82 14.35 -7.50 6.93
C HIS A 82 13.70 -6.15 7.22
N GLN A 83 14.52 -5.10 7.22
CA GLN A 83 14.03 -3.75 7.48
C GLN A 83 13.08 -3.30 6.39
N ILE A 84 11.96 -2.72 6.78
CA ILE A 84 10.96 -2.23 5.84
C ILE A 84 10.56 -0.79 6.15
N ALA A 85 10.11 -0.08 5.12
CA ALA A 85 9.69 1.32 5.28
C ALA A 85 8.38 1.58 4.55
N VAL A 86 7.58 2.50 5.09
CA VAL A 86 6.31 2.85 4.48
C VAL A 86 6.28 4.30 4.04
N ASP A 87 5.95 4.52 2.76
CA ASP A 87 5.90 5.86 2.21
C ASP A 87 4.55 6.12 1.55
N TRP A 88 4.15 7.40 1.49
CA TRP A 88 2.89 7.77 0.87
C TRP A 88 2.93 7.58 -0.64
N ALA A 89 2.32 6.50 -1.11
CA ALA A 89 2.29 6.20 -2.54
C ALA A 89 1.66 7.35 -3.33
N GLU A 90 0.46 7.74 -2.91
CA GLU A 90 -0.25 8.82 -3.58
C GLU A 90 -1.23 9.51 -2.63
N PRO A 91 -1.10 10.84 -2.51
CA PRO A 91 -1.96 11.64 -1.63
C PRO A 91 -3.39 11.72 -2.14
N GLU A 92 -3.54 12.09 -3.41
CA GLU A 92 -4.86 12.21 -4.02
C GLU A 92 -4.76 12.16 -5.54
N ILE A 93 -5.23 11.06 -6.14
CA ILE A 93 -5.19 10.90 -7.58
C ILE A 93 -6.48 11.39 -8.23
N ASP A 94 -6.59 11.23 -9.54
CA ASP A 94 -7.77 11.64 -10.28
C ASP A 94 -8.75 10.49 -10.44
N VAL A 95 -8.86 9.66 -9.41
CA VAL A 95 -9.75 8.51 -9.44
C VAL A 95 -11.21 8.94 -9.51
N ASP A 96 -11.52 10.05 -8.84
CA ASP A 96 -12.88 10.57 -8.83
C ASP A 96 -13.43 10.69 -10.26
N GLU A 97 -12.68 11.35 -11.13
CA GLU A 97 -13.09 11.52 -12.51
C GLU A 97 -12.94 10.22 -13.30
N ASP A 98 -11.75 9.63 -13.21
CA ASP A 98 -11.47 8.37 -13.91
C ASP A 98 -10.48 7.52 -13.12
N VAL A 99 -10.88 6.28 -12.84
CA VAL A 99 -10.03 5.36 -12.09
C VAL A 99 -9.72 4.11 -12.90
N MET A 100 -10.72 3.62 -13.62
CA MET A 100 -10.56 2.42 -14.44
C MET A 100 -10.26 2.80 -15.89
N GLU A 101 -9.84 1.82 -16.68
CA GLU A 101 -9.53 2.05 -18.09
C GLU A 101 -10.60 1.44 -18.99
N THR A 102 -11.72 2.14 -19.14
CA THR A 102 -12.81 1.66 -19.97
C THR A 102 -12.53 1.90 -21.45
N VAL A 103 -12.62 0.85 -22.26
CA VAL A 103 -12.37 0.95 -23.69
C VAL A 103 -13.66 0.81 -24.48
N SER A 104 -14.63 0.09 -23.91
CA SER A 104 -15.91 -0.12 -24.57
C SER A 104 -16.89 -0.81 -23.63
N GLY A 105 -18.17 -0.84 -24.02
CA GLY A 105 -19.18 -1.47 -23.20
C GLY A 105 -20.33 -2.02 -24.03
N PRO A 106 -20.04 -3.05 -24.84
CA PRO A 106 -21.05 -3.68 -25.70
C PRO A 106 -22.08 -4.48 -24.90
N SER A 107 -23.16 -4.87 -25.56
CA SER A 107 -24.22 -5.62 -24.91
C SER A 107 -24.70 -6.76 -25.81
N SER A 108 -25.04 -7.89 -25.20
CA SER A 108 -25.51 -9.06 -25.93
C SER A 108 -26.88 -8.78 -26.56
N GLY A 109 -27.57 -7.77 -26.05
CA GLY A 109 -28.88 -7.43 -26.56
C GLY A 109 -29.99 -8.22 -25.89
N GLY A 1 -3.53 15.18 7.95
CA GLY A 1 -4.35 14.59 6.92
C GLY A 1 -5.37 15.57 6.36
N SER A 2 -5.31 15.81 5.06
CA SER A 2 -6.23 16.74 4.41
C SER A 2 -7.45 15.99 3.87
N SER A 3 -8.64 16.54 4.16
CA SER A 3 -9.88 15.93 3.71
C SER A 3 -9.80 15.54 2.23
N GLY A 4 -10.68 14.64 1.81
CA GLY A 4 -10.70 14.21 0.43
C GLY A 4 -11.49 12.94 0.23
N SER A 5 -11.89 12.68 -1.01
CA SER A 5 -12.68 11.49 -1.33
C SER A 5 -11.94 10.60 -2.32
N SER A 6 -11.33 9.54 -1.82
CA SER A 6 -10.58 8.62 -2.68
C SER A 6 -10.50 7.24 -2.04
N GLY A 7 -11.11 6.25 -2.68
CA GLY A 7 -11.10 4.90 -2.17
C GLY A 7 -9.78 4.21 -2.39
N ASN A 8 -9.40 4.04 -3.66
CA ASN A 8 -8.15 3.38 -4.01
C ASN A 8 -6.99 3.96 -3.21
N CYS A 9 -6.48 3.18 -2.26
CA CYS A 9 -5.37 3.61 -1.42
C CYS A 9 -4.35 2.49 -1.24
N ARG A 10 -3.09 2.78 -1.55
CA ARG A 10 -2.03 1.79 -1.42
C ARG A 10 -0.85 2.36 -0.64
N LEU A 11 -0.13 1.49 0.06
CA LEU A 11 1.03 1.91 0.85
C LEU A 11 2.32 1.51 0.16
N PHE A 12 3.29 2.42 0.17
CA PHE A 12 4.59 2.17 -0.46
C PHE A 12 5.52 1.43 0.50
N ILE A 13 5.66 0.13 0.29
CA ILE A 13 6.52 -0.70 1.14
C ILE A 13 7.84 -1.02 0.43
N GLY A 14 8.93 -0.50 0.99
CA GLY A 14 10.24 -0.74 0.40
C GLY A 14 11.22 -1.35 1.39
N GLY A 15 12.08 -2.23 0.91
CA GLY A 15 13.06 -2.86 1.77
C GLY A 15 12.70 -4.30 2.10
N ILE A 16 11.80 -4.87 1.31
CA ILE A 16 11.36 -6.25 1.52
C ILE A 16 12.19 -7.22 0.68
N PRO A 17 12.34 -8.45 1.18
CA PRO A 17 13.10 -9.50 0.50
C PRO A 17 12.41 -9.98 -0.77
N LYS A 18 13.17 -10.09 -1.86
CA LYS A 18 12.64 -10.54 -3.13
C LYS A 18 12.12 -11.97 -3.03
N MET A 19 12.95 -12.86 -2.49
CA MET A 19 12.57 -14.25 -2.33
C MET A 19 11.10 -14.38 -1.94
N LYS A 20 10.64 -13.46 -1.09
CA LYS A 20 9.25 -13.46 -0.64
C LYS A 20 8.30 -13.21 -1.80
N LYS A 21 7.06 -13.65 -1.65
CA LYS A 21 6.05 -13.47 -2.68
C LYS A 21 4.88 -12.64 -2.15
N ARG A 22 4.06 -12.14 -3.06
CA ARG A 22 2.90 -11.33 -2.69
C ARG A 22 2.03 -12.07 -1.67
N GLU A 23 1.81 -13.36 -1.91
CA GLU A 23 0.99 -14.16 -1.02
C GLU A 23 1.50 -14.07 0.41
N GLU A 24 2.81 -14.01 0.57
CA GLU A 24 3.42 -13.91 1.90
C GLU A 24 3.32 -12.49 2.43
N ILE A 25 3.73 -11.52 1.62
CA ILE A 25 3.69 -10.12 2.02
C ILE A 25 2.34 -9.76 2.63
N LEU A 26 1.27 -10.02 1.88
CA LEU A 26 -0.08 -9.73 2.35
C LEU A 26 -0.26 -10.17 3.80
N GLU A 27 -0.01 -11.45 4.06
CA GLU A 27 -0.14 -11.99 5.41
C GLU A 27 0.76 -11.25 6.39
N GLU A 28 2.04 -11.13 6.03
CA GLU A 28 3.00 -10.45 6.89
C GLU A 28 2.54 -9.02 7.18
N ILE A 29 1.66 -8.50 6.33
CA ILE A 29 1.15 -7.14 6.51
C ILE A 29 -0.14 -7.14 7.32
N ALA A 30 -1.01 -8.12 7.03
CA ALA A 30 -2.27 -8.24 7.74
C ALA A 30 -2.07 -8.31 9.24
N LYS A 31 -0.82 -8.49 9.66
CA LYS A 31 -0.48 -8.58 11.07
C LYS A 31 0.14 -7.28 11.57
N VAL A 32 1.12 -6.78 10.82
CA VAL A 32 1.80 -5.53 11.18
C VAL A 32 0.86 -4.34 11.03
N THR A 33 -0.09 -4.44 10.10
CA THR A 33 -1.04 -3.37 9.86
C THR A 33 -2.44 -3.92 9.61
N GLU A 34 -3.35 -3.66 10.52
CA GLU A 34 -4.72 -4.13 10.41
C GLU A 34 -5.56 -3.16 9.57
N GLY A 35 -6.27 -3.70 8.59
CA GLY A 35 -7.10 -2.87 7.72
C GLY A 35 -6.69 -2.96 6.26
N VAL A 36 -5.94 -4.00 5.93
CA VAL A 36 -5.49 -4.19 4.55
C VAL A 36 -6.51 -4.97 3.73
N LEU A 37 -6.44 -4.83 2.42
CA LEU A 37 -7.36 -5.51 1.52
C LEU A 37 -6.63 -6.51 0.64
N ASP A 38 -5.53 -6.08 0.03
CA ASP A 38 -4.73 -6.94 -0.83
C ASP A 38 -3.35 -6.33 -1.07
N VAL A 39 -2.47 -7.12 -1.67
CA VAL A 39 -1.11 -6.67 -1.96
C VAL A 39 -0.79 -6.79 -3.44
N ILE A 40 -0.10 -5.79 -3.98
CA ILE A 40 0.28 -5.78 -5.39
C ILE A 40 1.79 -5.69 -5.56
N VAL A 41 2.34 -6.56 -6.40
CA VAL A 41 3.77 -6.58 -6.67
C VAL A 41 4.07 -6.31 -8.14
N TYR A 42 4.82 -5.25 -8.40
CA TYR A 42 5.18 -4.90 -9.77
C TYR A 42 6.64 -5.22 -10.05
N ALA A 43 6.90 -5.76 -11.24
CA ALA A 43 8.25 -6.13 -11.64
C ALA A 43 8.51 -5.75 -13.10
N SER A 44 9.67 -5.15 -13.34
CA SER A 44 10.03 -4.73 -14.69
C SER A 44 9.53 -5.74 -15.73
N ALA A 45 9.79 -7.01 -15.49
CA ALA A 45 9.36 -8.07 -16.39
C ALA A 45 8.41 -9.04 -15.69
N ALA A 46 8.82 -9.53 -14.52
CA ALA A 46 8.00 -10.46 -13.76
C ALA A 46 8.57 -10.67 -12.36
N ASP A 47 7.70 -10.58 -11.35
CA ASP A 47 8.12 -10.76 -9.96
C ASP A 47 9.17 -11.86 -9.86
N LYS A 48 10.39 -11.48 -9.45
CA LYS A 48 11.48 -12.44 -9.30
C LYS A 48 12.67 -11.80 -8.60
N MET A 49 13.60 -12.63 -8.14
CA MET A 49 14.78 -12.14 -7.46
C MET A 49 15.57 -11.18 -8.34
N LYS A 50 15.35 -11.26 -9.65
CA LYS A 50 16.04 -10.41 -10.60
C LYS A 50 15.27 -9.11 -10.81
N ASN A 51 14.41 -8.77 -9.86
CA ASN A 51 13.61 -7.56 -9.93
C ASN A 51 13.82 -6.68 -8.70
N ARG A 52 13.15 -5.54 -8.67
CA ARG A 52 13.26 -4.62 -7.54
C ARG A 52 12.77 -5.26 -6.25
N GLY A 53 13.04 -4.59 -5.13
CA GLY A 53 12.62 -5.12 -3.84
C GLY A 53 11.60 -4.23 -3.16
N PHE A 54 10.34 -4.33 -3.59
CA PHE A 54 9.27 -3.52 -3.02
C PHE A 54 7.91 -4.17 -3.27
N ALA A 55 6.89 -3.68 -2.57
CA ALA A 55 5.54 -4.21 -2.72
C ALA A 55 4.49 -3.16 -2.37
N PHE A 56 3.28 -3.33 -2.87
CA PHE A 56 2.20 -2.40 -2.61
C PHE A 56 1.14 -3.04 -1.71
N VAL A 57 0.60 -2.25 -0.79
CA VAL A 57 -0.42 -2.74 0.13
C VAL A 57 -1.66 -1.84 0.10
N GLU A 58 -2.72 -2.35 -0.51
CA GLU A 58 -3.97 -1.60 -0.61
C GLU A 58 -4.83 -1.80 0.64
N TYR A 59 -5.37 -0.71 1.17
CA TYR A 59 -6.21 -0.77 2.36
C TYR A 59 -7.64 -0.35 2.04
N GLU A 60 -8.61 -1.09 2.59
CA GLU A 60 -10.01 -0.79 2.36
C GLU A 60 -10.38 0.58 2.90
N SER A 61 -9.99 0.84 4.15
CA SER A 61 -10.28 2.12 4.80
C SER A 61 -9.20 3.14 4.48
N HIS A 62 -9.61 4.24 3.85
CA HIS A 62 -8.67 5.30 3.49
C HIS A 62 -7.75 5.63 4.66
N ARG A 63 -8.27 5.53 5.87
CA ARG A 63 -7.48 5.81 7.07
C ARG A 63 -6.58 4.63 7.43
N ALA A 64 -7.12 3.43 7.29
CA ALA A 64 -6.36 2.22 7.59
C ALA A 64 -4.94 2.30 7.04
N ALA A 65 -4.82 2.83 5.82
CA ALA A 65 -3.52 2.96 5.18
C ALA A 65 -2.73 4.13 5.77
N ALA A 66 -3.46 5.15 6.23
CA ALA A 66 -2.83 6.33 6.83
C ALA A 66 -2.27 6.01 8.20
N MET A 67 -2.99 5.18 8.96
CA MET A 67 -2.56 4.80 10.29
C MET A 67 -1.63 3.59 10.25
N ALA A 68 -1.82 2.74 9.26
CA ALA A 68 -1.00 1.55 9.10
C ALA A 68 0.47 1.92 8.91
N ARG A 69 0.72 2.96 8.13
CA ARG A 69 2.08 3.42 7.87
C ARG A 69 2.69 4.05 9.12
N ARG A 70 1.86 4.77 9.87
CA ARG A 70 2.32 5.42 11.09
C ARG A 70 2.85 4.40 12.10
N LYS A 71 2.63 3.12 11.80
CA LYS A 71 3.09 2.05 12.67
C LYS A 71 4.41 1.46 12.17
N LEU A 72 4.61 1.51 10.86
CA LEU A 72 5.84 0.99 10.26
C LEU A 72 6.73 2.13 9.77
N MET A 73 6.25 3.36 9.91
CA MET A 73 7.01 4.52 9.49
C MET A 73 8.38 4.56 10.15
N PRO A 74 8.39 4.41 11.47
CA PRO A 74 9.64 4.42 12.25
C PRO A 74 10.48 3.17 12.01
N GLY A 75 10.02 2.32 11.09
CA GLY A 75 10.74 1.09 10.79
C GLY A 75 10.95 0.22 12.00
N ARG A 76 10.09 0.40 13.01
CA ARG A 76 10.19 -0.39 14.23
C ARG A 76 9.91 -1.86 13.95
N ILE A 77 8.94 -2.12 13.07
CA ILE A 77 8.56 -3.49 12.73
C ILE A 77 9.33 -3.97 11.50
N GLN A 78 9.85 -5.20 11.58
CA GLN A 78 10.60 -5.77 10.48
C GLN A 78 9.89 -6.99 9.91
N LEU A 79 10.03 -7.20 8.60
CA LEU A 79 9.39 -8.32 7.93
C LEU A 79 10.40 -9.43 7.64
N TRP A 80 10.24 -10.56 8.30
CA TRP A 80 11.14 -11.69 8.12
C TRP A 80 12.59 -11.30 8.44
N GLY A 81 12.75 -10.37 9.37
CA GLY A 81 14.07 -9.92 9.75
C GLY A 81 14.62 -8.88 8.81
N HIS A 82 13.82 -8.47 7.83
CA HIS A 82 14.23 -7.46 6.86
C HIS A 82 13.55 -6.13 7.15
N GLN A 83 14.35 -5.07 7.22
CA GLN A 83 13.83 -3.73 7.48
C GLN A 83 12.91 -3.28 6.37
N ILE A 84 11.84 -2.58 6.73
CA ILE A 84 10.88 -2.08 5.75
C ILE A 84 10.50 -0.63 6.05
N ALA A 85 10.11 0.09 5.00
CA ALA A 85 9.72 1.49 5.13
C ALA A 85 8.41 1.77 4.40
N VAL A 86 7.53 2.54 5.04
CA VAL A 86 6.25 2.89 4.44
C VAL A 86 6.22 4.34 3.98
N ASP A 87 5.80 4.55 2.74
CA ASP A 87 5.73 5.89 2.17
C ASP A 87 4.41 6.11 1.45
N TRP A 88 4.00 7.37 1.34
CA TRP A 88 2.74 7.71 0.67
C TRP A 88 2.87 7.52 -0.84
N ALA A 89 2.25 6.47 -1.35
CA ALA A 89 2.29 6.18 -2.78
C ALA A 89 1.76 7.35 -3.59
N GLU A 90 0.52 7.75 -3.32
CA GLU A 90 -0.09 8.86 -4.02
C GLU A 90 -1.27 9.43 -3.23
N PRO A 91 -1.41 10.76 -3.23
CA PRO A 91 -2.49 11.45 -2.52
C PRO A 91 -3.84 11.21 -3.15
N GLU A 92 -3.94 11.42 -4.46
CA GLU A 92 -5.19 11.24 -5.19
C GLU A 92 -4.93 11.13 -6.69
N ILE A 93 -5.08 9.94 -7.23
CA ILE A 93 -4.86 9.70 -8.66
C ILE A 93 -6.19 9.70 -9.41
N ASP A 94 -6.11 9.46 -10.72
CA ASP A 94 -7.31 9.43 -11.56
C ASP A 94 -7.83 8.02 -11.72
N VAL A 95 -7.70 7.22 -10.66
CA VAL A 95 -8.16 5.84 -10.67
C VAL A 95 -9.61 5.75 -11.12
N ASP A 96 -10.35 6.84 -10.93
CA ASP A 96 -11.76 6.89 -11.31
C ASP A 96 -11.93 6.53 -12.79
N GLU A 97 -11.17 7.19 -13.65
CA GLU A 97 -11.23 6.94 -15.09
C GLU A 97 -10.40 5.73 -15.47
N ASP A 98 -9.11 5.78 -15.15
CA ASP A 98 -8.20 4.68 -15.46
C ASP A 98 -7.43 4.25 -14.22
N VAL A 99 -7.65 3.01 -13.80
CA VAL A 99 -6.97 2.47 -12.62
C VAL A 99 -6.13 1.25 -12.98
N MET A 100 -6.55 0.54 -14.02
CA MET A 100 -5.83 -0.65 -14.48
C MET A 100 -5.05 -0.36 -15.75
N GLU A 101 -4.13 -1.27 -16.09
CA GLU A 101 -3.31 -1.11 -17.28
C GLU A 101 -3.25 -2.40 -18.07
N THR A 102 -3.39 -2.30 -19.39
CA THR A 102 -3.34 -3.47 -20.26
C THR A 102 -2.07 -3.47 -21.11
N VAL A 103 -1.73 -4.63 -21.65
CA VAL A 103 -0.54 -4.78 -22.49
C VAL A 103 -0.91 -5.26 -23.89
N SER A 104 -1.61 -6.39 -23.96
CA SER A 104 -2.02 -6.96 -25.23
C SER A 104 -2.88 -5.98 -26.01
N GLY A 105 -2.27 -5.25 -26.93
CA GLY A 105 -2.99 -4.28 -27.72
C GLY A 105 -3.33 -4.82 -29.11
N PRO A 106 -4.37 -4.23 -29.73
CA PRO A 106 -4.82 -4.63 -31.07
C PRO A 106 -3.81 -4.24 -32.15
N SER A 107 -3.04 -5.23 -32.61
CA SER A 107 -2.04 -4.98 -33.64
C SER A 107 -1.41 -3.60 -33.49
N SER A 108 -1.11 -3.23 -32.24
CA SER A 108 -0.52 -1.94 -31.96
C SER A 108 0.91 -1.88 -32.48
N GLY A 109 1.68 -2.94 -32.23
CA GLY A 109 3.05 -2.97 -32.68
C GLY A 109 3.94 -3.78 -31.75
#